data_4AIV
# 
_entry.id   4AIV 
# 
_audit_conform.dict_name       mmcif_pdbx.dic 
_audit_conform.dict_version    5.383 
_audit_conform.dict_location   http://mmcif.pdb.org/dictionaries/ascii/mmcif_pdbx.dic 
# 
loop_
_database_2.database_id 
_database_2.database_code 
_database_2.pdbx_database_accession 
_database_2.pdbx_DOI 
PDB   4AIV         pdb_00004aiv 10.2210/pdb4aiv/pdb 
PDBE  EBI-51284    ?            ?                   
WWPDB D_1290051284 ?            ?                   
# 
_pdbx_database_status.status_code                     REL 
_pdbx_database_status.entry_id                        4AIV 
_pdbx_database_status.deposit_site                    PDBE 
_pdbx_database_status.process_site                    PDBE 
_pdbx_database_status.SG_entry                        . 
_pdbx_database_status.recvd_initial_deposition_date   2012-02-15 
_pdbx_database_status.pdb_format_compatible           Y 
_pdbx_database_status.status_code_sf                  REL 
_pdbx_database_status.status_code_mr                  ? 
_pdbx_database_status.status_code_cs                  ? 
_pdbx_database_status.methods_development_category    ? 
_pdbx_database_status.status_code_nmr_data            ? 
# 
loop_
_audit_author.name 
_audit_author.pdbx_ordinal 
'Izumi, A.'     1 
'Schnell, R.'   2 
'Schneider, G.' 3 
# 
_citation.id                        primary 
_citation.title                     
;Crystal Structure of Nird, the Small Subunit of the Nitrite Reductase Nirbd from Mycobacterium Tuberculosis, at 2.0 Angstrom Resolution
;
_citation.journal_abbrev            Proteins 
_citation.journal_volume            80 
_citation.page_first                2799 
_citation.page_last                 ? 
_citation.year                      2012 
_citation.journal_id_ASTM           PSFGEY 
_citation.country                   US 
_citation.journal_id_ISSN           0887-3585 
_citation.journal_id_CSD            0867 
_citation.book_publisher            ? 
_citation.pdbx_database_id_PubMed   22965870 
_citation.pdbx_database_id_DOI      10.1002/PROT.24177 
# 
loop_
_citation_author.citation_id 
_citation_author.name 
_citation_author.ordinal 
_citation_author.identifier_ORCID 
primary 'Izumi, A.'     1 ? 
primary 'Schnell, R.'   2 ? 
primary 'Schneider, G.' 3 ? 
# 
_cell.entry_id           4AIV 
_cell.length_a           35.104 
_cell.length_b           35.104 
_cell.length_c           180.392 
_cell.angle_alpha        90.00 
_cell.angle_beta         90.00 
_cell.angle_gamma        90.00 
_cell.Z_PDB              8 
_cell.pdbx_unique_axis   ? 
# 
_symmetry.entry_id                         4AIV 
_symmetry.space_group_name_H-M             'P 41 21 2' 
_symmetry.pdbx_full_space_group_name_H-M   ? 
_symmetry.cell_setting                     ? 
_symmetry.Int_Tables_number                92 
# 
loop_
_entity.id 
_entity.type 
_entity.src_method 
_entity.pdbx_description 
_entity.formula_weight 
_entity.pdbx_number_of_molecules 
_entity.pdbx_ec 
_entity.pdbx_mutation 
_entity.pdbx_fragment 
_entity.details 
1 polymer     man 'PROBABLE NITRITE REDUCTASE [NAD(P)H] SMALL SUBUNIT NIRD' 12499.212 1  1.6.6.4 ? ? ? 
2 non-polymer syn GLYCEROL                                                  92.094    1  ?       ? ? ? 
3 water       nat water                                                     18.015    95 ?       ? ? ? 
# 
_entity_name_com.entity_id   1 
_entity_name_com.name        'NADH DEPENDENT NITRITE REDUCTASE SMALL SUBUNIT' 
# 
_entity_poly.entity_id                      1 
_entity_poly.type                           'polypeptide(L)' 
_entity_poly.nstd_linkage                   no 
_entity_poly.nstd_monomer                   no 
_entity_poly.pdbx_seq_one_letter_code       
;MTLLNDIQVWTTACAYDHLIPGRGVGVLLDDGSQVALFRLDDGSVHAVGNVDPFSGAAVMSRGIVGDRGGRAMVQSPILK
QAFALDDGSCLDDPRVSVPVYPARVTPEGRIQVARVAVG
;
_entity_poly.pdbx_seq_one_letter_code_can   
;MTLLNDIQVWTTACAYDHLIPGRGVGVLLDDGSQVALFRLDDGSVHAVGNVDPFSGAAVMSRGIVGDRGGRAMVQSPILK
QAFALDDGSCLDDPRVSVPVYPARVTPEGRIQVARVAVG
;
_entity_poly.pdbx_strand_id                 A 
_entity_poly.pdbx_target_identifier         ? 
# 
loop_
_entity_poly_seq.entity_id 
_entity_poly_seq.num 
_entity_poly_seq.mon_id 
_entity_poly_seq.hetero 
1 1   MET n 
1 2   THR n 
1 3   LEU n 
1 4   LEU n 
1 5   ASN n 
1 6   ASP n 
1 7   ILE n 
1 8   GLN n 
1 9   VAL n 
1 10  TRP n 
1 11  THR n 
1 12  THR n 
1 13  ALA n 
1 14  CYS n 
1 15  ALA n 
1 16  TYR n 
1 17  ASP n 
1 18  HIS n 
1 19  LEU n 
1 20  ILE n 
1 21  PRO n 
1 22  GLY n 
1 23  ARG n 
1 24  GLY n 
1 25  VAL n 
1 26  GLY n 
1 27  VAL n 
1 28  LEU n 
1 29  LEU n 
1 30  ASP n 
1 31  ASP n 
1 32  GLY n 
1 33  SER n 
1 34  GLN n 
1 35  VAL n 
1 36  ALA n 
1 37  LEU n 
1 38  PHE n 
1 39  ARG n 
1 40  LEU n 
1 41  ASP n 
1 42  ASP n 
1 43  GLY n 
1 44  SER n 
1 45  VAL n 
1 46  HIS n 
1 47  ALA n 
1 48  VAL n 
1 49  GLY n 
1 50  ASN n 
1 51  VAL n 
1 52  ASP n 
1 53  PRO n 
1 54  PHE n 
1 55  SER n 
1 56  GLY n 
1 57  ALA n 
1 58  ALA n 
1 59  VAL n 
1 60  MET n 
1 61  SER n 
1 62  ARG n 
1 63  GLY n 
1 64  ILE n 
1 65  VAL n 
1 66  GLY n 
1 67  ASP n 
1 68  ARG n 
1 69  GLY n 
1 70  GLY n 
1 71  ARG n 
1 72  ALA n 
1 73  MET n 
1 74  VAL n 
1 75  GLN n 
1 76  SER n 
1 77  PRO n 
1 78  ILE n 
1 79  LEU n 
1 80  LYS n 
1 81  GLN n 
1 82  ALA n 
1 83  PHE n 
1 84  ALA n 
1 85  LEU n 
1 86  ASP n 
1 87  ASP n 
1 88  GLY n 
1 89  SER n 
1 90  CYS n 
1 91  LEU n 
1 92  ASP n 
1 93  ASP n 
1 94  PRO n 
1 95  ARG n 
1 96  VAL n 
1 97  SER n 
1 98  VAL n 
1 99  PRO n 
1 100 VAL n 
1 101 TYR n 
1 102 PRO n 
1 103 ALA n 
1 104 ARG n 
1 105 VAL n 
1 106 THR n 
1 107 PRO n 
1 108 GLU n 
1 109 GLY n 
1 110 ARG n 
1 111 ILE n 
1 112 GLN n 
1 113 VAL n 
1 114 ALA n 
1 115 ARG n 
1 116 VAL n 
1 117 ALA n 
1 118 VAL n 
1 119 GLY n 
# 
_entity_src_gen.entity_id                          1 
_entity_src_gen.pdbx_src_id                        1 
_entity_src_gen.pdbx_alt_source_flag               sample 
_entity_src_gen.pdbx_seq_type                      ? 
_entity_src_gen.pdbx_beg_seq_num                   ? 
_entity_src_gen.pdbx_end_seq_num                   ? 
_entity_src_gen.gene_src_common_name               ? 
_entity_src_gen.gene_src_genus                     ? 
_entity_src_gen.pdbx_gene_src_gene                 ? 
_entity_src_gen.gene_src_species                   ? 
_entity_src_gen.gene_src_strain                    H37RV 
_entity_src_gen.gene_src_tissue                    ? 
_entity_src_gen.gene_src_tissue_fraction           ? 
_entity_src_gen.gene_src_details                   ? 
_entity_src_gen.pdbx_gene_src_fragment             ? 
_entity_src_gen.pdbx_gene_src_scientific_name      'MYCOBACTERIUM TUBERCULOSIS' 
_entity_src_gen.pdbx_gene_src_ncbi_taxonomy_id     83332 
_entity_src_gen.pdbx_gene_src_variant              ? 
_entity_src_gen.pdbx_gene_src_cell_line            ? 
_entity_src_gen.pdbx_gene_src_atcc                 ? 
_entity_src_gen.pdbx_gene_src_organ                ? 
_entity_src_gen.pdbx_gene_src_organelle            ? 
_entity_src_gen.pdbx_gene_src_cell                 ? 
_entity_src_gen.pdbx_gene_src_cellular_location    ? 
_entity_src_gen.host_org_common_name               ? 
_entity_src_gen.pdbx_host_org_scientific_name      'ESCHERICHIA COLI' 
_entity_src_gen.pdbx_host_org_ncbi_taxonomy_id     469008 
_entity_src_gen.host_org_genus                     ? 
_entity_src_gen.pdbx_host_org_gene                 ? 
_entity_src_gen.pdbx_host_org_organ                ? 
_entity_src_gen.host_org_species                   ? 
_entity_src_gen.pdbx_host_org_tissue               ? 
_entity_src_gen.pdbx_host_org_tissue_fraction      ? 
_entity_src_gen.pdbx_host_org_strain               'BL21(DE3)' 
_entity_src_gen.pdbx_host_org_variant              ? 
_entity_src_gen.pdbx_host_org_cell_line            ? 
_entity_src_gen.pdbx_host_org_atcc                 ? 
_entity_src_gen.pdbx_host_org_culture_collection   ? 
_entity_src_gen.pdbx_host_org_cell                 ? 
_entity_src_gen.pdbx_host_org_organelle            ? 
_entity_src_gen.pdbx_host_org_cellular_location    ? 
_entity_src_gen.pdbx_host_org_vector_type          ? 
_entity_src_gen.pdbx_host_org_vector               ? 
_entity_src_gen.host_org_details                   ? 
_entity_src_gen.expression_system_id               ? 
_entity_src_gen.plasmid_name                       PTYB2 
_entity_src_gen.plasmid_details                    ? 
_entity_src_gen.pdbx_description                   ? 
# 
_struct_ref.id                         1 
_struct_ref.db_name                    UNP 
_struct_ref.db_code                    O53675_MYCTU 
_struct_ref.entity_id                  1 
_struct_ref.pdbx_seq_one_letter_code   ? 
_struct_ref.pdbx_align_begin           ? 
_struct_ref.pdbx_db_accession          O53675 
_struct_ref.pdbx_db_isoform            ? 
# 
_struct_ref_seq.align_id                      1 
_struct_ref_seq.ref_id                        1 
_struct_ref_seq.pdbx_PDB_id_code              4AIV 
_struct_ref_seq.pdbx_strand_id                A 
_struct_ref_seq.seq_align_beg                 1 
_struct_ref_seq.pdbx_seq_align_beg_ins_code   ? 
_struct_ref_seq.seq_align_end                 118 
_struct_ref_seq.pdbx_seq_align_end_ins_code   ? 
_struct_ref_seq.pdbx_db_accession             O53675 
_struct_ref_seq.db_align_beg                  1 
_struct_ref_seq.pdbx_db_align_beg_ins_code    ? 
_struct_ref_seq.db_align_end                  118 
_struct_ref_seq.pdbx_db_align_end_ins_code    ? 
_struct_ref_seq.pdbx_auth_seq_align_beg       1 
_struct_ref_seq.pdbx_auth_seq_align_end       118 
# 
_struct_ref_seq_dif.align_id                     1 
_struct_ref_seq_dif.pdbx_pdb_id_code             4AIV 
_struct_ref_seq_dif.mon_id                       GLY 
_struct_ref_seq_dif.pdbx_pdb_strand_id           A 
_struct_ref_seq_dif.seq_num                      119 
_struct_ref_seq_dif.pdbx_pdb_ins_code            ? 
_struct_ref_seq_dif.pdbx_seq_db_name             UNP 
_struct_ref_seq_dif.pdbx_seq_db_accession_code   O53675 
_struct_ref_seq_dif.db_mon_id                    ? 
_struct_ref_seq_dif.pdbx_seq_db_seq_num          ? 
_struct_ref_seq_dif.details                      'expression tag' 
_struct_ref_seq_dif.pdbx_auth_seq_num            119 
_struct_ref_seq_dif.pdbx_ordinal                 1 
# 
loop_
_chem_comp.id 
_chem_comp.type 
_chem_comp.mon_nstd_flag 
_chem_comp.name 
_chem_comp.pdbx_synonyms 
_chem_comp.formula 
_chem_comp.formula_weight 
ALA 'L-peptide linking' y ALANINE         ?                               'C3 H7 N O2'     89.093  
ARG 'L-peptide linking' y ARGININE        ?                               'C6 H15 N4 O2 1' 175.209 
ASN 'L-peptide linking' y ASPARAGINE      ?                               'C4 H8 N2 O3'    132.118 
ASP 'L-peptide linking' y 'ASPARTIC ACID' ?                               'C4 H7 N O4'     133.103 
CYS 'L-peptide linking' y CYSTEINE        ?                               'C3 H7 N O2 S'   121.158 
GLN 'L-peptide linking' y GLUTAMINE       ?                               'C5 H10 N2 O3'   146.144 
GLU 'L-peptide linking' y 'GLUTAMIC ACID' ?                               'C5 H9 N O4'     147.129 
GLY 'peptide linking'   y GLYCINE         ?                               'C2 H5 N O2'     75.067  
GOL non-polymer         . GLYCEROL        'GLYCERIN; PROPANE-1,2,3-TRIOL' 'C3 H8 O3'       92.094  
HIS 'L-peptide linking' y HISTIDINE       ?                               'C6 H10 N3 O2 1' 156.162 
HOH non-polymer         . WATER           ?                               'H2 O'           18.015  
ILE 'L-peptide linking' y ISOLEUCINE      ?                               'C6 H13 N O2'    131.173 
LEU 'L-peptide linking' y LEUCINE         ?                               'C6 H13 N O2'    131.173 
LYS 'L-peptide linking' y LYSINE          ?                               'C6 H15 N2 O2 1' 147.195 
MET 'L-peptide linking' y METHIONINE      ?                               'C5 H11 N O2 S'  149.211 
PHE 'L-peptide linking' y PHENYLALANINE   ?                               'C9 H11 N O2'    165.189 
PRO 'L-peptide linking' y PROLINE         ?                               'C5 H9 N O2'     115.130 
SER 'L-peptide linking' y SERINE          ?                               'C3 H7 N O3'     105.093 
THR 'L-peptide linking' y THREONINE       ?                               'C4 H9 N O3'     119.119 
TRP 'L-peptide linking' y TRYPTOPHAN      ?                               'C11 H12 N2 O2'  204.225 
TYR 'L-peptide linking' y TYROSINE        ?                               'C9 H11 N O3'    181.189 
VAL 'L-peptide linking' y VALINE          ?                               'C5 H11 N O2'    117.146 
# 
_exptl.entry_id          4AIV 
_exptl.method            'X-RAY DIFFRACTION' 
_exptl.crystals_number   1 
# 
_exptl_crystal.id                    1 
_exptl_crystal.density_meas          ? 
_exptl_crystal.density_Matthews      2.13 
_exptl_crystal.density_percent_sol   41.73 
_exptl_crystal.description           NONE 
# 
_exptl_crystal_grow.crystal_id      1 
_exptl_crystal_grow.method          ? 
_exptl_crystal_grow.temp            ? 
_exptl_crystal_grow.temp_details    ? 
_exptl_crystal_grow.pH              5.5 
_exptl_crystal_grow.pdbx_pH_range   ? 
_exptl_crystal_grow.pdbx_details    '1.2 M NACL, 0.1 M TRI-SODIUM CITRATE (5.5)' 
# 
_diffrn.id                     1 
_diffrn.ambient_temp           100 
_diffrn.ambient_temp_details   ? 
_diffrn.crystal_id             1 
# 
_diffrn_detector.diffrn_id              1 
_diffrn_detector.detector               CCD 
_diffrn_detector.type                   MARRESEARCH 
_diffrn_detector.pdbx_collection_date   2011-11-02 
_diffrn_detector.details                MIRRORS 
# 
_diffrn_radiation.diffrn_id                        1 
_diffrn_radiation.wavelength_id                    1 
_diffrn_radiation.pdbx_monochromatic_or_laue_m_l   M 
_diffrn_radiation.monochromator                    SI 
_diffrn_radiation.pdbx_diffrn_protocol             'SINGLE WAVELENGTH' 
_diffrn_radiation.pdbx_scattering_type             x-ray 
# 
_diffrn_radiation_wavelength.id           1 
_diffrn_radiation_wavelength.wavelength   0.9763 
_diffrn_radiation_wavelength.wt           1.0 
# 
_diffrn_source.diffrn_id                   1 
_diffrn_source.source                      SYNCHROTRON 
_diffrn_source.type                        'ESRF BEAMLINE BM14' 
_diffrn_source.pdbx_synchrotron_site       ESRF 
_diffrn_source.pdbx_synchrotron_beamline   BM14 
_diffrn_source.pdbx_wavelength             0.9763 
_diffrn_source.pdbx_wavelength_list        ? 
# 
_reflns.pdbx_diffrn_id               1 
_reflns.pdbx_ordinal                 1 
_reflns.entry_id                     4AIV 
_reflns.observed_criterion_sigma_I   0.0 
_reflns.observed_criterion_sigma_F   ? 
_reflns.d_resolution_low             34.46 
_reflns.d_resolution_high            2.00 
_reflns.number_obs                   8430 
_reflns.number_all                   ? 
_reflns.percent_possible_obs         99.9 
_reflns.pdbx_Rmerge_I_obs            0.05 
_reflns.pdbx_Rsym_value              ? 
_reflns.pdbx_netI_over_sigmaI        22.90 
_reflns.B_iso_Wilson_estimate        15.5 
_reflns.pdbx_redundancy              4.6 
# 
_reflns_shell.pdbx_diffrn_id         1 
_reflns_shell.pdbx_ordinal           1 
_reflns_shell.d_res_high             2.00 
_reflns_shell.d_res_low              2.11 
_reflns_shell.percent_possible_all   100.0 
_reflns_shell.Rmerge_I_obs           0.18 
_reflns_shell.pdbx_Rsym_value        ? 
_reflns_shell.meanI_over_sigI_obs    7.90 
_reflns_shell.pdbx_redundancy        4.8 
# 
_refine.pdbx_refine_id                           'X-RAY DIFFRACTION' 
_refine.entry_id                                 4AIV 
_refine.pdbx_diffrn_id                           1 
_refine.pdbx_TLS_residual_ADP_flag               ? 
_refine.ls_number_reflns_obs                     8362 
_refine.ls_number_reflns_all                     ? 
_refine.pdbx_ls_sigma_I                          ? 
_refine.pdbx_ls_sigma_F                          1.38 
_refine.pdbx_data_cutoff_high_absF               ? 
_refine.pdbx_data_cutoff_low_absF                ? 
_refine.pdbx_data_cutoff_high_rms_absF           ? 
_refine.ls_d_res_low                             34.458 
_refine.ls_d_res_high                            2.00 
_refine.ls_percent_reflns_obs                    99.89 
_refine.ls_R_factor_obs                          0.1967 
_refine.ls_R_factor_all                          ? 
_refine.ls_R_factor_R_work                       0.1944 
_refine.ls_R_factor_R_free                       0.2453 
_refine.ls_R_factor_R_free_error                 ? 
_refine.ls_R_factor_R_free_error_details         ? 
_refine.ls_percent_reflns_R_free                 4.6 
_refine.ls_number_reflns_R_free                  387 
_refine.ls_number_parameters                     ? 
_refine.ls_number_restraints                     ? 
_refine.occupancy_min                            ? 
_refine.occupancy_max                            ? 
_refine.correlation_coeff_Fo_to_Fc               ? 
_refine.correlation_coeff_Fo_to_Fc_free          ? 
_refine.B_iso_mean                               16.5 
_refine.aniso_B[1][1]                            0.9146 
_refine.aniso_B[2][2]                            0.9146 
_refine.aniso_B[3][3]                            -1.8292 
_refine.aniso_B[1][2]                            0.0000 
_refine.aniso_B[1][3]                            0.0000 
_refine.aniso_B[2][3]                            0.0000 
_refine.solvent_model_details                    'FLAT BULK SOLVENT MODEL' 
_refine.solvent_model_param_ksol                 0.389 
_refine.solvent_model_param_bsol                 43.704 
_refine.pdbx_solvent_vdw_probe_radii             0.90 
_refine.pdbx_solvent_ion_probe_radii             ? 
_refine.pdbx_solvent_shrinkage_radii             0.60 
_refine.pdbx_ls_cross_valid_method               ? 
_refine.details                                  ? 
_refine.pdbx_starting_model                      'PDB ENTRY 3C0D' 
_refine.pdbx_method_to_determine_struct          'MOLECULAR REPLACEMENT' 
_refine.pdbx_isotropic_thermal_model             ? 
_refine.pdbx_stereochemistry_target_values       ML 
_refine.pdbx_stereochem_target_val_spec_case     ? 
_refine.pdbx_R_Free_selection_details            ? 
_refine.pdbx_overall_ESU_R                       ? 
_refine.pdbx_overall_ESU_R_Free                  ? 
_refine.overall_SU_ML                            0.41 
_refine.pdbx_overall_phase_error                 20.94 
_refine.overall_SU_B                             ? 
_refine.overall_SU_R_Cruickshank_DPI             ? 
_refine.pdbx_overall_SU_R_free_Cruickshank_DPI   ? 
_refine.pdbx_overall_SU_R_Blow_DPI               ? 
_refine.pdbx_overall_SU_R_free_Blow_DPI          ? 
# 
_refine_hist.pdbx_refine_id                   'X-RAY DIFFRACTION' 
_refine_hist.cycle_id                         LAST 
_refine_hist.pdbx_number_atoms_protein        819 
_refine_hist.pdbx_number_atoms_nucleic_acid   0 
_refine_hist.pdbx_number_atoms_ligand         6 
_refine_hist.number_atoms_solvent             95 
_refine_hist.number_atoms_total               920 
_refine_hist.d_res_high                       2.00 
_refine_hist.d_res_low                        34.458 
# 
loop_
_refine_ls_restr.type 
_refine_ls_restr.dev_ideal 
_refine_ls_restr.dev_ideal_target 
_refine_ls_restr.weight 
_refine_ls_restr.number 
_refine_ls_restr.pdbx_refine_id 
_refine_ls_restr.pdbx_restraint_function 
f_bond_d           0.008  ? ? 852  'X-RAY DIFFRACTION' ? 
f_angle_d          1.050  ? ? 1159 'X-RAY DIFFRACTION' ? 
f_dihedral_angle_d 12.290 ? ? 307  'X-RAY DIFFRACTION' ? 
f_chiral_restr     0.066  ? ? 133  'X-RAY DIFFRACTION' ? 
f_plane_restr      0.005  ? ? 155  'X-RAY DIFFRACTION' ? 
# 
loop_
_refine_ls_shell.pdbx_refine_id 
_refine_ls_shell.pdbx_total_number_of_bins_used 
_refine_ls_shell.d_res_high 
_refine_ls_shell.d_res_low 
_refine_ls_shell.number_reflns_R_work 
_refine_ls_shell.R_factor_R_work 
_refine_ls_shell.percent_reflns_obs 
_refine_ls_shell.R_factor_R_free 
_refine_ls_shell.R_factor_R_free_error 
_refine_ls_shell.percent_reflns_R_free 
_refine_ls_shell.number_reflns_R_free 
_refine_ls_shell.number_reflns_all 
_refine_ls_shell.R_factor_all 
'X-RAY DIFFRACTION' . 2.0000 2.2894  2566 0.1911 100.00 0.2284 . . 125 . . 
'X-RAY DIFFRACTION' . 2.2894 2.8841  2601 0.1997 100.00 0.2982 . . 138 . . 
'X-RAY DIFFRACTION' . 2.8841 34.4627 2808 0.1929 100.00 0.2208 . . 124 . . 
# 
_struct.entry_id                  4AIV 
_struct.title                     
'Crystal Structure of putative NADH-dependent nitrite reductase small subunit from Mycobacterium tuberculosis' 
_struct.pdbx_model_details        ? 
_struct.pdbx_CASP_flag            ? 
_struct.pdbx_model_type_details   ? 
# 
_struct_keywords.entry_id        4AIV 
_struct_keywords.pdbx_keywords   OXIDOREDUCTASE 
_struct_keywords.text            'OXIDOREDUCTASE, NITRITE METABOLISM' 
# 
loop_
_struct_asym.id 
_struct_asym.pdbx_blank_PDB_chainid_flag 
_struct_asym.pdbx_modified 
_struct_asym.entity_id 
_struct_asym.details 
A N N 1 ? 
B N N 2 ? 
C N N 3 ? 
# 
_struct_biol.id   1 
# 
loop_
_struct_conf.conf_type_id 
_struct_conf.id 
_struct_conf.pdbx_PDB_helix_id 
_struct_conf.beg_label_comp_id 
_struct_conf.beg_label_asym_id 
_struct_conf.beg_label_seq_id 
_struct_conf.pdbx_beg_PDB_ins_code 
_struct_conf.end_label_comp_id 
_struct_conf.end_label_asym_id 
_struct_conf.end_label_seq_id 
_struct_conf.pdbx_end_PDB_ins_code 
_struct_conf.beg_auth_comp_id 
_struct_conf.beg_auth_asym_id 
_struct_conf.beg_auth_seq_id 
_struct_conf.end_auth_comp_id 
_struct_conf.end_auth_asym_id 
_struct_conf.end_auth_seq_id 
_struct_conf.pdbx_PDB_helix_class 
_struct_conf.details 
_struct_conf.pdbx_PDB_helix_length 
HELX_P HELX_P1 1 ASP A 17 ? LEU A 19 ? ASP A 17 LEU A 19 5 ? 3 
HELX_P HELX_P2 2 VAL A 59 ? GLY A 63 ? VAL A 59 GLY A 63 5 ? 5 
# 
_struct_conf_type.id          HELX_P 
_struct_conf_type.criteria    ? 
_struct_conf_type.reference   ? 
# 
loop_
_struct_sheet.id 
_struct_sheet.type 
_struct_sheet.number_strands 
_struct_sheet.details 
AA ? 3 ? 
AB ? 4 ? 
AC ? 3 ? 
# 
loop_
_struct_sheet_order.sheet_id 
_struct_sheet_order.range_id_1 
_struct_sheet_order.range_id_2 
_struct_sheet_order.offset 
_struct_sheet_order.sense 
AA 1 2 ? anti-parallel 
AA 2 3 ? anti-parallel 
AB 1 2 ? anti-parallel 
AB 2 3 ? anti-parallel 
AB 3 4 ? anti-parallel 
AC 1 2 ? anti-parallel 
AC 2 3 ? anti-parallel 
# 
loop_
_struct_sheet_range.sheet_id 
_struct_sheet_range.id 
_struct_sheet_range.beg_label_comp_id 
_struct_sheet_range.beg_label_asym_id 
_struct_sheet_range.beg_label_seq_id 
_struct_sheet_range.pdbx_beg_PDB_ins_code 
_struct_sheet_range.end_label_comp_id 
_struct_sheet_range.end_label_asym_id 
_struct_sheet_range.end_label_seq_id 
_struct_sheet_range.pdbx_end_PDB_ins_code 
_struct_sheet_range.beg_auth_comp_id 
_struct_sheet_range.beg_auth_asym_id 
_struct_sheet_range.beg_auth_seq_id 
_struct_sheet_range.end_auth_comp_id 
_struct_sheet_range.end_auth_asym_id 
_struct_sheet_range.end_auth_seq_id 
AA 1 ILE A 7   ? ALA A 15  ? ILE A 7   ALA A 15  
AA 2 ARG A 110 ? ALA A 117 ? ARG A 110 ALA A 117 
AA 3 ALA A 103 ? VAL A 105 ? ALA A 103 VAL A 105 
AB 1 VAL A 25  ? LEU A 28  ? VAL A 25  LEU A 28  
AB 2 GLN A 34  ? ARG A 39  ? GLN A 34  ARG A 39  
AB 3 VAL A 45  ? GLY A 49  ? VAL A 45  GLY A 49  
AB 4 VAL A 100 ? TYR A 101 ? VAL A 100 TYR A 101 
AC 1 ILE A 64  ? ARG A 68  ? ILE A 64  ARG A 68  
AC 2 ARG A 71  ? GLN A 75  ? ARG A 71  GLN A 75  
AC 3 ALA A 82  ? ALA A 84  ? ALA A 82  ALA A 84  
# 
loop_
_pdbx_struct_sheet_hbond.sheet_id 
_pdbx_struct_sheet_hbond.range_id_1 
_pdbx_struct_sheet_hbond.range_id_2 
_pdbx_struct_sheet_hbond.range_1_label_atom_id 
_pdbx_struct_sheet_hbond.range_1_label_comp_id 
_pdbx_struct_sheet_hbond.range_1_label_asym_id 
_pdbx_struct_sheet_hbond.range_1_label_seq_id 
_pdbx_struct_sheet_hbond.range_1_PDB_ins_code 
_pdbx_struct_sheet_hbond.range_1_auth_atom_id 
_pdbx_struct_sheet_hbond.range_1_auth_comp_id 
_pdbx_struct_sheet_hbond.range_1_auth_asym_id 
_pdbx_struct_sheet_hbond.range_1_auth_seq_id 
_pdbx_struct_sheet_hbond.range_2_label_atom_id 
_pdbx_struct_sheet_hbond.range_2_label_comp_id 
_pdbx_struct_sheet_hbond.range_2_label_asym_id 
_pdbx_struct_sheet_hbond.range_2_label_seq_id 
_pdbx_struct_sheet_hbond.range_2_PDB_ins_code 
_pdbx_struct_sheet_hbond.range_2_auth_atom_id 
_pdbx_struct_sheet_hbond.range_2_auth_comp_id 
_pdbx_struct_sheet_hbond.range_2_auth_asym_id 
_pdbx_struct_sheet_hbond.range_2_auth_seq_id 
AA 1 2 N ALA A 13  ? N ALA A 13  O ILE A 111 ? O ILE A 111 
AA 2 3 N GLN A 112 ? N GLN A 112 O ARG A 104 ? O ARG A 104 
AB 1 2 N VAL A 27  ? N VAL A 27  O VAL A 35  ? O VAL A 35  
AB 2 3 N PHE A 38  ? N PHE A 38  O HIS A 46  ? O HIS A 46  
AB 3 4 N ALA A 47  ? N ALA A 47  O TYR A 101 ? O TYR A 101 
AC 1 2 N ARG A 68  ? N ARG A 68  O ARG A 71  ? O ARG A 71  
AC 2 3 N VAL A 74  ? N VAL A 74  O PHE A 83  ? O PHE A 83  
# 
_struct_site.id                   AC1 
_struct_site.pdbx_evidence_code   Software 
_struct_site.pdbx_auth_asym_id    A 
_struct_site.pdbx_auth_comp_id    GOL 
_struct_site.pdbx_auth_seq_id     1119 
_struct_site.pdbx_auth_ins_code   ? 
_struct_site.pdbx_num_residues    4 
_struct_site.details              'BINDING SITE FOR RESIDUE GOL A 1119' 
# 
loop_
_struct_site_gen.id 
_struct_site_gen.site_id 
_struct_site_gen.pdbx_num_res 
_struct_site_gen.label_comp_id 
_struct_site_gen.label_asym_id 
_struct_site_gen.label_seq_id 
_struct_site_gen.pdbx_auth_ins_code 
_struct_site_gen.auth_comp_id 
_struct_site_gen.auth_asym_id 
_struct_site_gen.auth_seq_id 
_struct_site_gen.label_atom_id 
_struct_site_gen.label_alt_id 
_struct_site_gen.symmetry 
_struct_site_gen.details 
1 AC1 4 LEU A 40 ? LEU A 40 . ? 1_555 ? 
2 AC1 4 ASP A 41 ? ASP A 41 . ? 1_555 ? 
3 AC1 4 GLY A 66 ? GLY A 66 . ? 1_555 ? 
4 AC1 4 ASP A 67 ? ASP A 67 . ? 1_555 ? 
# 
_atom_sites.entry_id                    4AIV 
_atom_sites.fract_transf_matrix[1][1]   -0.00779422 
_atom_sites.fract_transf_matrix[1][2]   0.02326851 
_atom_sites.fract_transf_matrix[1][3]   0.01446844 
_atom_sites.fract_transf_matrix[2][1]   -0.02499750 
_atom_sites.fract_transf_matrix[2][2]   0.00012100 
_atom_sites.fract_transf_matrix[2][3]   -0.01366087 
_atom_sites.fract_transf_matrix[3][1]   -0.00218315 
_atom_sites.fract_transf_matrix[3][2]   -0.00319770 
_atom_sites.fract_transf_matrix[3][3]   0.00396654 
_atom_sites.fract_transf_vector[1]      0.567536 
_atom_sites.fract_transf_vector[2]      0.496746 
_atom_sites.fract_transf_vector[3]      0.181771 
# 
loop_
_atom_type.symbol 
C 
N 
O 
S 
# 
loop_
_atom_site.group_PDB 
_atom_site.id 
_atom_site.type_symbol 
_atom_site.label_atom_id 
_atom_site.label_alt_id 
_atom_site.label_comp_id 
_atom_site.label_asym_id 
_atom_site.label_entity_id 
_atom_site.label_seq_id 
_atom_site.pdbx_PDB_ins_code 
_atom_site.Cartn_x 
_atom_site.Cartn_y 
_atom_site.Cartn_z 
_atom_site.occupancy 
_atom_site.B_iso_or_equiv 
_atom_site.pdbx_formal_charge 
_atom_site.auth_seq_id 
_atom_site.auth_comp_id 
_atom_site.auth_asym_id 
_atom_site.auth_atom_id 
_atom_site.pdbx_PDB_model_num 
ATOM   1   N N   . ASP A 1 6   ? 15.739  -14.491 -4.171  1.00 20.69 ? 6    ASP A N   1 
ATOM   2   C CA  . ASP A 1 6   ? 15.128  -13.238 -3.718  1.00 34.05 ? 6    ASP A CA  1 
ATOM   3   C C   . ASP A 1 6   ? 15.837  -12.696 -2.479  1.00 31.66 ? 6    ASP A C   1 
ATOM   4   O O   . ASP A 1 6   ? 16.225  -13.464 -1.595  1.00 30.53 ? 6    ASP A O   1 
ATOM   5   C CB  . ASP A 1 6   ? 13.646  -13.448 -3.353  1.00 32.86 ? 6    ASP A CB  1 
ATOM   6   C CG  . ASP A 1 6   ? 12.730  -13.511 -4.567  1.00 51.13 ? 6    ASP A CG  1 
ATOM   7   O OD1 . ASP A 1 6   ? 13.165  -13.137 -5.682  1.00 50.07 ? 6    ASP A OD1 1 
ATOM   8   O OD2 . ASP A 1 6   ? 11.558  -13.923 -4.397  1.00 60.37 ? 6    ASP A OD2 1 
ATOM   9   N N   . ILE A 1 7   ? 16.002  -11.379 -2.409  1.00 22.90 ? 7    ILE A N   1 
ATOM   10  C CA  . ILE A 1 7   ? 16.331  -10.732 -1.141  1.00 21.31 ? 7    ILE A CA  1 
ATOM   11  C C   . ILE A 1 7   ? 15.364  -9.585  -0.863  1.00 17.46 ? 7    ILE A C   1 
ATOM   12  O O   . ILE A 1 7   ? 14.952  -8.869  -1.773  1.00 22.17 ? 7    ILE A O   1 
ATOM   13  C CB  . ILE A 1 7   ? 17.782  -10.219 -1.094  1.00 25.04 ? 7    ILE A CB  1 
ATOM   14  C CG1 . ILE A 1 7   ? 18.047  -9.287  -2.271  1.00 27.90 ? 7    ILE A CG1 1 
ATOM   15  C CG2 . ILE A 1 7   ? 18.765  -11.388 -1.097  1.00 22.58 ? 7    ILE A CG2 1 
ATOM   16  C CD1 . ILE A 1 7   ? 18.893  -8.117  -1.907  1.00 24.33 ? 7    ILE A CD1 1 
ATOM   17  N N   . GLN A 1 8   ? 14.984  -9.412  0.392   1.00 19.29 ? 8    GLN A N   1 
ATOM   18  C CA  . GLN A 1 8   ? 14.122  -8.290  0.728   1.00 16.63 ? 8    GLN A CA  1 
ATOM   19  C C   . GLN A 1 8   ? 14.952  -7.094  1.180   1.00 17.58 ? 8    GLN A C   1 
ATOM   20  O O   . GLN A 1 8   ? 15.749  -7.190  2.117   1.00 16.96 ? 8    GLN A O   1 
ATOM   21  C CB  . GLN A 1 8   ? 13.094  -8.695  1.778   1.00 15.02 ? 8    GLN A CB  1 
ATOM   22  C CG  . GLN A 1 8   ? 12.109  -9.720  1.253   1.00 24.62 ? 8    GLN A CG  1 
ATOM   23  C CD  . GLN A 1 8   ? 11.156  -10.211 2.317   1.00 27.35 ? 8    GLN A CD  1 
ATOM   24  O OE1 . GLN A 1 8   ? 11.565  -10.514 3.439   1.00 25.49 ? 8    GLN A OE1 1 
ATOM   25  N NE2 . GLN A 1 8   ? 9.872   -10.287 1.975   1.00 28.09 ? 8    GLN A NE2 1 
ATOM   26  N N   . VAL A 1 9   ? 14.780  -5.971  0.494   1.00 14.88 ? 9    VAL A N   1 
ATOM   27  C CA  . VAL A 1 9   ? 15.483  -4.755  0.871   1.00 14.56 ? 9    VAL A CA  1 
ATOM   28  C C   . VAL A 1 9   ? 14.515  -3.835  1.586   1.00 12.57 ? 9    VAL A C   1 
ATOM   29  O O   . VAL A 1 9   ? 13.613  -3.262  0.960   1.00 10.29 ? 9    VAL A O   1 
ATOM   30  C CB  . VAL A 1 9   ? 16.092  -4.053  -0.338  1.00 13.18 ? 9    VAL A CB  1 
ATOM   31  C CG1 . VAL A 1 9   ? 16.816  -2.775  0.112   1.00 14.57 ? 9    VAL A CG1 1 
ATOM   32  C CG2 . VAL A 1 9   ? 17.041  -4.997  -1.064  1.00 14.83 ? 9    VAL A CG2 1 
ATOM   33  N N   . TRP A 1 10  ? 14.697  -3.713  2.901   1.00 10.27 ? 10   TRP A N   1 
ATOM   34  C CA  . TRP A 1 10  ? 13.732  -3.021  3.751   1.00 11.50 ? 10   TRP A CA  1 
ATOM   35  C C   . TRP A 1 10  ? 14.006  -1.530  3.848   1.00 13.42 ? 10   TRP A C   1 
ATOM   36  O O   . TRP A 1 10  ? 15.145  -1.099  4.046   1.00 11.24 ? 10   TRP A O   1 
ATOM   37  C CB  . TRP A 1 10  ? 13.694  -3.643  5.162   1.00 9.62  ? 10   TRP A CB  1 
ATOM   38  C CG  . TRP A 1 10  ? 13.191  -5.067  5.159   1.00 9.95  ? 10   TRP A CG  1 
ATOM   39  C CD1 . TRP A 1 10  ? 13.945  -6.206  5.152   1.00 10.61 ? 10   TRP A CD1 1 
ATOM   40  C CD2 . TRP A 1 10  ? 11.817  -5.483  5.139   1.00 11.12 ? 10   TRP A CD2 1 
ATOM   41  N NE1 . TRP A 1 10  ? 13.122  -7.314  5.148   1.00 13.70 ? 10   TRP A NE1 1 
ATOM   42  C CE2 . TRP A 1 10  ? 11.814  -6.902  5.128   1.00 13.45 ? 10   TRP A CE2 1 
ATOM   43  C CE3 . TRP A 1 10  ? 10.589  -4.813  5.129   1.00 9.48  ? 10   TRP A CE3 1 
ATOM   44  C CZ2 . TRP A 1 10  ? 10.627  -7.647  5.111   1.00 14.90 ? 10   TRP A CZ2 1 
ATOM   45  C CZ3 . TRP A 1 10  ? 9.409   -5.554  5.110   1.00 10.58 ? 10   TRP A CZ3 1 
ATOM   46  C CH2 . TRP A 1 10  ? 9.441   -6.956  5.106   1.00 13.24 ? 10   TRP A CH2 1 
ATOM   47  N N   . THR A 1 11  ? 12.936  -0.756  3.699   1.00 9.40  ? 11   THR A N   1 
ATOM   48  C CA  . THR A 1 11  ? 12.948  0.666   3.987   1.00 11.81 ? 11   THR A CA  1 
ATOM   49  C C   . THR A 1 11  ? 12.082  0.900   5.217   1.00 11.37 ? 11   THR A C   1 
ATOM   50  O O   . THR A 1 11  ? 10.929  0.465   5.268   1.00 10.93 ? 11   THR A O   1 
ATOM   51  C CB  . THR A 1 11  ? 12.388  1.486   2.802   1.00 9.71  ? 11   THR A CB  1 
ATOM   52  O OG1 . THR A 1 11  ? 13.252  1.342   1.668   1.00 12.23 ? 11   THR A OG1 1 
ATOM   53  C CG2 . THR A 1 11  ? 12.280  2.965   3.161   1.00 13.05 ? 11   THR A CG2 1 
ATOM   54  N N   . THR A 1 12  ? 12.633  1.587   6.212   1.00 12.00 ? 12   THR A N   1 
ATOM   55  C CA  . THR A 1 12  ? 11.874  1.914   7.414   1.00 15.10 ? 12   THR A CA  1 
ATOM   56  C C   . THR A 1 12  ? 10.974  3.111   7.137   1.00 16.76 ? 12   THR A C   1 
ATOM   57  O O   . THR A 1 12  ? 11.460  4.184   6.776   1.00 14.34 ? 12   THR A O   1 
ATOM   58  C CB  . THR A 1 12  ? 12.822  2.215   8.600   1.00 14.40 ? 12   THR A CB  1 
ATOM   59  O OG1 . THR A 1 12  ? 13.541  1.026   8.925   1.00 17.27 ? 12   THR A OG1 1 
ATOM   60  C CG2 . THR A 1 12  ? 12.049  2.677   9.830   1.00 16.49 ? 12   THR A CG2 1 
ATOM   61  N N   . ALA A 1 13  ? 9.662   2.918   7.278   1.00 11.50 ? 13   ALA A N   1 
ATOM   62  C CA  . ALA A 1 13  ? 8.698   3.983   7.007   1.00 12.15 ? 13   ALA A CA  1 
ATOM   63  C C   . ALA A 1 13  ? 8.548   4.934   8.191   1.00 18.20 ? 13   ALA A C   1 
ATOM   64  O O   . ALA A 1 13  ? 8.828   6.130   8.085   1.00 18.35 ? 13   ALA A O   1 
ATOM   65  C CB  . ALA A 1 13  ? 7.317   3.394   6.613   1.00 8.35  ? 13   ALA A CB  1 
ATOM   66  N N   . CYS A 1 14  ? 8.090   4.403   9.320   1.00 13.87 ? 14   CYS A N   1 
ATOM   67  C CA  . CYS A 1 14  ? 7.791   5.243   10.477  1.00 13.25 ? 14   CYS A CA  1 
ATOM   68  C C   . CYS A 1 14  ? 7.503   4.402   11.695  1.00 14.31 ? 14   CYS A C   1 
ATOM   69  O O   . CYS A 1 14  ? 7.473   3.173   11.608  1.00 10.70 ? 14   CYS A O   1 
ATOM   70  C CB  . CYS A 1 14  ? 6.569   6.132   10.200  1.00 14.45 ? 14   CYS A CB  1 
ATOM   71  S SG  . CYS A 1 14  ? 5.006   5.264   9.810   1.00 17.21 ? 14   CYS A SG  1 
ATOM   72  N N   . ALA A 1 15  ? 7.283   5.078   12.823  1.00 14.89 ? 15   ALA A N   1 
ATOM   73  C CA  . ALA A 1 15  ? 6.805   4.423   14.036  1.00 15.42 ? 15   ALA A CA  1 
ATOM   74  C C   . ALA A 1 15  ? 5.363   3.978   13.815  1.00 11.14 ? 15   ALA A C   1 
ATOM   75  O O   . ALA A 1 15  ? 4.569   4.692   13.197  1.00 12.42 ? 15   ALA A O   1 
ATOM   76  C CB  . ALA A 1 15  ? 6.894   5.366   15.237  1.00 13.78 ? 15   ALA A CB  1 
ATOM   77  N N   . TYR A 1 16  ? 5.039   2.785   14.311  1.00 12.78 ? 16   TYR A N   1 
ATOM   78  C CA  . TYR A 1 16  ? 3.703   2.224   14.165  1.00 11.59 ? 16   TYR A CA  1 
ATOM   79  C C   . TYR A 1 16  ? 2.630   3.167   14.684  1.00 14.05 ? 16   TYR A C   1 
ATOM   80  O O   . TYR A 1 16  ? 1.605   3.379   14.028  1.00 10.45 ? 16   TYR A O   1 
ATOM   81  C CB  . TYR A 1 16  ? 3.610   0.895   14.909  1.00 10.70 ? 16   TYR A CB  1 
ATOM   82  C CG  . TYR A 1 16  ? 2.292   0.170   14.721  1.00 11.78 ? 16   TYR A CG  1 
ATOM   83  C CD1 . TYR A 1 16  ? 1.977   -0.435  13.509  1.00 11.76 ? 16   TYR A CD1 1 
ATOM   84  C CD2 . TYR A 1 16  ? 1.367   0.080   15.759  1.00 11.29 ? 16   TYR A CD2 1 
ATOM   85  C CE1 . TYR A 1 16  ? 0.773   -1.117  13.329  1.00 10.56 ? 16   TYR A CE1 1 
ATOM   86  C CE2 . TYR A 1 16  ? 0.160   -0.593  15.586  1.00 12.62 ? 16   TYR A CE2 1 
ATOM   87  C CZ  . TYR A 1 16  ? -0.128  -1.192  14.370  1.00 10.61 ? 16   TYR A CZ  1 
ATOM   88  O OH  . TYR A 1 16  ? -1.320  -1.866  14.188  1.00 7.50  ? 16   TYR A OH  1 
ATOM   89  N N   . ASP A 1 17  ? 2.869   3.741   15.860  1.00 12.79 ? 17   ASP A N   1 
ATOM   90  C CA  . ASP A 1 17  ? 1.879   4.611   16.493  1.00 14.00 ? 17   ASP A CA  1 
ATOM   91  C C   . ASP A 1 17  ? 1.774   6.003   15.853  1.00 16.56 ? 17   ASP A C   1 
ATOM   92  O O   . ASP A 1 17  ? 1.029   6.859   16.332  1.00 20.83 ? 17   ASP A O   1 
ATOM   93  C CB  . ASP A 1 17  ? 2.118   4.717   18.013  1.00 20.47 ? 17   ASP A CB  1 
ATOM   94  C CG  . ASP A 1 17  ? 3.469   5.313   18.367  1.00 25.17 ? 17   ASP A CG  1 
ATOM   95  O OD1 . ASP A 1 17  ? 4.071   6.021   17.527  1.00 27.76 ? 17   ASP A OD1 1 
ATOM   96  O OD2 . ASP A 1 17  ? 3.929   5.083   19.509  1.00 30.39 ? 17   ASP A OD2 1 
ATOM   97  N N   . HIS A 1 18  ? 2.525   6.236   14.781  1.00 12.62 ? 18   HIS A N   1 
ATOM   98  C CA  . HIS A 1 18  ? 2.438   7.514   14.072  1.00 16.76 ? 18   HIS A CA  1 
ATOM   99  C C   . HIS A 1 18  ? 1.529   7.411   12.846  1.00 16.54 ? 18   HIS A C   1 
ATOM   100 O O   . HIS A 1 18  ? 1.155   8.416   12.252  1.00 17.51 ? 18   HIS A O   1 
ATOM   101 C CB  . HIS A 1 18  ? 3.835   8.033   13.703  1.00 21.06 ? 18   HIS A CB  1 
ATOM   102 C CG  . HIS A 1 18  ? 4.575   8.605   14.874  1.00 29.72 ? 18   HIS A CG  1 
ATOM   103 N ND1 . HIS A 1 18  ? 5.866   9.101   14.776  1.00 28.64 ? 18   HIS A ND1 1 
ATOM   104 C CD2 . HIS A 1 18  ? 4.213   8.772   16.164  1.00 27.48 ? 18   HIS A CD2 1 
ATOM   105 C CE1 . HIS A 1 18  ? 6.256   9.542   15.956  1.00 40.62 ? 18   HIS A CE1 1 
ATOM   106 N NE2 . HIS A 1 18  ? 5.265   9.353   16.823  1.00 35.54 ? 18   HIS A NE2 1 
ATOM   107 N N   . LEU A 1 19  ? 1.160   6.184   12.487  1.00 16.94 ? 19   LEU A N   1 
ATOM   108 C CA  . LEU A 1 19  ? 0.252   5.950   11.364  1.00 15.68 ? 19   LEU A CA  1 
ATOM   109 C C   . LEU A 1 19  ? -1.175  5.745   11.862  1.00 17.87 ? 19   LEU A C   1 
ATOM   110 O O   . LEU A 1 19  ? -1.446  4.805   12.616  1.00 18.40 ? 19   LEU A O   1 
ATOM   111 C CB  . LEU A 1 19  ? 0.714   4.719   10.575  1.00 14.03 ? 19   LEU A CB  1 
ATOM   112 C CG  . LEU A 1 19  ? 0.176   4.535   9.160   1.00 20.24 ? 19   LEU A CG  1 
ATOM   113 C CD1 . LEU A 1 19  ? 0.394   5.817   8.344   1.00 18.55 ? 19   LEU A CD1 1 
ATOM   114 C CD2 . LEU A 1 19  ? 0.867   3.344   8.482   1.00 15.44 ? 19   LEU A CD2 1 
ATOM   115 N N   . ILE A 1 20  ? -2.082  6.624   11.443  1.00 14.79 ? 20   ILE A N   1 
ATOM   116 C CA  . ILE A 1 20  ? -3.494  6.539   11.814  1.00 14.27 ? 20   ILE A CA  1 
ATOM   117 C C   . ILE A 1 20  ? -4.185  5.567   10.878  1.00 15.84 ? 20   ILE A C   1 
ATOM   118 O O   . ILE A 1 20  ? -3.993  5.657   9.664   1.00 11.41 ? 20   ILE A O   1 
ATOM   119 C CB  . ILE A 1 20  ? -4.174  7.907   11.639  1.00 17.69 ? 20   ILE A CB  1 
ATOM   120 C CG1 . ILE A 1 20  ? -3.508  8.948   12.540  1.00 20.67 ? 20   ILE A CG1 1 
ATOM   121 C CG2 . ILE A 1 20  ? -5.684  7.819   11.916  1.00 15.82 ? 20   ILE A CG2 1 
ATOM   122 C CD1 . ILE A 1 20  ? -3.834  10.381  12.144  1.00 29.01 ? 20   ILE A CD1 1 
ATOM   123 N N   . PRO A 1 21  ? -4.992  4.635   11.431  1.00 14.02 ? 21   PRO A N   1 
ATOM   124 C CA  . PRO A 1 21  ? -5.673  3.630   10.605  1.00 12.22 ? 21   PRO A CA  1 
ATOM   125 C C   . PRO A 1 21  ? -6.514  4.270   9.502   1.00 12.52 ? 21   PRO A C   1 
ATOM   126 O O   . PRO A 1 21  ? -7.251  5.216   9.764   1.00 11.77 ? 21   PRO A O   1 
ATOM   127 C CB  . PRO A 1 21  ? -6.590  2.909   11.606  1.00 12.94 ? 21   PRO A CB  1 
ATOM   128 C CG  . PRO A 1 21  ? -5.918  3.086   12.927  1.00 13.27 ? 21   PRO A CG  1 
ATOM   129 C CD  . PRO A 1 21  ? -5.286  4.461   12.866  1.00 12.84 ? 21   PRO A CD  1 
ATOM   130 N N   . GLY A 1 22  ? -6.387  3.770   8.280   1.00 11.17 ? 22   GLY A N   1 
ATOM   131 C CA  . GLY A 1 22  ? -7.174  4.277   7.171   1.00 12.54 ? 22   GLY A CA  1 
ATOM   132 C C   . GLY A 1 22  ? -6.558  5.455   6.433   1.00 13.12 ? 22   GLY A C   1 
ATOM   133 O O   . GLY A 1 22  ? -7.010  5.797   5.342   1.00 15.00 ? 22   GLY A O   1 
ATOM   134 N N   . ARG A 1 23  ? -5.546  6.092   7.019   1.00 13.14 ? 23   ARG A N   1 
ATOM   135 C CA  . ARG A 1 23  ? -4.953  7.281   6.403   1.00 15.58 ? 23   ARG A CA  1 
ATOM   136 C C   . ARG A 1 23  ? -3.629  6.940   5.734   1.00 12.99 ? 23   ARG A C   1 
ATOM   137 O O   . ARG A 1 23  ? -2.579  6.875   6.392   1.00 11.31 ? 23   ARG A O   1 
ATOM   138 C CB  . ARG A 1 23  ? -4.749  8.416   7.417   1.00 19.33 ? 23   ARG A CB  1 
ATOM   139 C CG  . ARG A 1 23  ? -6.033  9.016   7.984   1.00 23.83 ? 23   ARG A CG  1 
ATOM   140 N N   . GLY A 1 24  ? -3.687  6.738   4.423   1.00 10.79 ? 24   GLY A N   1 
ATOM   141 C CA  . GLY A 1 24  ? -2.524  6.305   3.677   1.00 11.54 ? 24   GLY A CA  1 
ATOM   142 C C   . GLY A 1 24  ? -1.427  7.351   3.679   1.00 12.31 ? 24   GLY A C   1 
ATOM   143 O O   . GLY A 1 24  ? -1.688  8.543   3.856   1.00 10.29 ? 24   GLY A O   1 
ATOM   144 N N   . VAL A 1 25  ? -0.195  6.895   3.487   1.00 9.74  ? 25   VAL A N   1 
ATOM   145 C CA  . VAL A 1 25  ? 0.956   7.782   3.399   1.00 11.99 ? 25   VAL A CA  1 
ATOM   146 C C   . VAL A 1 25  ? 1.893   7.277   2.300   1.00 12.31 ? 25   VAL A C   1 
ATOM   147 O O   . VAL A 1 25  ? 2.028   6.064   2.097   1.00 9.32  ? 25   VAL A O   1 
ATOM   148 C CB  . VAL A 1 25  ? 1.697   7.868   4.761   1.00 13.15 ? 25   VAL A CB  1 
ATOM   149 C CG1 . VAL A 1 25  ? 2.324   6.531   5.117   1.00 8.04  ? 25   VAL A CG1 1 
ATOM   150 C CG2 . VAL A 1 25  ? 2.742   8.980   4.745   1.00 21.10 ? 25   VAL A CG2 1 
ATOM   151 N N   . GLY A 1 26  ? 2.519   8.202   1.574   1.00 8.86  ? 26   GLY A N   1 
ATOM   152 C CA  . GLY A 1 26  ? 3.452   7.836   0.521   1.00 11.87 ? 26   GLY A CA  1 
ATOM   153 C C   . GLY A 1 26  ? 4.833   7.568   1.097   1.00 14.08 ? 26   GLY A C   1 
ATOM   154 O O   . GLY A 1 26  ? 5.317   8.327   1.936   1.00 18.00 ? 26   GLY A O   1 
ATOM   155 N N   . VAL A 1 27  ? 5.468   6.486   0.657   1.00 11.85 ? 27   VAL A N   1 
ATOM   156 C CA  . VAL A 1 27  ? 6.788   6.116   1.156   1.00 11.85 ? 27   VAL A CA  1 
ATOM   157 C C   . VAL A 1 27  ? 7.724   5.895   -0.034  1.00 12.25 ? 27   VAL A C   1 
ATOM   158 O O   . VAL A 1 27  ? 7.337   5.292   -1.035  1.00 11.10 ? 27   VAL A O   1 
ATOM   159 C CB  . VAL A 1 27  ? 6.717   4.822   2.010   1.00 12.17 ? 27   VAL A CB  1 
ATOM   160 C CG1 . VAL A 1 27  ? 8.104   4.403   2.500   1.00 12.98 ? 27   VAL A CG1 1 
ATOM   161 C CG2 . VAL A 1 27  ? 5.767   5.015   3.183   1.00 13.35 ? 27   VAL A CG2 1 
ATOM   162 N N   . LEU A 1 28  ? 8.955   6.378   0.085   1.00 11.96 ? 28   LEU A N   1 
ATOM   163 C CA  . LEU A 1 28  ? 9.954   6.225   -0.968  1.00 12.05 ? 28   LEU A CA  1 
ATOM   164 C C   . LEU A 1 28  ? 10.921  5.097   -0.605  1.00 11.27 ? 28   LEU A C   1 
ATOM   165 O O   . LEU A 1 28  ? 11.596  5.160   0.422   1.00 13.41 ? 28   LEU A O   1 
ATOM   166 C CB  . LEU A 1 28  ? 10.717  7.548   -1.141  1.00 11.64 ? 28   LEU A CB  1 
ATOM   167 C CG  . LEU A 1 28  ? 11.823  7.649   -2.195  1.00 13.30 ? 28   LEU A CG  1 
ATOM   168 C CD1 . LEU A 1 28  ? 11.232  7.597   -3.588  1.00 12.27 ? 28   LEU A CD1 1 
ATOM   169 C CD2 . LEU A 1 28  ? 12.655  8.939   -2.012  1.00 11.19 ? 28   LEU A CD2 1 
ATOM   170 N N   . LEU A 1 29  ? 11.004  4.066   -1.439  1.00 10.67 ? 29   LEU A N   1 
ATOM   171 C CA  . LEU A 1 29  ? 11.906  2.957   -1.144  1.00 11.47 ? 29   LEU A CA  1 
ATOM   172 C C   . LEU A 1 29  ? 13.323  3.265   -1.631  1.00 14.62 ? 29   LEU A C   1 
ATOM   173 O O   . LEU A 1 29  ? 13.551  4.252   -2.336  1.00 10.91 ? 29   LEU A O   1 
ATOM   174 C CB  . LEU A 1 29  ? 11.398  1.647   -1.745  1.00 7.41  ? 29   LEU A CB  1 
ATOM   175 C CG  . LEU A 1 29  ? 9.966   1.232   -1.387  1.00 11.48 ? 29   LEU A CG  1 
ATOM   176 C CD1 . LEU A 1 29  ? 9.633   -0.140  -2.001  1.00 11.47 ? 29   LEU A CD1 1 
ATOM   177 C CD2 . LEU A 1 29  ? 9.750   1.238   0.138   1.00 11.43 ? 29   LEU A CD2 1 
ATOM   178 N N   . ASP A 1 30  ? 14.265  2.410   -1.251  1.00 13.27 ? 30   ASP A N   1 
ATOM   179 C CA  . ASP A 1 30  ? 15.683  2.648   -1.508  1.00 16.01 ? 30   ASP A CA  1 
ATOM   180 C C   . ASP A 1 30  ? 16.002  2.834   -2.999  1.00 17.64 ? 30   ASP A C   1 
ATOM   181 O O   . ASP A 1 30  ? 16.913  3.588   -3.353  1.00 14.39 ? 30   ASP A O   1 
ATOM   182 C CB  . ASP A 1 30  ? 16.500  1.490   -0.938  1.00 15.46 ? 30   ASP A CB  1 
ATOM   183 C CG  . ASP A 1 30  ? 16.391  0.249   -1.781  1.00 17.29 ? 30   ASP A CG  1 
ATOM   184 O OD1 . ASP A 1 30  ? 15.272  -0.321  -1.882  1.00 13.98 ? 30   ASP A OD1 1 
ATOM   185 O OD2 . ASP A 1 30  ? 17.420  -0.142  -2.369  1.00 20.32 ? 30   ASP A OD2 1 
ATOM   186 N N   . ASP A 1 31  ? 15.242  2.171   -3.872  1.00 12.66 ? 31   ASP A N   1 
ATOM   187 C CA  . ASP A 1 31  ? 15.507  2.250   -5.311  1.00 15.93 ? 31   ASP A CA  1 
ATOM   188 C C   . ASP A 1 31  ? 14.652  3.307   -6.013  1.00 13.39 ? 31   ASP A C   1 
ATOM   189 O O   . ASP A 1 31  ? 14.670  3.417   -7.236  1.00 13.13 ? 31   ASP A O   1 
ATOM   190 C CB  . ASP A 1 31  ? 15.305  0.886   -5.979  1.00 16.94 ? 31   ASP A CB  1 
ATOM   191 C CG  . ASP A 1 31  ? 13.843  0.518   -6.121  1.00 19.80 ? 31   ASP A CG  1 
ATOM   192 O OD1 . ASP A 1 31  ? 13.008  1.047   -5.349  1.00 17.26 ? 31   ASP A OD1 1 
ATOM   193 O OD2 . ASP A 1 31  ? 13.522  -0.312  -6.997  1.00 29.00 ? 31   ASP A OD2 1 
ATOM   194 N N   . GLY A 1 32  ? 13.892  4.075   -5.238  1.00 13.96 ? 32   GLY A N   1 
ATOM   195 C CA  . GLY A 1 32  ? 13.059  5.117   -5.810  1.00 13.08 ? 32   GLY A CA  1 
ATOM   196 C C   . GLY A 1 32  ? 11.613  4.729   -6.073  1.00 16.15 ? 32   GLY A C   1 
ATOM   197 O O   . GLY A 1 32  ? 10.815  5.588   -6.467  1.00 11.78 ? 32   GLY A O   1 
ATOM   198 N N   . SER A 1 33  ? 11.266  3.456   -5.867  1.00 12.53 ? 33   SER A N   1 
ATOM   199 C CA  . SER A 1 33  ? 9.865   3.031   -5.970  1.00 13.22 ? 33   SER A CA  1 
ATOM   200 C C   . SER A 1 33  ? 9.009   3.864   -5.016  1.00 10.51 ? 33   SER A C   1 
ATOM   201 O O   . SER A 1 33  ? 9.442   4.187   -3.905  1.00 12.28 ? 33   SER A O   1 
ATOM   202 C CB  . SER A 1 33  ? 9.701   1.548   -5.608  1.00 14.61 ? 33   SER A CB  1 
ATOM   203 O OG  . SER A 1 33  ? 10.577  0.735   -6.360  1.00 16.12 ? 33   SER A OG  1 
ATOM   204 N N   . GLN A 1 34  ? 7.806   4.212   -5.460  1.00 11.41 ? 34   GLN A N   1 
ATOM   205 C CA  . GLN A 1 34  ? 6.885   4.998   -4.652  1.00 14.02 ? 34   GLN A CA  1 
ATOM   206 C C   . GLN A 1 34  ? 5.782   4.080   -4.204  1.00 9.87  ? 34   GLN A C   1 
ATOM   207 O O   . GLN A 1 34  ? 5.208   3.343   -5.011  1.00 12.88 ? 34   GLN A O   1 
ATOM   208 C CB  . GLN A 1 34  ? 6.263   6.138   -5.457  1.00 14.81 ? 34   GLN A CB  1 
ATOM   209 C CG  . GLN A 1 34  ? 7.225   6.988   -6.217  1.00 24.15 ? 34   GLN A CG  1 
ATOM   210 C CD  . GLN A 1 34  ? 6.481   8.054   -6.972  1.00 32.58 ? 34   GLN A CD  1 
ATOM   211 O OE1 . GLN A 1 34  ? 5.332   8.367   -6.637  1.00 30.15 ? 34   GLN A OE1 1 
ATOM   212 N NE2 . GLN A 1 34  ? 7.111   8.611   -8.000  1.00 40.30 ? 34   GLN A NE2 1 
ATOM   213 N N   . VAL A 1 35  ? 5.467   4.156   -2.919  1.00 10.67 ? 35   VAL A N   1 
ATOM   214 C CA  . VAL A 1 35  ? 4.583   3.198   -2.284  1.00 9.71  ? 35   VAL A CA  1 
ATOM   215 C C   . VAL A 1 35  ? 3.462   3.904   -1.513  1.00 11.29 ? 35   VAL A C   1 
ATOM   216 O O   . VAL A 1 35  ? 3.699   4.937   -0.889  1.00 10.65 ? 35   VAL A O   1 
ATOM   217 C CB  . VAL A 1 35  ? 5.426   2.324   -1.334  1.00 14.05 ? 35   VAL A CB  1 
ATOM   218 C CG1 . VAL A 1 35  ? 4.608   1.821   -0.175  1.00 13.00 ? 35   VAL A CG1 1 
ATOM   219 C CG2 . VAL A 1 35  ? 6.077   1.187   -2.121  1.00 11.93 ? 35   VAL A CG2 1 
ATOM   220 N N   . ALA A 1 36  ? 2.241   3.375   -1.594  1.00 7.18  ? 36   ALA A N   1 
ATOM   221 C CA  . ALA A 1 36  ? 1.156   3.845   -0.734  1.00 8.37  ? 36   ALA A CA  1 
ATOM   222 C C   . ALA A 1 36  ? 1.040   2.882   0.451   1.00 9.46  ? 36   ALA A C   1 
ATOM   223 O O   . ALA A 1 36  ? 0.749   1.689   0.265   1.00 7.63  ? 36   ALA A O   1 
ATOM   224 C CB  . ALA A 1 36  ? -0.162  3.906   -1.507  1.00 7.54  ? 36   ALA A CB  1 
ATOM   225 N N   . LEU A 1 37  ? 1.280   3.397   1.653   1.00 6.86  ? 37   LEU A N   1 
ATOM   226 C CA  . LEU A 1 37  ? 1.272   2.585   2.870   1.00 8.62  ? 37   LEU A CA  1 
ATOM   227 C C   . LEU A 1 37  ? 0.042   2.880   3.726   1.00 9.49  ? 37   LEU A C   1 
ATOM   228 O O   . LEU A 1 37  ? -0.259  4.042   4.005   1.00 10.26 ? 37   LEU A O   1 
ATOM   229 C CB  . LEU A 1 37  ? 2.540   2.856   3.691   1.00 7.09  ? 37   LEU A CB  1 
ATOM   230 C CG  . LEU A 1 37  ? 2.654   2.158   5.062   1.00 9.35  ? 37   LEU A CG  1 
ATOM   231 C CD1 . LEU A 1 37  ? 2.818   0.620   4.928   1.00 8.06  ? 37   LEU A CD1 1 
ATOM   232 C CD2 . LEU A 1 37  ? 3.798   2.762   5.886   1.00 5.74  ? 37   LEU A CD2 1 
ATOM   233 N N   . PHE A 1 38  ? -0.656  1.826   4.147   1.00 7.80  ? 38   PHE A N   1 
ATOM   234 C CA  . PHE A 1 38  ? -1.857  1.956   4.969   1.00 8.90  ? 38   PHE A CA  1 
ATOM   235 C C   . PHE A 1 38  ? -1.787  1.029   6.194   1.00 13.56 ? 38   PHE A C   1 
ATOM   236 O O   . PHE A 1 38  ? -1.383  -0.128  6.081   1.00 10.90 ? 38   PHE A O   1 
ATOM   237 C CB  . PHE A 1 38  ? -3.097  1.542   4.167   1.00 7.13  ? 38   PHE A CB  1 
ATOM   238 C CG  . PHE A 1 38  ? -3.293  2.301   2.876   1.00 11.72 ? 38   PHE A CG  1 
ATOM   239 C CD1 . PHE A 1 38  ? -2.683  1.876   1.699   1.00 11.84 ? 38   PHE A CD1 1 
ATOM   240 C CD2 . PHE A 1 38  ? -4.112  3.424   2.834   1.00 9.05  ? 38   PHE A CD2 1 
ATOM   241 C CE1 . PHE A 1 38  ? -2.887  2.562   0.504   1.00 12.38 ? 38   PHE A CE1 1 
ATOM   242 C CE2 . PHE A 1 38  ? -4.316  4.123   1.638   1.00 11.21 ? 38   PHE A CE2 1 
ATOM   243 C CZ  . PHE A 1 38  ? -3.699  3.692   0.480   1.00 10.12 ? 38   PHE A CZ  1 
ATOM   244 N N   . ARG A 1 39  ? -2.214  1.530   7.348   1.00 11.39 ? 39   ARG A N   1 
ATOM   245 C CA  . ARG A 1 39  ? -2.509  0.678   8.500   1.00 11.30 ? 39   ARG A CA  1 
ATOM   246 C C   . ARG A 1 39  ? -4.034  0.487   8.599   1.00 12.93 ? 39   ARG A C   1 
ATOM   247 O O   . ARG A 1 39  ? -4.800  1.441   8.436   1.00 9.93  ? 39   ARG A O   1 
ATOM   248 C CB  . ARG A 1 39  ? -1.949  1.305   9.780   1.00 11.37 ? 39   ARG A CB  1 
ATOM   249 C CG  . ARG A 1 39  ? -2.563  0.809   11.085  1.00 12.79 ? 39   ARG A CG  1 
ATOM   250 C CD  . ARG A 1 39  ? -1.877  1.475   12.280  1.00 12.12 ? 39   ARG A CD  1 
ATOM   251 N NE  . ARG A 1 39  ? -2.539  1.168   13.545  1.00 10.95 ? 39   ARG A NE  1 
ATOM   252 C CZ  . ARG A 1 39  ? -2.162  1.646   14.728  1.00 9.77  ? 39   ARG A CZ  1 
ATOM   253 N NH1 . ARG A 1 39  ? -1.114  2.457   14.825  1.00 8.93  ? 39   ARG A NH1 1 
ATOM   254 N NH2 . ARG A 1 39  ? -2.836  1.305   15.818  1.00 10.57 ? 39   ARG A NH2 1 
ATOM   255 N N   . LEU A 1 40  ? -4.479  -0.745  8.843   1.00 11.25 ? 40   LEU A N   1 
ATOM   256 C CA  . LEU A 1 40  ? -5.912  -1.023  8.957   1.00 10.60 ? 40   LEU A CA  1 
ATOM   257 C C   . LEU A 1 40  ? -6.336  -1.192  10.415  1.00 11.59 ? 40   LEU A C   1 
ATOM   258 O O   . LEU A 1 40  ? -5.492  -1.319  11.304  1.00 8.40  ? 40   LEU A O   1 
ATOM   259 C CB  . LEU A 1 40  ? -6.283  -2.284  8.168   1.00 8.85  ? 40   LEU A CB  1 
ATOM   260 C CG  . LEU A 1 40  ? -5.831  -2.339  6.703   1.00 11.81 ? 40   LEU A CG  1 
ATOM   261 C CD1 . LEU A 1 40  ? -6.368  -3.591  6.025   1.00 9.20  ? 40   LEU A CD1 1 
ATOM   262 C CD2 . LEU A 1 40  ? -6.265  -1.085  5.935   1.00 12.74 ? 40   LEU A CD2 1 
ATOM   263 N N   . ASP A 1 41  ? -7.647  -1.209  10.649  1.00 9.01  ? 41   ASP A N   1 
ATOM   264 C CA  . ASP A 1 41  ? -8.191  -1.408  11.994  1.00 9.25  ? 41   ASP A CA  1 
ATOM   265 C C   . ASP A 1 41  ? -7.750  -2.702  12.654  1.00 10.57 ? 41   ASP A C   1 
ATOM   266 O O   . ASP A 1 41  ? -7.582  -2.740  13.875  1.00 10.23 ? 41   ASP A O   1 
ATOM   267 C CB  . ASP A 1 41  ? -9.716  -1.322  11.995  1.00 9.58  ? 41   ASP A CB  1 
ATOM   268 C CG  . ASP A 1 41  ? -10.213 0.108   11.847  1.00 23.10 ? 41   ASP A CG  1 
ATOM   269 O OD1 . ASP A 1 41  ? -9.434  1.046   12.155  1.00 21.16 ? 41   ASP A OD1 1 
ATOM   270 O OD2 . ASP A 1 41  ? -11.375 0.289   11.420  1.00 20.75 ? 41   ASP A OD2 1 
ATOM   271 N N   . ASP A 1 42  ? -7.558  -3.756  11.862  1.00 7.78  ? 42   ASP A N   1 
ATOM   272 C CA  . ASP A 1 42  ? -7.086  -5.032  12.417  1.00 10.19 ? 42   ASP A CA  1 
ATOM   273 C C   . ASP A 1 42  ? -5.593  -5.002  12.789  1.00 11.88 ? 42   ASP A C   1 
ATOM   274 O O   . ASP A 1 42  ? -5.027  -6.011  13.228  1.00 7.27  ? 42   ASP A O   1 
ATOM   275 C CB  . ASP A 1 42  ? -7.417  -6.210  11.486  1.00 10.97 ? 42   ASP A CB  1 
ATOM   276 C CG  . ASP A 1 42  ? -6.466  -6.323  10.277  1.00 13.43 ? 42   ASP A CG  1 
ATOM   277 O OD1 . ASP A 1 42  ? -5.657  -5.399  10.016  1.00 9.74  ? 42   ASP A OD1 1 
ATOM   278 O OD2 . ASP A 1 42  ? -6.536  -7.362  9.581   1.00 12.10 ? 42   ASP A OD2 1 
ATOM   279 N N   . GLY A 1 43  ? -4.964  -3.843  12.609  1.00 7.76  ? 43   GLY A N   1 
ATOM   280 C CA  . GLY A 1 43  ? -3.570  -3.656  12.979  1.00 8.49  ? 43   GLY A CA  1 
ATOM   281 C C   . GLY A 1 43  ? -2.565  -3.856  11.849  1.00 9.19  ? 43   GLY A C   1 
ATOM   282 O O   . GLY A 1 43  ? -1.408  -3.434  11.953  1.00 11.71 ? 43   GLY A O   1 
ATOM   283 N N   . SER A 1 44  ? -2.996  -4.499  10.771  1.00 6.80  ? 44   SER A N   1 
ATOM   284 C CA  . SER A 1 44  ? -2.094  -4.814  9.662   1.00 9.28  ? 44   SER A CA  1 
ATOM   285 C C   . SER A 1 44  ? -1.637  -3.562  8.912   1.00 9.02  ? 44   SER A C   1 
ATOM   286 O O   . SER A 1 44  ? -2.352  -2.552  8.863   1.00 8.88  ? 44   SER A O   1 
ATOM   287 C CB  . SER A 1 44  ? -2.763  -5.782  8.679   1.00 8.88  ? 44   SER A CB  1 
ATOM   288 O OG  . SER A 1 44  ? -3.857  -5.167  8.003   1.00 9.36  ? 44   SER A OG  1 
ATOM   289 N N   . VAL A 1 45  ? -0.434  -3.636  8.348   1.00 8.40  ? 45   VAL A N   1 
ATOM   290 C CA  . VAL A 1 45  ? 0.038   -2.611  7.426   1.00 10.00 ? 45   VAL A CA  1 
ATOM   291 C C   . VAL A 1 45  ? 0.143   -3.221  6.039   1.00 10.48 ? 45   VAL A C   1 
ATOM   292 O O   . VAL A 1 45  ? 0.483   -4.397  5.895   1.00 8.23  ? 45   VAL A O   1 
ATOM   293 C CB  . VAL A 1 45  ? 1.397   -1.979  7.862   1.00 8.84  ? 45   VAL A CB  1 
ATOM   294 C CG1 . VAL A 1 45  ? 1.231   -1.225  9.178   1.00 9.89  ? 45   VAL A CG1 1 
ATOM   295 C CG2 . VAL A 1 45  ? 2.497   -3.042  7.977   1.00 9.63  ? 45   VAL A CG2 1 
ATOM   296 N N   . HIS A 1 46  ? -0.182  -2.429  5.020   1.00 7.14  ? 46   HIS A N   1 
ATOM   297 C CA  . HIS A 1 46  ? -0.144  -2.902  3.641   1.00 7.89  ? 46   HIS A CA  1 
ATOM   298 C C   . HIS A 1 46  ? 0.482   -1.838  2.752   1.00 7.27  ? 46   HIS A C   1 
ATOM   299 O O   . HIS A 1 46  ? 0.191   -0.643  2.896   1.00 7.16  ? 46   HIS A O   1 
ATOM   300 C CB  . HIS A 1 46  ? -1.553  -3.247  3.150   1.00 6.47  ? 46   HIS A CB  1 
ATOM   301 C CG  . HIS A 1 46  ? -2.192  -4.359  3.922   1.00 11.99 ? 46   HIS A CG  1 
ATOM   302 N ND1 . HIS A 1 46  ? -2.042  -5.686  3.592   1.00 11.79 ? 46   HIS A ND1 1 
ATOM   303 C CD2 . HIS A 1 46  ? -2.947  -4.333  5.049   1.00 8.06  ? 46   HIS A CD2 1 
ATOM   304 C CE1 . HIS A 1 46  ? -2.682  -6.435  4.461   1.00 10.81 ? 46   HIS A CE1 1 
ATOM   305 N NE2 . HIS A 1 46  ? -3.252  -5.638  5.362   1.00 10.94 ? 46   HIS A NE2 1 
ATOM   306 N N   . ALA A 1 47  ? 1.343   -2.268  1.838   1.00 7.63  ? 47   ALA A N   1 
ATOM   307 C CA  . ALA A 1 47  ? 2.018   -1.337  0.931   1.00 8.55  ? 47   ALA A CA  1 
ATOM   308 C C   . ALA A 1 47  ? 1.760   -1.725  -0.516  1.00 8.30  ? 47   ALA A C   1 
ATOM   309 O O   . ALA A 1 47  ? 2.059   -2.862  -0.934  1.00 7.25  ? 47   ALA A O   1 
ATOM   310 C CB  . ALA A 1 47  ? 3.521   -1.303  1.215   1.00 7.97  ? 47   ALA A CB  1 
ATOM   311 N N   . VAL A 1 48  ? 1.189   -0.789  -1.277  1.00 7.80  ? 48   VAL A N   1 
ATOM   312 C CA  . VAL A 1 48  ? 0.942   -1.005  -2.697  1.00 8.29  ? 48   VAL A CA  1 
ATOM   313 C C   . VAL A 1 48  ? 1.539   0.149   -3.513  1.00 8.93  ? 48   VAL A C   1 
ATOM   314 O O   . VAL A 1 48  ? 1.936   1.178   -2.953  1.00 8.49  ? 48   VAL A O   1 
ATOM   315 C CB  . VAL A 1 48  ? -0.577  -1.174  -3.023  1.00 7.58  ? 48   VAL A CB  1 
ATOM   316 C CG1 . VAL A 1 48  ? -1.150  -2.411  -2.321  1.00 8.50  ? 48   VAL A CG1 1 
ATOM   317 C CG2 . VAL A 1 48  ? -1.362  0.079   -2.645  1.00 8.65  ? 48   VAL A CG2 1 
ATOM   318 N N   . GLY A 1 49  ? 1.626   -0.031  -4.824  1.00 8.01  ? 49   GLY A N   1 
ATOM   319 C CA  . GLY A 1 49  ? 2.107   1.033   -5.696  1.00 10.80 ? 49   GLY A CA  1 
ATOM   320 C C   . GLY A 1 49  ? 1.370   2.346   -5.457  1.00 9.42  ? 49   GLY A C   1 
ATOM   321 O O   . GLY A 1 49  ? 0.152   2.361   -5.305  1.00 8.73  ? 49   GLY A O   1 
ATOM   322 N N   . ASN A 1 50  ? 2.108   3.449   -5.408  1.00 6.35  ? 50   ASN A N   1 
ATOM   323 C CA  . ASN A 1 50  ? 1.498   4.759   -5.175  1.00 9.68  ? 50   ASN A CA  1 
ATOM   324 C C   . ASN A 1 50  ? 0.915   5.383   -6.449  1.00 11.17 ? 50   ASN A C   1 
ATOM   325 O O   . ASN A 1 50  ? 0.168   6.375   -6.398  1.00 9.67  ? 50   ASN A O   1 
ATOM   326 C CB  . ASN A 1 50  ? 2.518   5.716   -4.547  1.00 8.78  ? 50   ASN A CB  1 
ATOM   327 C CG  . ASN A 1 50  ? 1.862   6.898   -3.868  1.00 15.42 ? 50   ASN A CG  1 
ATOM   328 O OD1 . ASN A 1 50  ? 0.798   6.769   -3.245  1.00 13.76 ? 50   ASN A OD1 1 
ATOM   329 N ND2 . ASN A 1 50  ? 2.487   8.065   -3.988  1.00 10.26 ? 50   ASN A ND2 1 
ATOM   330 N N   . VAL A 1 51  ? 1.256   4.804   -7.596  1.00 8.94  ? 51   VAL A N   1 
ATOM   331 C CA  . VAL A 1 51  ? 0.808   5.357   -8.868  1.00 11.33 ? 51   VAL A CA  1 
ATOM   332 C C   . VAL A 1 51  ? -0.462  4.669   -9.377  1.00 12.32 ? 51   VAL A C   1 
ATOM   333 O O   . VAL A 1 51  ? -0.492  3.448   -9.565  1.00 9.87  ? 51   VAL A O   1 
ATOM   334 C CB  . VAL A 1 51  ? 1.917   5.284   -9.939  1.00 13.23 ? 51   VAL A CB  1 
ATOM   335 C CG1 . VAL A 1 51  ? 1.425   5.877   -11.252 1.00 13.06 ? 51   VAL A CG1 1 
ATOM   336 C CG2 . VAL A 1 51  ? 3.174   5.997   -9.451  1.00 11.75 ? 51   VAL A CG2 1 
ATOM   337 N N   . ASP A 1 52  ? -1.512  5.463   -9.583  1.00 9.21  ? 52   ASP A N   1 
ATOM   338 C CA  . ASP A 1 52  ? -2.749  4.974   -10.192 1.00 11.65 ? 52   ASP A CA  1 
ATOM   339 C C   . ASP A 1 52  ? -2.400  4.424   -11.561 1.00 12.28 ? 52   ASP A C   1 
ATOM   340 O O   . ASP A 1 52  ? -1.858  5.146   -12.395 1.00 15.18 ? 52   ASP A O   1 
ATOM   341 C CB  . ASP A 1 52  ? -3.781  6.108   -10.306 1.00 11.64 ? 52   ASP A CB  1 
ATOM   342 C CG  . ASP A 1 52  ? -5.109  5.652   -10.924 1.00 15.85 ? 52   ASP A CG  1 
ATOM   343 O OD1 . ASP A 1 52  ? -5.111  5.014   -12.009 1.00 14.76 ? 52   ASP A OD1 1 
ATOM   344 O OD2 . ASP A 1 52  ? -6.171  5.944   -10.331 1.00 13.94 ? 52   ASP A OD2 1 
ATOM   345 N N   . PRO A 1 53  ? -2.706  3.141   -11.798 1.00 16.59 ? 53   PRO A N   1 
ATOM   346 C CA  . PRO A 1 53  ? -2.285  2.491   -13.045 1.00 18.63 ? 53   PRO A CA  1 
ATOM   347 C C   . PRO A 1 53  ? -3.135  2.887   -14.247 1.00 19.55 ? 53   PRO A C   1 
ATOM   348 O O   . PRO A 1 53  ? -2.818  2.483   -15.364 1.00 23.54 ? 53   PRO A O   1 
ATOM   349 C CB  . PRO A 1 53  ? -2.470  1.003   -12.739 1.00 17.11 ? 53   PRO A CB  1 
ATOM   350 C CG  . PRO A 1 53  ? -3.590  0.971   -11.778 1.00 11.97 ? 53   PRO A CG  1 
ATOM   351 C CD  . PRO A 1 53  ? -3.422  2.207   -10.911 1.00 13.24 ? 53   PRO A CD  1 
ATOM   352 N N   . PHE A 1 54  ? -4.196  3.658   -14.028 1.00 16.48 ? 54   PHE A N   1 
ATOM   353 C CA  . PHE A 1 54  ? -4.994  4.152   -15.144 1.00 21.99 ? 54   PHE A CA  1 
ATOM   354 C C   . PHE A 1 54  ? -4.519  5.549   -15.558 1.00 24.41 ? 54   PHE A C   1 
ATOM   355 O O   . PHE A 1 54  ? -4.287  5.808   -16.743 1.00 29.54 ? 54   PHE A O   1 
ATOM   356 C CB  . PHE A 1 54  ? -6.494  4.153   -14.806 1.00 15.18 ? 54   PHE A CB  1 
ATOM   357 C CG  . PHE A 1 54  ? -7.089  2.767   -14.628 1.00 18.48 ? 54   PHE A CG  1 
ATOM   358 C CD1 . PHE A 1 54  ? -7.596  2.070   -15.716 1.00 20.96 ? 54   PHE A CD1 1 
ATOM   359 C CD2 . PHE A 1 54  ? -7.141  2.164   -13.372 1.00 19.25 ? 54   PHE A CD2 1 
ATOM   360 C CE1 . PHE A 1 54  ? -8.146  0.802   -15.561 1.00 17.83 ? 54   PHE A CE1 1 
ATOM   361 C CE2 . PHE A 1 54  ? -7.695  0.888   -13.209 1.00 19.95 ? 54   PHE A CE2 1 
ATOM   362 C CZ  . PHE A 1 54  ? -8.197  0.209   -14.306 1.00 17.60 ? 54   PHE A CZ  1 
ATOM   363 N N   . SER A 1 55  ? -4.343  6.435   -14.576 1.00 20.93 ? 55   SER A N   1 
ATOM   364 C CA  . SER A 1 55  ? -4.015  7.840   -14.848 1.00 18.70 ? 55   SER A CA  1 
ATOM   365 C C   . SER A 1 55  ? -2.526  8.160   -14.759 1.00 18.81 ? 55   SER A C   1 
ATOM   366 O O   . SER A 1 55  ? -2.064  9.156   -15.314 1.00 15.42 ? 55   SER A O   1 
ATOM   367 C CB  . SER A 1 55  ? -4.772  8.752   -13.879 1.00 18.03 ? 55   SER A CB  1 
ATOM   368 O OG  . SER A 1 55  ? -4.235  8.638   -12.568 1.00 16.53 ? 55   SER A OG  1 
ATOM   369 N N   . GLY A 1 56  ? -1.775  7.331   -14.039 1.00 16.39 ? 56   GLY A N   1 
ATOM   370 C CA  . GLY A 1 56  ? -0.373  7.611   -13.786 1.00 12.16 ? 56   GLY A CA  1 
ATOM   371 C C   . GLY A 1 56  ? -0.152  8.612   -12.655 1.00 17.92 ? 56   GLY A C   1 
ATOM   372 O O   . GLY A 1 56  ? 0.997   8.955   -12.338 1.00 17.94 ? 56   GLY A O   1 
ATOM   373 N N   . ALA A 1 57  ? -1.243  9.065   -12.034 1.00 14.62 ? 57   ALA A N   1 
ATOM   374 C CA  . ALA A 1 57  ? -1.179  10.009  -10.909 1.00 17.72 ? 57   ALA A CA  1 
ATOM   375 C C   . ALA A 1 57  ? -0.619  9.360   -9.637  1.00 12.83 ? 57   ALA A C   1 
ATOM   376 O O   . ALA A 1 57  ? -1.109  8.313   -9.199  1.00 12.60 ? 57   ALA A O   1 
ATOM   377 C CB  . ALA A 1 57  ? -2.573  10.587  -10.628 1.00 13.20 ? 57   ALA A CB  1 
ATOM   378 N N   . ALA A 1 58  ? 0.401   9.973   -9.039  1.00 8.95  ? 58   ALA A N   1 
ATOM   379 C CA  . ALA A 1 58  ? 0.989   9.428   -7.808  1.00 14.51 ? 58   ALA A CA  1 
ATOM   380 C C   . ALA A 1 58  ? 0.136   9.823   -6.613  1.00 13.25 ? 58   ALA A C   1 
ATOM   381 O O   . ALA A 1 58  ? 0.543   10.668  -5.810  1.00 11.59 ? 58   ALA A O   1 
ATOM   382 C CB  . ALA A 1 58  ? 2.441   9.910   -7.618  1.00 13.49 ? 58   ALA A CB  1 
ATOM   383 N N   . VAL A 1 59  ? -1.045  9.215   -6.500  1.00 11.56 ? 59   VAL A N   1 
ATOM   384 C CA  . VAL A 1 59  ? -2.033  9.630   -5.503  1.00 11.39 ? 59   VAL A CA  1 
ATOM   385 C C   . VAL A 1 59  ? -2.715  8.490   -4.739  1.00 10.18 ? 59   VAL A C   1 
ATOM   386 O O   . VAL A 1 59  ? -3.650  8.745   -3.972  1.00 9.82  ? 59   VAL A O   1 
ATOM   387 C CB  . VAL A 1 59  ? -3.166  10.480  -6.150  1.00 14.81 ? 59   VAL A CB  1 
ATOM   388 C CG1 . VAL A 1 59  ? -2.598  11.727  -6.858  1.00 14.70 ? 59   VAL A CG1 1 
ATOM   389 C CG2 . VAL A 1 59  ? -3.984  9.620   -7.123  1.00 11.81 ? 59   VAL A CG2 1 
ATOM   390 N N   . MET A 1 60  ? -2.282  7.246   -4.938  1.00 8.43  ? 60   MET A N   1 
ATOM   391 C CA  . MET A 1 60  ? -2.970  6.120   -4.290  1.00 10.93 ? 60   MET A CA  1 
ATOM   392 C C   . MET A 1 60  ? -3.029  6.254   -2.762  1.00 7.27  ? 60   MET A C   1 
ATOM   393 O O   . MET A 1 60  ? -4.035  5.890   -2.142  1.00 11.40 ? 60   MET A O   1 
ATOM   394 C CB  . MET A 1 60  ? -2.356  4.766   -4.676  1.00 9.47  ? 60   MET A CB  1 
ATOM   395 C CG  . MET A 1 60  ? -2.543  4.386   -6.142  1.00 9.94  ? 60   MET A CG  1 
ATOM   396 S SD  . MET A 1 60  ? -4.269  4.341   -6.681  1.00 15.81 ? 60   MET A SD  1 
ATOM   397 C CE  . MET A 1 60  ? -4.964  3.072   -5.601  1.00 14.43 ? 60   MET A CE  1 
ATOM   398 N N   . SER A 1 61  ? -1.965  6.788   -2.169  1.00 6.62  ? 61   SER A N   1 
ATOM   399 C CA  . SER A 1 61  ? -1.888  6.952   -0.713  1.00 10.48 ? 61   SER A CA  1 
ATOM   400 C C   . SER A 1 61  ? -3.011  7.843   -0.174  1.00 12.19 ? 61   SER A C   1 
ATOM   401 O O   . SER A 1 61  ? -3.330  7.823   1.021   1.00 12.16 ? 61   SER A O   1 
ATOM   402 C CB  . SER A 1 61  ? -0.537  7.541   -0.313  1.00 10.15 ? 61   SER A CB  1 
ATOM   403 O OG  . SER A 1 61  ? -0.468  8.909   -0.682  1.00 14.17 ? 61   SER A OG  1 
ATOM   404 N N   . ARG A 1 62  ? -3.610  8.624   -1.067  1.00 9.26  ? 62   ARG A N   1 
ATOM   405 C CA  . ARG A 1 62  ? -4.687  9.527   -0.693  1.00 11.88 ? 62   ARG A CA  1 
ATOM   406 C C   . ARG A 1 62  ? -6.050  8.866   -0.907  1.00 12.49 ? 62   ARG A C   1 
ATOM   407 O O   . ARG A 1 62  ? -7.090  9.469   -0.655  1.00 15.25 ? 62   ARG A O   1 
ATOM   408 C CB  . ARG A 1 62  ? -4.557  10.850  -1.470  1.00 13.63 ? 62   ARG A CB  1 
ATOM   409 C CG  . ARG A 1 62  ? -3.285  11.613  -1.100  1.00 15.99 ? 62   ARG A CG  1 
ATOM   410 C CD  . ARG A 1 62  ? -3.042  12.821  -1.988  1.00 19.24 ? 62   ARG A CD  1 
ATOM   411 N NE  . ARG A 1 62  ? -4.002  13.892  -1.744  1.00 19.71 ? 62   ARG A NE  1 
ATOM   412 C CZ  . ARG A 1 62  ? -4.022  15.037  -2.423  1.00 18.95 ? 62   ARG A CZ  1 
ATOM   413 N NH1 . ARG A 1 62  ? -3.133  15.249  -3.386  1.00 16.52 ? 62   ARG A NH1 1 
ATOM   414 N NH2 . ARG A 1 62  ? -4.939  15.960  -2.147  1.00 17.34 ? 62   ARG A NH2 1 
ATOM   415 N N   . GLY A 1 63  ? -6.028  7.613   -1.352  1.00 11.09 ? 63   GLY A N   1 
ATOM   416 C CA  . GLY A 1 63  ? -7.251  6.873   -1.608  1.00 11.84 ? 63   GLY A CA  1 
ATOM   417 C C   . GLY A 1 63  ? -7.988  6.483   -0.337  1.00 12.65 ? 63   GLY A C   1 
ATOM   418 O O   . GLY A 1 63  ? -7.420  6.495   0.766   1.00 14.46 ? 63   GLY A O   1 
ATOM   419 N N   . ILE A 1 64  ? -9.260  6.129   -0.487  1.00 13.22 ? 64   ILE A N   1 
ATOM   420 C CA  . ILE A 1 64  ? -10.090 5.783   0.669   1.00 13.17 ? 64   ILE A CA  1 
ATOM   421 C C   . ILE A 1 64  ? -10.131 4.274   0.889   1.00 12.69 ? 64   ILE A C   1 
ATOM   422 O O   . ILE A 1 64  ? -10.486 3.501   -0.003  1.00 15.14 ? 64   ILE A O   1 
ATOM   423 C CB  . ILE A 1 64  ? -11.504 6.346   0.527   1.00 15.69 ? 64   ILE A CB  1 
ATOM   424 C CG1 . ILE A 1 64  ? -11.451 7.877   0.514   1.00 21.43 ? 64   ILE A CG1 1 
ATOM   425 C CG2 . ILE A 1 64  ? -12.405 5.829   1.652   1.00 21.10 ? 64   ILE A CG2 1 
ATOM   426 C CD1 . ILE A 1 64  ? -12.595 8.521   -0.256  1.00 26.89 ? 64   ILE A CD1 1 
ATOM   427 N N   . VAL A 1 65  ? -9.743  3.860   2.089   1.00 11.79 ? 65   VAL A N   1 
ATOM   428 C CA  . VAL A 1 65  ? -9.684  2.449   2.426   1.00 13.28 ? 65   VAL A CA  1 
ATOM   429 C C   . VAL A 1 65  ? -11.081 1.923   2.727   1.00 14.23 ? 65   VAL A C   1 
ATOM   430 O O   . VAL A 1 65  ? -11.854 2.570   3.426   1.00 15.80 ? 65   VAL A O   1 
ATOM   431 C CB  . VAL A 1 65  ? -8.782  2.217   3.641   1.00 17.40 ? 65   VAL A CB  1 
ATOM   432 C CG1 . VAL A 1 65  ? -8.843  0.745   4.093   1.00 15.59 ? 65   VAL A CG1 1 
ATOM   433 C CG2 . VAL A 1 65  ? -7.361  2.630   3.305   1.00 14.21 ? 65   VAL A CG2 1 
ATOM   434 N N   . GLY A 1 66  ? -11.408 0.756   2.184   1.00 15.80 ? 66   GLY A N   1 
ATOM   435 C CA  . GLY A 1 66  ? -12.708 0.157   2.426   1.00 20.25 ? 66   GLY A CA  1 
ATOM   436 C C   . GLY A 1 66  ? -12.696 -1.354  2.314   1.00 20.46 ? 66   GLY A C   1 
ATOM   437 O O   . GLY A 1 66  ? -11.634 -1.989  2.319   1.00 19.83 ? 66   GLY A O   1 
ATOM   438 N N   . ASP A 1 67  ? -13.889 -1.927  2.218   1.00 18.68 ? 67   ASP A N   1 
ATOM   439 C CA  . ASP A 1 67  ? -14.053 -3.364  2.048   1.00 21.75 ? 67   ASP A CA  1 
ATOM   440 C C   . ASP A 1 67  ? -14.918 -3.692  0.835   1.00 23.14 ? 67   ASP A C   1 
ATOM   441 O O   . ASP A 1 67  ? -15.851 -2.959  0.488   1.00 20.62 ? 67   ASP A O   1 
ATOM   442 C CB  . ASP A 1 67  ? -14.676 -3.984  3.296   1.00 23.93 ? 67   ASP A CB  1 
ATOM   443 C CG  . ASP A 1 67  ? -13.695 -4.091  4.440   1.00 30.86 ? 67   ASP A CG  1 
ATOM   444 O OD1 . ASP A 1 67  ? -12.562 -4.570  4.211   1.00 28.28 ? 67   ASP A OD1 1 
ATOM   445 O OD2 . ASP A 1 67  ? -14.059 -3.697  5.567   1.00 46.20 ? 67   ASP A OD2 1 
ATOM   446 N N   . ARG A 1 68  ? -14.584 -4.797  0.188   1.00 23.39 ? 68   ARG A N   1 
ATOM   447 C CA  . ARG A 1 68  ? -15.364 -5.308  -0.929  1.00 21.93 ? 68   ARG A CA  1 
ATOM   448 C C   . ARG A 1 68  ? -15.573 -6.781  -0.640  1.00 26.16 ? 68   ARG A C   1 
ATOM   449 O O   . ARG A 1 68  ? -14.644 -7.579  -0.759  1.00 21.07 ? 68   ARG A O   1 
ATOM   450 C CB  . ARG A 1 68  ? -14.613 -5.106  -2.247  1.00 24.92 ? 68   ARG A CB  1 
ATOM   451 C CG  . ARG A 1 68  ? -15.196 -5.856  -3.455  1.00 30.52 ? 68   ARG A CG  1 
ATOM   452 C CD  . ARG A 1 68  ? -16.416 -5.156  -4.038  1.00 23.15 ? 68   ARG A CD  1 
ATOM   453 N NE  . ARG A 1 68  ? -16.152 -3.761  -4.398  1.00 22.69 ? 68   ARG A NE  1 
ATOM   454 C CZ  . ARG A 1 68  ? -15.621 -3.368  -5.552  1.00 17.98 ? 68   ARG A CZ  1 
ATOM   455 N NH1 . ARG A 1 68  ? -15.279 -4.257  -6.478  1.00 15.59 ? 68   ARG A NH1 1 
ATOM   456 N NH2 . ARG A 1 68  ? -15.431 -2.076  -5.776  1.00 22.75 ? 68   ARG A NH2 1 
ATOM   457 N N   . GLY A 1 69  ? -16.786 -7.131  -0.222  1.00 28.95 ? 69   GLY A N   1 
ATOM   458 C CA  . GLY A 1 69  ? -17.085 -8.498  0.159   1.00 33.37 ? 69   GLY A CA  1 
ATOM   459 C C   . GLY A 1 69  ? -16.127 -8.996  1.226   1.00 30.22 ? 69   GLY A C   1 
ATOM   460 O O   . GLY A 1 69  ? -15.650 -10.136 1.168   1.00 33.56 ? 69   GLY A O   1 
ATOM   461 N N   . GLY A 1 70  ? -15.830 -8.126  2.190   1.00 29.21 ? 70   GLY A N   1 
ATOM   462 C CA  . GLY A 1 70  ? -14.935 -8.464  3.285   1.00 29.21 ? 70   GLY A CA  1 
ATOM   463 C C   . GLY A 1 70  ? -13.463 -8.267  2.966   1.00 28.00 ? 70   GLY A C   1 
ATOM   464 O O   . GLY A 1 70  ? -12.604 -8.403  3.840   1.00 33.22 ? 70   GLY A O   1 
ATOM   465 N N   . ARG A 1 71  ? -13.166 -7.938  1.714   1.00 24.51 ? 71   ARG A N   1 
ATOM   466 C CA  . ARG A 1 71  ? -11.781 -7.831  1.265   1.00 21.50 ? 71   ARG A CA  1 
ATOM   467 C C   . ARG A 1 71  ? -11.274 -6.390  1.338   1.00 20.43 ? 71   ARG A C   1 
ATOM   468 O O   . ARG A 1 71  ? -11.879 -5.486  0.761   1.00 16.54 ? 71   ARG A O   1 
ATOM   469 C CB  . ARG A 1 71  ? -11.661 -8.361  -0.157  1.00 24.14 ? 71   ARG A CB  1 
ATOM   470 C CG  . ARG A 1 71  ? -10.248 -8.572  -0.607  1.00 24.28 ? 71   ARG A CG  1 
ATOM   471 C CD  . ARG A 1 71  ? -10.224 -9.508  -1.773  1.00 26.21 ? 71   ARG A CD  1 
ATOM   472 N NE  . ARG A 1 71  ? -8.872  -9.676  -2.277  1.00 21.79 ? 71   ARG A NE  1 
ATOM   473 C CZ  . ARG A 1 71  ? -8.593  -10.166 -3.475  1.00 22.54 ? 71   ARG A CZ  1 
ATOM   474 N NH1 . ARG A 1 71  ? -9.582  -10.530 -4.283  1.00 22.83 ? 71   ARG A NH1 1 
ATOM   475 N NH2 . ARG A 1 71  ? -7.330  -10.279 -3.866  1.00 22.91 ? 71   ARG A NH2 1 
ATOM   476 N N   . ALA A 1 72  ? -10.167 -6.186  2.054   1.00 13.06 ? 72   ALA A N   1 
ATOM   477 C CA  . ALA A 1 72  ? -9.629  -4.847  2.277   1.00 16.27 ? 72   ALA A CA  1 
ATOM   478 C C   . ALA A 1 72  ? -9.154  -4.225  0.963   1.00 10.77 ? 72   ALA A C   1 
ATOM   479 O O   . ALA A 1 72  ? -8.464  -4.862  0.161   1.00 12.94 ? 72   ALA A O   1 
ATOM   480 C CB  . ALA A 1 72  ? -8.493  -4.893  3.290   1.00 16.18 ? 72   ALA A CB  1 
ATOM   481 N N   . MET A 1 73  ? -9.531  -2.982  0.728   1.00 13.22 ? 73   MET A N   1 
ATOM   482 C CA  . MET A 1 73  ? -9.130  -2.352  -0.515  1.00 11.86 ? 73   MET A CA  1 
ATOM   483 C C   . MET A 1 73  ? -8.938  -0.865  -0.346  1.00 10.07 ? 73   MET A C   1 
ATOM   484 O O   . MET A 1 73  ? -9.309  -0.291  0.676   1.00 11.35 ? 73   MET A O   1 
ATOM   485 C CB  . MET A 1 73  ? -10.142 -2.656  -1.636  1.00 11.75 ? 73   MET A CB  1 
ATOM   486 C CG  . MET A 1 73  ? -11.603 -2.333  -1.301  1.00 21.20 ? 73   MET A CG  1 
ATOM   487 S SD  . MET A 1 73  ? -12.015 -0.570  -1.353  1.00 22.79 ? 73   MET A SD  1 
ATOM   488 C CE  . MET A 1 73  ? -13.789 -0.653  -1.631  1.00 25.24 ? 73   MET A CE  1 
ATOM   489 N N   . VAL A 1 74  ? -8.333  -0.249  -1.353  1.00 9.23  ? 74   VAL A N   1 
ATOM   490 C CA  . VAL A 1 74  ? -8.268  1.202   -1.425  1.00 10.62 ? 74   VAL A CA  1 
ATOM   491 C C   . VAL A 1 74  ? -8.894  1.648   -2.752  1.00 12.03 ? 74   VAL A C   1 
ATOM   492 O O   . VAL A 1 74  ? -8.664  1.034   -3.801  1.00 11.30 ? 74   VAL A O   1 
ATOM   493 C CB  . VAL A 1 74  ? -6.805  1.716   -1.293  1.00 10.03 ? 74   VAL A CB  1 
ATOM   494 C CG1 . VAL A 1 74  ? -5.916  1.111   -2.378  1.00 9.38  ? 74   VAL A CG1 1 
ATOM   495 C CG2 . VAL A 1 74  ? -6.757  3.246   -1.338  1.00 10.42 ? 74   VAL A CG2 1 
ATOM   496 N N   . GLN A 1 75  ? -9.708  2.696   -2.701  1.00 10.99 ? 75   GLN A N   1 
ATOM   497 C CA  . GLN A 1 75  ? -10.250 3.272   -3.922  1.00 15.97 ? 75   GLN A CA  1 
ATOM   498 C C   . GLN A 1 75  ? -9.410  4.451   -4.366  1.00 17.43 ? 75   GLN A C   1 
ATOM   499 O O   . GLN A 1 75  ? -9.105  5.334   -3.570  1.00 15.58 ? 75   GLN A O   1 
ATOM   500 C CB  . GLN A 1 75  ? -11.705 3.689   -3.731  1.00 16.36 ? 75   GLN A CB  1 
ATOM   501 C CG  . GLN A 1 75  ? -12.640 2.506   -3.752  1.00 26.28 ? 75   GLN A CG  1 
ATOM   502 C CD  . GLN A 1 75  ? -14.076 2.910   -3.576  1.00 34.27 ? 75   GLN A CD  1 
ATOM   503 O OE1 . GLN A 1 75  ? -14.412 3.642   -2.640  1.00 32.07 ? 75   GLN A OE1 1 
ATOM   504 N NE2 . GLN A 1 75  ? -14.940 2.445   -4.481  1.00 29.26 ? 75   GLN A NE2 1 
ATOM   505 N N   . SER A 1 76  ? -9.017  4.451   -5.636  1.00 14.91 ? 76   SER A N   1 
ATOM   506 C CA  . SER A 1 76  ? -8.242  5.557   -6.182  1.00 15.65 ? 76   SER A CA  1 
ATOM   507 C C   . SER A 1 76  ? -9.058  6.854   -6.082  1.00 16.21 ? 76   SER A C   1 
ATOM   508 O O   . SER A 1 76  ? -10.273 6.844   -6.292  1.00 15.69 ? 76   SER A O   1 
ATOM   509 C CB  . SER A 1 76  ? -7.863  5.265   -7.631  1.00 12.80 ? 76   SER A CB  1 
ATOM   510 O OG  . SER A 1 76  ? -9.024  5.004   -8.406  1.00 15.57 ? 76   SER A OG  1 
ATOM   511 N N   . PRO A 1 77  ? -8.392  7.970   -5.744  1.00 15.41 ? 77   PRO A N   1 
ATOM   512 C CA  . PRO A 1 77  ? -9.009  9.270   -5.428  1.00 19.88 ? 77   PRO A CA  1 
ATOM   513 C C   . PRO A 1 77  ? -9.998  9.859   -6.454  1.00 27.96 ? 77   PRO A C   1 
ATOM   514 O O   . PRO A 1 77  ? -11.070 10.318  -6.048  1.00 38.18 ? 77   PRO A O   1 
ATOM   515 C CB  . PRO A 1 77  ? -7.795  10.193  -5.283  1.00 18.69 ? 77   PRO A CB  1 
ATOM   516 C CG  . PRO A 1 77  ? -6.747  9.306   -4.762  1.00 16.64 ? 77   PRO A CG  1 
ATOM   517 C CD  . PRO A 1 77  ? -6.944  7.982   -5.475  1.00 14.24 ? 77   PRO A CD  1 
ATOM   518 N N   . ILE A 1 78  ? -9.656  9.872   -7.739  1.00 21.36 ? 78   ILE A N   1 
ATOM   519 C CA  . ILE A 1 78  ? -10.539 10.500  -8.736  1.00 27.88 ? 78   ILE A CA  1 
ATOM   520 C C   . ILE A 1 78  ? -11.429 9.450   -9.387  1.00 23.85 ? 78   ILE A C   1 
ATOM   521 O O   . ILE A 1 78  ? -12.663 9.523   -9.350  1.00 24.32 ? 78   ILE A O   1 
ATOM   522 C CB  . ILE A 1 78  ? -9.729  11.197  -9.858  1.00 24.81 ? 78   ILE A CB  1 
ATOM   523 C CG1 . ILE A 1 78  ? -8.807  12.282  -9.281  1.00 31.17 ? 78   ILE A CG1 1 
ATOM   524 C CG2 . ILE A 1 78  ? -10.665 11.774  -10.947 1.00 22.89 ? 78   ILE A CG2 1 
ATOM   525 C CD1 . ILE A 1 78  ? -9.536  13.512  -8.815  1.00 20.48 ? 78   ILE A CD1 1 
ATOM   526 N N   . LEU A 1 79  ? -10.761 8.456   -9.958  1.00 22.08 ? 79   LEU A N   1 
ATOM   527 C CA  . LEU A 1 79  ? -11.387 7.411   -10.755 1.00 20.26 ? 79   LEU A CA  1 
ATOM   528 C C   . LEU A 1 79  ? -12.232 6.440   -9.932  1.00 20.26 ? 79   LEU A C   1 
ATOM   529 O O   . LEU A 1 79  ? -13.067 5.731   -10.488 1.00 18.74 ? 79   LEU A O   1 
ATOM   530 C CB  . LEU A 1 79  ? -10.295 6.669   -11.532 1.00 21.07 ? 79   LEU A CB  1 
ATOM   531 C CG  . LEU A 1 79  ? -9.464  7.595   -12.435 1.00 24.06 ? 79   LEU A CG  1 
ATOM   532 C CD1 . LEU A 1 79  ? -8.287  6.876   -13.084 1.00 19.37 ? 79   LEU A CD1 1 
ATOM   533 C CD2 . LEU A 1 79  ? -10.350 8.227   -13.508 1.00 20.16 ? 79   LEU A CD2 1 
ATOM   534 N N   . LYS A 1 80  ? -12.012 6.423   -8.615  1.00 18.44 ? 80   LYS A N   1 
ATOM   535 C CA  . LYS A 1 80  ? -12.774 5.593   -7.677  1.00 20.36 ? 80   LYS A CA  1 
ATOM   536 C C   . LYS A 1 80  ? -12.805 4.104   -8.040  1.00 21.85 ? 80   LYS A C   1 
ATOM   537 O O   . LYS A 1 80  ? -13.853 3.466   -7.966  1.00 24.94 ? 80   LYS A O   1 
ATOM   538 C CB  . LYS A 1 80  ? -14.205 6.130   -7.498  1.00 27.07 ? 80   LYS A CB  1 
ATOM   539 C CG  . LYS A 1 80  ? -14.298 7.446   -6.724  1.00 30.38 ? 80   LYS A CG  1 
ATOM   540 N N   . GLN A 1 81  ? -11.662 3.560   -8.439  1.00 14.30 ? 81   GLN A N   1 
ATOM   541 C CA  . GLN A 1 81  ? -11.561 2.127   -8.708  1.00 15.66 ? 81   GLN A CA  1 
ATOM   542 C C   . GLN A 1 81  ? -10.898 1.417   -7.527  1.00 13.74 ? 81   GLN A C   1 
ATOM   543 O O   . GLN A 1 81  ? -9.954  1.947   -6.931  1.00 11.99 ? 81   GLN A O   1 
ATOM   544 C CB  . GLN A 1 81  ? -10.806 1.888   -10.018 1.00 15.35 ? 81   GLN A CB  1 
ATOM   545 C CG  . GLN A 1 81  ? -11.550 2.466   -11.201 1.00 16.93 ? 81   GLN A CG  1 
ATOM   546 C CD  . GLN A 1 81  ? -10.732 2.506   -12.468 1.00 18.95 ? 81   GLN A CD  1 
ATOM   547 O OE1 . GLN A 1 81  ? -9.892  3.393   -12.651 1.00 19.18 ? 81   GLN A OE1 1 
ATOM   548 N NE2 . GLN A 1 81  ? -10.986 1.560   -13.364 1.00 19.64 ? 81   GLN A NE2 1 
ATOM   549 N N   . ALA A 1 82  ? -11.406 0.234   -7.183  1.00 13.47 ? 82   ALA A N   1 
ATOM   550 C CA  . ALA A 1 82  ? -10.948 -0.501  -6.001  1.00 14.69 ? 82   ALA A CA  1 
ATOM   551 C C   . ALA A 1 82  ? -9.759  -1.415  -6.291  1.00 14.05 ? 82   ALA A C   1 
ATOM   552 O O   . ALA A 1 82  ? -9.773  -2.185  -7.265  1.00 13.00 ? 82   ALA A O   1 
ATOM   553 C CB  . ALA A 1 82  ? -12.102 -1.323  -5.396  1.00 14.41 ? 82   ALA A CB  1 
ATOM   554 N N   . PHE A 1 83  ? -8.735  -1.320  -5.443  1.00 9.17  ? 83   PHE A N   1 
ATOM   555 C CA  . PHE A 1 83  ? -7.564  -2.190  -5.510  1.00 14.87 ? 83   PHE A CA  1 
ATOM   556 C C   . PHE A 1 83  ? -7.413  -2.964  -4.196  1.00 13.86 ? 83   PHE A C   1 
ATOM   557 O O   . PHE A 1 83  ? -7.354  -2.366  -3.121  1.00 8.82  ? 83   PHE A O   1 
ATOM   558 C CB  . PHE A 1 83  ? -6.290  -1.378  -5.793  1.00 11.86 ? 83   PHE A CB  1 
ATOM   559 C CG  . PHE A 1 83  ? -6.287  -0.707  -7.146  1.00 15.63 ? 83   PHE A CG  1 
ATOM   560 C CD1 . PHE A 1 83  ? -6.903  0.523   -7.324  1.00 10.75 ? 83   PHE A CD1 1 
ATOM   561 C CD2 . PHE A 1 83  ? -5.675  -1.311  -8.244  1.00 14.79 ? 83   PHE A CD2 1 
ATOM   562 C CE1 . PHE A 1 83  ? -6.911  1.149   -8.566  1.00 14.27 ? 83   PHE A CE1 1 
ATOM   563 C CE2 . PHE A 1 83  ? -5.678  -0.690  -9.490  1.00 12.60 ? 83   PHE A CE2 1 
ATOM   564 C CZ  . PHE A 1 83  ? -6.299  0.547   -9.648  1.00 13.97 ? 83   PHE A CZ  1 
ATOM   565 N N   . ALA A 1 84  ? -7.349  -4.290  -4.295  1.00 11.30 ? 84   ALA A N   1 
ATOM   566 C CA  . ALA A 1 84  ? -7.150  -5.151  -3.127  1.00 12.40 ? 84   ALA A CA  1 
ATOM   567 C C   . ALA A 1 84  ? -5.791  -4.882  -2.475  1.00 12.57 ? 84   ALA A C   1 
ATOM   568 O O   . ALA A 1 84  ? -4.764  -4.845  -3.160  1.00 10.97 ? 84   ALA A O   1 
ATOM   569 C CB  . ALA A 1 84  ? -7.262  -6.611  -3.533  1.00 10.77 ? 84   ALA A CB  1 
ATOM   570 N N   . LEU A 1 85  ? -5.771  -4.695  -1.153  1.00 10.29 ? 85   LEU A N   1 
ATOM   571 C CA  . LEU A 1 85  ? -4.511  -4.360  -0.476  1.00 9.95  ? 85   LEU A CA  1 
ATOM   572 C C   . LEU A 1 85  ? -3.602  -5.583  -0.330  1.00 13.88 ? 85   LEU A C   1 
ATOM   573 O O   . LEU A 1 85  ? -2.379  -5.450  -0.175  1.00 13.20 ? 85   LEU A O   1 
ATOM   574 C CB  . LEU A 1 85  ? -4.777  -3.676  0.880   1.00 11.60 ? 85   LEU A CB  1 
ATOM   575 C CG  . LEU A 1 85  ? -5.355  -2.250  0.801   1.00 10.95 ? 85   LEU A CG  1 
ATOM   576 C CD1 . LEU A 1 85  ? -5.779  -1.722  2.189   1.00 9.53  ? 85   LEU A CD1 1 
ATOM   577 C CD2 . LEU A 1 85  ? -4.349  -1.301  0.163   1.00 10.98 ? 85   LEU A CD2 1 
ATOM   578 N N   . ASP A 1 86  ? -4.188  -6.778  -0.410  1.00 12.76 ? 86   ASP A N   1 
ATOM   579 C CA  . ASP A 1 86  ? -3.410  -7.997  -0.217  1.00 15.02 ? 86   ASP A CA  1 
ATOM   580 C C   . ASP A 1 86  ? -2.547  -8.380  -1.426  1.00 16.13 ? 86   ASP A C   1 
ATOM   581 O O   . ASP A 1 86  ? -1.420  -8.838  -1.259  1.00 19.68 ? 86   ASP A O   1 
ATOM   582 C CB  . ASP A 1 86  ? -4.276  -9.182  0.277   1.00 20.91 ? 86   ASP A CB  1 
ATOM   583 C CG  . ASP A 1 86  ? -5.361  -9.603  -0.723  1.00 22.79 ? 86   ASP A CG  1 
ATOM   584 O OD1 . ASP A 1 86  ? -5.459  -9.020  -1.823  1.00 16.45 ? 86   ASP A OD1 1 
ATOM   585 O OD2 . ASP A 1 86  ? -6.115  -10.544 -0.401  1.00 25.54 ? 86   ASP A OD2 1 
ATOM   586 N N   . ASP A 1 87  ? -3.052  -8.161  -2.637  1.00 13.52 ? 87   ASP A N   1 
ATOM   587 C CA  . ASP A 1 87  ? -2.287  -8.531  -3.828  1.00 19.08 ? 87   ASP A CA  1 
ATOM   588 C C   . ASP A 1 87  ? -2.232  -7.443  -4.908  1.00 14.96 ? 87   ASP A C   1 
ATOM   589 O O   . ASP A 1 87  ? -1.737  -7.684  -6.007  1.00 14.79 ? 87   ASP A O   1 
ATOM   590 C CB  . ASP A 1 87  ? -2.803  -9.848  -4.414  1.00 16.61 ? 87   ASP A CB  1 
ATOM   591 C CG  . ASP A 1 87  ? -4.242  -9.758  -4.897  1.00 22.30 ? 87   ASP A CG  1 
ATOM   592 O OD1 . ASP A 1 87  ? -4.821  -8.644  -4.943  1.00 20.92 ? 87   ASP A OD1 1 
ATOM   593 O OD2 . ASP A 1 87  ? -4.803  -10.820 -5.235  1.00 28.66 ? 87   ASP A OD2 1 
ATOM   594 N N   . GLY A 1 88  ? -2.762  -6.263  -4.602  1.00 11.08 ? 88   GLY A N   1 
ATOM   595 C CA  . GLY A 1 88  ? -2.722  -5.151  -5.537  1.00 10.70 ? 88   GLY A CA  1 
ATOM   596 C C   . GLY A 1 88  ? -3.645  -5.257  -6.743  1.00 14.49 ? 88   GLY A C   1 
ATOM   597 O O   . GLY A 1 88  ? -3.669  -4.352  -7.580  1.00 12.75 ? 88   GLY A O   1 
ATOM   598 N N   . SER A 1 89  ? -4.412  -6.342  -6.846  1.00 15.74 ? 89   SER A N   1 
ATOM   599 C CA  . SER A 1 89  ? -5.307  -6.506  -7.995  1.00 14.84 ? 89   SER A CA  1 
ATOM   600 C C   . SER A 1 89  ? -6.430  -5.474  -8.003  1.00 15.15 ? 89   SER A C   1 
ATOM   601 O O   . SER A 1 89  ? -7.022  -5.158  -6.964  1.00 14.37 ? 89   SER A O   1 
ATOM   602 C CB  . SER A 1 89  ? -5.892  -7.924  -8.065  1.00 17.26 ? 89   SER A CB  1 
ATOM   603 O OG  . SER A 1 89  ? -6.666  -8.229  -6.917  1.00 20.52 ? 89   SER A OG  1 
ATOM   604 N N   . CYS A 1 90  ? -6.731  -4.949  -9.185  1.00 15.87 ? 90   CYS A N   1 
ATOM   605 C CA  . CYS A 1 90  ? -7.894  -4.086  -9.329  1.00 13.99 ? 90   CYS A CA  1 
ATOM   606 C C   . CYS A 1 90  ? -9.138  -4.962  -9.273  1.00 13.81 ? 90   CYS A C   1 
ATOM   607 O O   . CYS A 1 90  ? -9.350  -5.825  -10.128 1.00 12.95 ? 90   CYS A O   1 
ATOM   608 C CB  . CYS A 1 90  ? -7.855  -3.314  -10.645 1.00 13.31 ? 90   CYS A CB  1 
ATOM   609 S SG  . CYS A 1 90  ? -9.239  -2.146  -10.846 1.00 15.68 ? 90   CYS A SG  1 
ATOM   610 N N   . LEU A 1 91  ? -9.963  -4.738  -8.260  1.00 12.74 ? 91   LEU A N   1 
ATOM   611 C CA  . LEU A 1 91  ? -11.152 -5.559  -8.070  1.00 13.51 ? 91   LEU A CA  1 
ATOM   612 C C   . LEU A 1 91  ? -12.237 -5.224  -9.099  1.00 13.81 ? 91   LEU A C   1 
ATOM   613 O O   . LEU A 1 91  ? -13.169 -5.994  -9.288  1.00 15.37 ? 91   LEU A O   1 
ATOM   614 C CB  . LEU A 1 91  ? -11.676 -5.406  -6.640  1.00 17.33 ? 91   LEU A CB  1 
ATOM   615 C CG  . LEU A 1 91  ? -10.726 -5.870  -5.520  1.00 13.84 ? 91   LEU A CG  1 
ATOM   616 C CD1 . LEU A 1 91  ? -11.311 -5.548  -4.142  1.00 14.04 ? 91   LEU A CD1 1 
ATOM   617 C CD2 . LEU A 1 91  ? -10.426 -7.367  -5.638  1.00 15.66 ? 91   LEU A CD2 1 
ATOM   618 N N   . ASP A 1 92  ? -12.106 -4.080  -9.772  1.00 12.02 ? 92   ASP A N   1 
ATOM   619 C CA  . ASP A 1 92  ? -13.103 -3.654  -10.770 1.00 12.47 ? 92   ASP A CA  1 
ATOM   620 C C   . ASP A 1 92  ? -12.717 -4.024  -12.208 1.00 18.65 ? 92   ASP A C   1 
ATOM   621 O O   . ASP A 1 92  ? -13.561 -4.013  -13.105 1.00 16.87 ? 92   ASP A O   1 
ATOM   622 C CB  . ASP A 1 92  ? -13.344 -2.145  -10.693 1.00 9.75  ? 92   ASP A CB  1 
ATOM   623 C CG  . ASP A 1 92  ? -13.893 -1.698  -9.338  1.00 17.23 ? 92   ASP A CG  1 
ATOM   624 O OD1 . ASP A 1 92  ? -14.579 -2.495  -8.652  1.00 16.64 ? 92   ASP A OD1 1 
ATOM   625 O OD2 . ASP A 1 92  ? -13.644 -0.532  -8.975  1.00 12.16 ? 92   ASP A OD2 1 
ATOM   626 N N   . ASP A 1 93  ? -11.437 -4.324  -12.422 1.00 17.47 ? 93   ASP A N   1 
ATOM   627 C CA  . ASP A 1 93  ? -10.924 -4.693  -13.742 1.00 17.92 ? 93   ASP A CA  1 
ATOM   628 C C   . ASP A 1 93  ? -9.745  -5.631  -13.549 1.00 19.65 ? 93   ASP A C   1 
ATOM   629 O O   . ASP A 1 93  ? -8.622  -5.183  -13.299 1.00 18.25 ? 93   ASP A O   1 
ATOM   630 C CB  . ASP A 1 93  ? -10.484 -3.447  -14.524 1.00 17.45 ? 93   ASP A CB  1 
ATOM   631 C CG  . ASP A 1 93  ? -10.126 -3.754  -15.983 1.00 17.72 ? 93   ASP A CG  1 
ATOM   632 O OD1 . ASP A 1 93  ? -9.882  -4.930  -16.325 1.00 18.71 ? 93   ASP A OD1 1 
ATOM   633 O OD2 . ASP A 1 93  ? -10.072 -2.802  -16.792 1.00 19.67 ? 93   ASP A OD2 1 
ATOM   634 N N   . PRO A 1 94  ? -10.001 -6.943  -13.671 1.00 23.87 ? 94   PRO A N   1 
ATOM   635 C CA  . PRO A 1 94  ? -9.032  -8.018  -13.423 1.00 25.48 ? 94   PRO A CA  1 
ATOM   636 C C   . PRO A 1 94  ? -7.732  -7.889  -14.224 1.00 29.03 ? 94   PRO A C   1 
ATOM   637 O O   . PRO A 1 94  ? -6.714  -8.454  -13.811 1.00 29.01 ? 94   PRO A O   1 
ATOM   638 C CB  . PRO A 1 94  ? -9.793  -9.278  -13.848 1.00 33.11 ? 94   PRO A CB  1 
ATOM   639 C CG  . PRO A 1 94  ? -11.235 -8.924  -13.663 1.00 28.31 ? 94   PRO A CG  1 
ATOM   640 C CD  . PRO A 1 94  ? -11.328 -7.469  -14.042 1.00 24.47 ? 94   PRO A CD  1 
ATOM   641 N N   . ARG A 1 95  ? -7.763  -7.147  -15.330 1.00 19.15 ? 95   ARG A N   1 
ATOM   642 C CA  . ARG A 1 95  ? -6.598  -6.997  -16.200 1.00 25.52 ? 95   ARG A CA  1 
ATOM   643 C C   . ARG A 1 95  ? -5.590  -5.968  -15.693 1.00 25.26 ? 95   ARG A C   1 
ATOM   644 O O   . ARG A 1 95  ? -4.502  -5.822  -16.259 1.00 22.25 ? 95   ARG A O   1 
ATOM   645 C CB  . ARG A 1 95  ? -7.053  -6.573  -17.597 1.00 26.13 ? 95   ARG A CB  1 
ATOM   646 C CG  . ARG A 1 95  ? -8.212  -7.385  -18.144 1.00 25.98 ? 95   ARG A CG  1 
ATOM   647 C CD  . ARG A 1 95  ? -8.807  -6.685  -19.344 1.00 26.68 ? 95   ARG A CD  1 
ATOM   648 N NE  . ARG A 1 95  ? -9.426  -5.405  -18.992 1.00 27.36 ? 95   ARG A NE  1 
ATOM   649 C CZ  . ARG A 1 95  ? -10.103 -4.649  -19.855 1.00 24.81 ? 95   ARG A CZ  1 
ATOM   650 N NH1 . ARG A 1 95  ? -10.248 -5.061  -21.108 1.00 29.20 ? 95   ARG A NH1 1 
ATOM   651 N NH2 . ARG A 1 95  ? -10.637 -3.492  -19.472 1.00 19.38 ? 95   ARG A NH2 1 
ATOM   652 N N   . VAL A 1 96  ? -5.964  -5.239  -14.647 1.00 24.17 ? 96   VAL A N   1 
ATOM   653 C CA  . VAL A 1 96  ? -5.149  -4.140  -14.145 1.00 19.33 ? 96   VAL A CA  1 
ATOM   654 C C   . VAL A 1 96  ? -4.767  -4.427  -12.692 1.00 19.73 ? 96   VAL A C   1 
ATOM   655 O O   . VAL A 1 96  ? -5.492  -5.120  -11.984 1.00 15.40 ? 96   VAL A O   1 
ATOM   656 C CB  . VAL A 1 96  ? -5.908  -2.792  -14.264 1.00 21.07 ? 96   VAL A CB  1 
ATOM   657 C CG1 . VAL A 1 96  ? -5.090  -1.629  -13.704 1.00 15.70 ? 96   VAL A CG1 1 
ATOM   658 C CG2 . VAL A 1 96  ? -6.287  -2.525  -15.722 1.00 20.46 ? 96   VAL A CG2 1 
ATOM   659 N N   . SER A 1 97  ? -3.609  -3.926  -12.260 1.00 15.17 ? 97   SER A N   1 
ATOM   660 C CA  . SER A 1 97  ? -3.195  -4.050  -10.868 1.00 14.76 ? 97   SER A CA  1 
ATOM   661 C C   . SER A 1 97  ? -2.144  -2.994  -10.519 1.00 16.23 ? 97   SER A C   1 
ATOM   662 O O   . SER A 1 97  ? -1.583  -2.333  -11.404 1.00 13.42 ? 97   SER A O   1 
ATOM   663 C CB  . SER A 1 97  ? -2.667  -5.463  -10.583 1.00 16.37 ? 97   SER A CB  1 
ATOM   664 O OG  . SER A 1 97  ? -1.484  -5.725  -11.320 1.00 17.19 ? 97   SER A OG  1 
ATOM   665 N N   . VAL A 1 98  ? -1.911  -2.813  -9.224  1.00 12.24 ? 98   VAL A N   1 
ATOM   666 C CA  . VAL A 1 98  ? -0.720  -2.116  -8.751  1.00 11.70 ? 98   VAL A CA  1 
ATOM   667 C C   . VAL A 1 98  ? 0.174   -3.145  -8.088  1.00 12.59 ? 98   VAL A C   1 
ATOM   668 O O   . VAL A 1 98  ? -0.316  -4.197  -7.646  1.00 14.10 ? 98   VAL A O   1 
ATOM   669 C CB  . VAL A 1 98  ? -1.052  -1.009  -7.719  1.00 11.61 ? 98   VAL A CB  1 
ATOM   670 C CG1 . VAL A 1 98  ? -1.715  0.169   -8.405  1.00 12.98 ? 98   VAL A CG1 1 
ATOM   671 C CG2 . VAL A 1 98  ? -1.917  -1.565  -6.576  1.00 11.28 ? 98   VAL A CG2 1 
ATOM   672 N N   . PRO A 1 99  ? 1.486   -2.858  -8.009  1.00 11.56 ? 99   PRO A N   1 
ATOM   673 C CA  . PRO A 1 99  ? 2.381   -3.771  -7.289  1.00 13.01 ? 99   PRO A CA  1 
ATOM   674 C C   . PRO A 1 99  ? 2.063   -3.793  -5.806  1.00 11.22 ? 99   PRO A C   1 
ATOM   675 O O   . PRO A 1 99  ? 1.548   -2.809  -5.260  1.00 11.65 ? 99   PRO A O   1 
ATOM   676 C CB  . PRO A 1 99  ? 3.776   -3.154  -7.509  1.00 12.71 ? 99   PRO A CB  1 
ATOM   677 C CG  . PRO A 1 99  ? 3.505   -1.710  -7.835  1.00 13.55 ? 99   PRO A CG  1 
ATOM   678 C CD  . PRO A 1 99  ? 2.226   -1.743  -8.631  1.00 15.18 ? 99   PRO A CD  1 
ATOM   679 N N   . VAL A 1 100 ? 2.364   -4.915  -5.163  1.00 10.62 ? 100  VAL A N   1 
ATOM   680 C CA  . VAL A 1 100 ? 2.226   -5.029  -3.722  1.00 9.55  ? 100  VAL A CA  1 
ATOM   681 C C   . VAL A 1 100 ? 3.618   -5.265  -3.158  1.00 10.81 ? 100  VAL A C   1 
ATOM   682 O O   . VAL A 1 100 ? 4.441   -5.928  -3.788  1.00 11.25 ? 100  VAL A O   1 
ATOM   683 C CB  . VAL A 1 100 ? 1.230   -6.161  -3.313  1.00 11.92 ? 100  VAL A CB  1 
ATOM   684 C CG1 . VAL A 1 100 ? 1.659   -7.511  -3.904  1.00 14.34 ? 100  VAL A CG1 1 
ATOM   685 C CG2 . VAL A 1 100 ? 1.088   -6.251  -1.793  1.00 9.46  ? 100  VAL A CG2 1 
ATOM   686 N N   . TYR A 1 101 ? 3.900   -4.677  -2.001  1.00 8.63  ? 101  TYR A N   1 
ATOM   687 C CA  . TYR A 1 101 ? 5.227   -4.757  -1.407  1.00 9.74  ? 101  TYR A CA  1 
ATOM   688 C C   . TYR A 1 101 ? 5.092   -5.372  -0.023  1.00 9.95  ? 101  TYR A C   1 
ATOM   689 O O   . TYR A 1 101 ? 4.165   -5.032  0.716   1.00 9.52  ? 101  TYR A O   1 
ATOM   690 C CB  . TYR A 1 101 ? 5.866   -3.359  -1.296  1.00 6.02  ? 101  TYR A CB  1 
ATOM   691 C CG  . TYR A 1 101 ? 6.079   -2.678  -2.629  1.00 11.26 ? 101  TYR A CG  1 
ATOM   692 C CD1 . TYR A 1 101 ? 5.036   -2.003  -3.262  1.00 10.74 ? 101  TYR A CD1 1 
ATOM   693 C CD2 . TYR A 1 101 ? 7.313   -2.727  -3.268  1.00 11.33 ? 101  TYR A CD2 1 
ATOM   694 C CE1 . TYR A 1 101 ? 5.226   -1.376  -4.492  1.00 12.54 ? 101  TYR A CE1 1 
ATOM   695 C CE2 . TYR A 1 101 ? 7.512   -2.105  -4.499  1.00 14.91 ? 101  TYR A CE2 1 
ATOM   696 C CZ  . TYR A 1 101 ? 6.466   -1.439  -5.105  1.00 13.04 ? 101  TYR A CZ  1 
ATOM   697 O OH  . TYR A 1 101 ? 6.665   -0.831  -6.328  1.00 14.90 ? 101  TYR A OH  1 
ATOM   698 N N   . PRO A 1 102 ? 6.015   -6.276  0.335   1.00 13.69 ? 102  PRO A N   1 
ATOM   699 C CA  . PRO A 1 102 ? 5.988   -6.796  1.711   1.00 13.26 ? 102  PRO A CA  1 
ATOM   700 C C   . PRO A 1 102 ? 6.066   -5.647  2.714   1.00 10.63 ? 102  PRO A C   1 
ATOM   701 O O   . PRO A 1 102 ? 6.825   -4.685  2.530   1.00 11.15 ? 102  PRO A O   1 
ATOM   702 C CB  . PRO A 1 102 ? 7.249   -7.661  1.793   1.00 16.67 ? 102  PRO A CB  1 
ATOM   703 C CG  . PRO A 1 102 ? 7.542   -8.048  0.347   1.00 19.45 ? 102  PRO A CG  1 
ATOM   704 C CD  . PRO A 1 102 ? 7.114   -6.842  -0.471  1.00 11.00 ? 102  PRO A CD  1 
ATOM   705 N N   . ALA A 1 103 ? 5.252   -5.733  3.755   1.00 9.86  ? 103  ALA A N   1 
ATOM   706 C CA  . ALA A 1 103 ? 5.208   -4.703  4.776   1.00 9.98  ? 103  ALA A CA  1 
ATOM   707 C C   . ALA A 1 103 ? 5.080   -5.375  6.133   1.00 13.70 ? 103  ALA A C   1 
ATOM   708 O O   . ALA A 1 103 ? 4.295   -6.311  6.310   1.00 13.63 ? 103  ALA A O   1 
ATOM   709 C CB  . ALA A 1 103 ? 4.048   -3.754  4.526   1.00 8.35  ? 103  ALA A CB  1 
ATOM   710 N N   . ARG A 1 104 ? 5.864   -4.908  7.093   1.00 11.15 ? 104  ARG A N   1 
ATOM   711 C CA  . ARG A 1 104 ? 5.862   -5.527  8.407   1.00 11.20 ? 104  ARG A CA  1 
ATOM   712 C C   . ARG A 1 104 ? 5.937   -4.493  9.519   1.00 12.34 ? 104  ARG A C   1 
ATOM   713 O O   . ARG A 1 104 ? 6.301   -3.327  9.291   1.00 9.30  ? 104  ARG A O   1 
ATOM   714 C CB  . ARG A 1 104 ? 7.036   -6.521  8.527   1.00 9.74  ? 104  ARG A CB  1 
ATOM   715 C CG  . ARG A 1 104 ? 8.408   -5.859  8.525   1.00 12.61 ? 104  ARG A CG  1 
ATOM   716 C CD  . ARG A 1 104 ? 9.505   -6.900  8.703   1.00 13.84 ? 104  ARG A CD  1 
ATOM   717 N NE  . ARG A 1 104 ? 10.841  -6.301  8.759   1.00 14.42 ? 104  ARG A NE  1 
ATOM   718 C CZ  . ARG A 1 104 ? 11.968  -7.002  8.699   1.00 17.28 ? 104  ARG A CZ  1 
ATOM   719 N NH1 . ARG A 1 104 ? 11.915  -8.327  8.576   1.00 10.66 ? 104  ARG A NH1 1 
ATOM   720 N NH2 . ARG A 1 104 ? 13.146  -6.379  8.745   1.00 15.66 ? 104  ARG A NH2 1 
ATOM   721 N N   . VAL A 1 105 ? 5.564   -4.924  10.721  1.00 8.48  ? 105  VAL A N   1 
ATOM   722 C CA  . VAL A 1 105 ? 5.802   -4.137  11.922  1.00 7.66  ? 105  VAL A CA  1 
ATOM   723 C C   . VAL A 1 105 ? 6.751   -4.946  12.802  1.00 8.61  ? 105  VAL A C   1 
ATOM   724 O O   . VAL A 1 105 ? 6.426   -6.065  13.209  1.00 11.45 ? 105  VAL A O   1 
ATOM   725 C CB  . VAL A 1 105 ? 4.482   -3.818  12.673  1.00 9.30  ? 105  VAL A CB  1 
ATOM   726 C CG1 . VAL A 1 105 ? 4.726   -2.809  13.788  1.00 6.95  ? 105  VAL A CG1 1 
ATOM   727 C CG2 . VAL A 1 105 ? 3.428   -3.296  11.700  1.00 9.11  ? 105  VAL A CG2 1 
ATOM   728 N N   . THR A 1 106 ? 7.938   -4.401  13.063  1.00 8.84  ? 106  THR A N   1 
ATOM   729 C CA  . THR A 1 106 ? 8.936   -5.098  13.875  1.00 9.80  ? 106  THR A CA  1 
ATOM   730 C C   . THR A 1 106 ? 8.399   -5.234  15.300  1.00 13.55 ? 106  THR A C   1 
ATOM   731 O O   . THR A 1 106 ? 7.480   -4.495  15.685  1.00 11.49 ? 106  THR A O   1 
ATOM   732 C CB  . THR A 1 106 ? 10.286  -4.335  13.905  1.00 11.82 ? 106  THR A CB  1 
ATOM   733 O OG1 . THR A 1 106 ? 10.087  -3.068  14.533  1.00 10.20 ? 106  THR A OG1 1 
ATOM   734 C CG2 . THR A 1 106 ? 10.848  -4.115  12.484  1.00 13.52 ? 106  THR A CG2 1 
ATOM   735 N N   . PRO A 1 107 ? 8.968   -6.164  16.098  1.00 14.31 ? 107  PRO A N   1 
ATOM   736 C CA  . PRO A 1 107 ? 8.477   -6.295  17.475  1.00 14.37 ? 107  PRO A CA  1 
ATOM   737 C C   . PRO A 1 107 ? 8.574   -4.993  18.260  1.00 14.97 ? 107  PRO A C   1 
ATOM   738 O O   . PRO A 1 107 ? 7.734   -4.741  19.133  1.00 18.51 ? 107  PRO A O   1 
ATOM   739 C CB  . PRO A 1 107 ? 9.393   -7.366  18.062  1.00 14.83 ? 107  PRO A CB  1 
ATOM   740 C CG  . PRO A 1 107 ? 9.702   -8.239  16.887  1.00 17.95 ? 107  PRO A CG  1 
ATOM   741 C CD  . PRO A 1 107 ? 9.882   -7.269  15.745  1.00 14.68 ? 107  PRO A CD  1 
ATOM   742 N N   . GLU A 1 108 ? 9.557   -4.163  17.916  1.00 15.81 ? 108  GLU A N   1 
ATOM   743 C CA  . GLU A 1 108 ? 9.788   -2.890  18.597  1.00 14.21 ? 108  GLU A CA  1 
ATOM   744 C C   . GLU A 1 108 ? 8.865   -1.776  18.104  1.00 19.21 ? 108  GLU A C   1 
ATOM   745 O O   . GLU A 1 108 ? 8.879   -0.666  18.643  1.00 21.19 ? 108  GLU A O   1 
ATOM   746 C CB  . GLU A 1 108 ? 11.255  -2.457  18.448  1.00 16.93 ? 108  GLU A CB  1 
ATOM   747 C CG  . GLU A 1 108 ? 12.253  -3.378  19.143  1.00 20.56 ? 108  GLU A CG  1 
ATOM   748 C CD  . GLU A 1 108 ? 12.489  -4.691  18.396  1.00 22.77 ? 108  GLU A CD  1 
ATOM   749 O OE1 . GLU A 1 108 ? 12.246  -4.752  17.162  1.00 21.64 ? 108  GLU A OE1 1 
ATOM   750 O OE2 . GLU A 1 108 ? 12.925  -5.671  19.046  1.00 22.94 ? 108  GLU A OE2 1 
ATOM   751 N N   . GLY A 1 109 ? 8.076   -2.060  17.070  1.00 15.50 ? 109  GLY A N   1 
ATOM   752 C CA  . GLY A 1 109 ? 7.060   -1.121  16.627  1.00 11.82 ? 109  GLY A CA  1 
ATOM   753 C C   . GLY A 1 109 ? 7.449   -0.194  15.488  1.00 13.64 ? 109  GLY A C   1 
ATOM   754 O O   . GLY A 1 109 ? 6.950   0.929   15.403  1.00 12.43 ? 109  GLY A O   1 
ATOM   755 N N   . ARG A 1 110 ? 8.338   -0.647  14.612  1.00 14.52 ? 110  ARG A N   1 
ATOM   756 C CA  . ARG A 1 110 ? 8.692   0.135   13.427  1.00 12.30 ? 110  ARG A CA  1 
ATOM   757 C C   . ARG A 1 110 ? 8.029   -0.477  12.207  1.00 11.20 ? 110  ARG A C   1 
ATOM   758 O O   . ARG A 1 110 ? 8.082   -1.697  12.012  1.00 9.78  ? 110  ARG A O   1 
ATOM   759 C CB  . ARG A 1 110 ? 10.211  0.158   13.217  1.00 16.50 ? 110  ARG A CB  1 
ATOM   760 C CG  . ARG A 1 110 ? 10.995  0.957   14.253  1.00 22.83 ? 110  ARG A CG  1 
ATOM   761 N N   . ILE A 1 111 ? 7.402   0.362   11.390  1.00 10.09 ? 111  ILE A N   1 
ATOM   762 C CA  . ILE A 1 111 ? 6.832   -0.107  10.133  1.00 8.31  ? 111  ILE A CA  1 
ATOM   763 C C   . ILE A 1 111 ? 7.893   -0.084  9.038   1.00 10.64 ? 111  ILE A C   1 
ATOM   764 O O   . ILE A 1 111 ? 8.539   0.940   8.803   1.00 11.25 ? 111  ILE A O   1 
ATOM   765 C CB  . ILE A 1 111 ? 5.629   0.748   9.685   1.00 7.35  ? 111  ILE A CB  1 
ATOM   766 C CG1 . ILE A 1 111 ? 4.543   0.730   10.765  1.00 9.05  ? 111  ILE A CG1 1 
ATOM   767 C CG2 . ILE A 1 111 ? 5.074   0.226   8.356   1.00 7.49  ? 111  ILE A CG2 1 
ATOM   768 C CD1 . ILE A 1 111 ? 3.389   1.673   10.491  1.00 10.03 ? 111  ILE A CD1 1 
ATOM   769 N N   . GLN A 1 112 ? 8.088   -1.223  8.384   1.00 7.33  ? 112  GLN A N   1 
ATOM   770 C CA  . GLN A 1 112 ? 9.000   -1.290  7.251   1.00 12.10 ? 112  GLN A CA  1 
ATOM   771 C C   . GLN A 1 112 ? 8.303   -1.812  6.014   1.00 10.69 ? 112  GLN A C   1 
ATOM   772 O O   . GLN A 1 112 ? 7.318   -2.553  6.107   1.00 9.57  ? 112  GLN A O   1 
ATOM   773 C CB  . GLN A 1 112 ? 10.168  -2.214  7.560   1.00 9.88  ? 112  GLN A CB  1 
ATOM   774 C CG  . GLN A 1 112 ? 10.987  -1.803  8.752   1.00 11.76 ? 112  GLN A CG  1 
ATOM   775 C CD  . GLN A 1 112 ? 12.261  -2.595  8.824   1.00 12.15 ? 112  GLN A CD  1 
ATOM   776 O OE1 . GLN A 1 112 ? 12.243  -3.789  9.127   1.00 14.13 ? 112  GLN A OE1 1 
ATOM   777 N NE2 . GLN A 1 112 ? 13.382  -1.940  8.526   1.00 15.04 ? 112  GLN A NE2 1 
ATOM   778 N N   . VAL A 1 113 ? 8.843   -1.435  4.861   1.00 7.08  ? 113  VAL A N   1 
ATOM   779 C CA  . VAL A 1 113 ? 8.349   -1.893  3.577   1.00 7.45  ? 113  VAL A CA  1 
ATOM   780 C C   . VAL A 1 113 ? 9.525   -2.392  2.759   1.00 9.70  ? 113  VAL A C   1 
ATOM   781 O O   . VAL A 1 113 ? 10.566  -1.726  2.684   1.00 9.23  ? 113  VAL A O   1 
ATOM   782 C CB  . VAL A 1 113 ? 7.654   -0.749  2.797   1.00 8.08  ? 113  VAL A CB  1 
ATOM   783 C CG1 . VAL A 1 113 ? 7.182   -1.251  1.432   1.00 6.84  ? 113  VAL A CG1 1 
ATOM   784 C CG2 . VAL A 1 113 ? 6.496   -0.173  3.597   1.00 7.14  ? 113  VAL A CG2 1 
ATOM   785 N N   . ALA A 1 114 ? 9.370   -3.558  2.143   1.00 9.24  ? 114  ALA A N   1 
ATOM   786 C CA  . ALA A 1 114 ? 10.455  -4.128  1.360   1.00 9.70  ? 114  ALA A CA  1 
ATOM   787 C C   . ALA A 1 114 ? 10.188  -4.021  -0.127  1.00 11.36 ? 114  ALA A C   1 
ATOM   788 O O   . ALA A 1 114 ? 9.043   -3.954  -0.572  1.00 11.16 ? 114  ALA A O   1 
ATOM   789 C CB  . ALA A 1 114 ? 10.672  -5.593  1.736   1.00 13.31 ? 114  ALA A CB  1 
ATOM   790 N N   . ARG A 1 115 ? 11.258  -3.986  -0.903  1.00 11.72 ? 115  ARG A N   1 
ATOM   791 C CA  . ARG A 1 115 ? 11.148  -4.317  -2.310  1.00 14.88 ? 115  ARG A CA  1 
ATOM   792 C C   . ARG A 1 115 ? 11.970  -5.578  -2.471  1.00 14.79 ? 115  ARG A C   1 
ATOM   793 O O   . ARG A 1 115 ? 12.936  -5.804  -1.734  1.00 16.42 ? 115  ARG A O   1 
ATOM   794 C CB  . ARG A 1 115 ? 11.684  -3.204  -3.209  1.00 19.42 ? 115  ARG A CB  1 
ATOM   795 C CG  . ARG A 1 115 ? 13.162  -2.962  -3.038  1.00 16.20 ? 115  ARG A CG  1 
ATOM   796 C CD  . ARG A 1 115 ? 13.782  -2.318  -4.255  1.00 24.84 ? 115  ARG A CD  1 
ATOM   797 N NE  . ARG A 1 115 ? 15.175  -1.999  -3.983  1.00 23.66 ? 115  ARG A NE  1 
ATOM   798 C CZ  . ARG A 1 115 ? 16.218  -2.537  -4.609  1.00 24.33 ? 115  ARG A CZ  1 
ATOM   799 N NH1 . ARG A 1 115 ? 16.037  -3.420  -5.582  1.00 20.90 ? 115  ARG A NH1 1 
ATOM   800 N NH2 . ARG A 1 115 ? 17.447  -2.171  -4.263  1.00 18.35 ? 115  ARG A NH2 1 
ATOM   801 N N   . VAL A 1 116 ? 11.583  -6.413  -3.423  1.00 15.23 ? 116  VAL A N   1 
ATOM   802 C CA  . VAL A 1 116 ? 12.271  -7.668  -3.636  1.00 18.25 ? 116  VAL A CA  1 
ATOM   803 C C   . VAL A 1 116 ? 13.316  -7.484  -4.720  1.00 20.52 ? 116  VAL A C   1 
ATOM   804 O O   . VAL A 1 116 ? 13.008  -7.001  -5.814  1.00 22.43 ? 116  VAL A O   1 
ATOM   805 C CB  . VAL A 1 116 ? 11.283  -8.794  -4.019  1.00 19.61 ? 116  VAL A CB  1 
ATOM   806 C CG1 . VAL A 1 116 ? 12.034  -10.063 -4.388  1.00 21.14 ? 116  VAL A CG1 1 
ATOM   807 C CG2 . VAL A 1 116 ? 10.313  -9.051  -2.881  1.00 25.36 ? 116  VAL A CG2 1 
ATOM   808 N N   . ALA A 1 117 ? 14.558  -7.835  -4.405  1.00 17.97 ? 117  ALA A N   1 
ATOM   809 C CA  . ALA A 1 117 ? 15.636  -7.765  -5.382  1.00 23.02 ? 117  ALA A CA  1 
ATOM   810 C C   . ALA A 1 117 ? 16.251  -9.145  -5.600  1.00 25.81 ? 117  ALA A C   1 
ATOM   811 O O   . ALA A 1 117 ? 15.969  -10.088 -4.852  1.00 20.46 ? 117  ALA A O   1 
ATOM   812 C CB  . ALA A 1 117 ? 16.698  -6.761  -4.938  1.00 25.06 ? 117  ALA A CB  1 
ATOM   813 N N   . VAL A 1 118 ? 17.096  -9.257  -6.619  1.00 33.06 ? 118  VAL A N   1 
ATOM   814 C CA  . VAL A 1 118 ? 17.773  -10.517 -6.924  1.00 36.05 ? 118  VAL A CA  1 
ATOM   815 C C   . VAL A 1 118 ? 19.058  -10.701 -6.111  1.00 37.13 ? 118  VAL A C   1 
ATOM   816 O O   . VAL A 1 118 ? 19.398  -11.826 -5.723  1.00 39.79 ? 118  VAL A O   1 
ATOM   817 C CB  . VAL A 1 118 ? 18.109  -10.612 -8.416  1.00 25.07 ? 118  VAL A CB  1 
ATOM   818 C CG1 . VAL A 1 118 ? 16.829  -10.780 -9.220  1.00 27.04 ? 118  VAL A CG1 1 
ATOM   819 C CG2 . VAL A 1 118 ? 18.893  -9.350  -8.868  1.00 25.21 ? 118  VAL A CG2 1 
HETATM 820 C C1  . GOL B 2 .   ? -9.525  -0.735  8.229   1.00 14.60 ? 1119 GOL A C1  1 
HETATM 821 O O1  . GOL B 2 .   ? -9.526  0.685   8.152   1.00 27.22 ? 1119 GOL A O1  1 
HETATM 822 C C2  . GOL B 2 .   ? -10.726 -1.398  7.538   1.00 29.27 ? 1119 GOL A C2  1 
HETATM 823 O O2  . GOL B 2 .   ? -11.395 -0.511  6.665   1.00 37.06 ? 1119 GOL A O2  1 
HETATM 824 C C3  . GOL B 2 .   ? -10.271 -2.633  6.753   1.00 29.96 ? 1119 GOL A C3  1 
HETATM 825 O O3  . GOL B 2 .   ? -10.613 -2.493  5.386   1.00 36.18 ? 1119 GOL A O3  1 
HETATM 826 O O   . HOH C 3 .   ? 16.148  -11.270 2.364   1.00 26.53 ? 2001 HOH A O   1 
HETATM 827 O O   . HOH C 3 .   ? 16.192  -8.951  4.083   1.00 19.20 ? 2002 HOH A O   1 
HETATM 828 O O   . HOH C 3 .   ? 10.549  -11.747 5.568   1.00 36.03 ? 2003 HOH A O   1 
HETATM 829 O O   . HOH C 3 .   ? 13.728  -10.193 5.080   1.00 20.04 ? 2004 HOH A O   1 
HETATM 830 O O   . HOH C 3 .   ? 8.374   -10.885 4.131   1.00 27.31 ? 2005 HOH A O   1 
HETATM 831 O O   . HOH C 3 .   ? 7.417   -10.055 6.686   1.00 22.82 ? 2006 HOH A O   1 
HETATM 832 O O   . HOH C 3 .   ? 13.463  -0.672  0.023   1.00 13.61 ? 2007 HOH A O   1 
HETATM 833 O O   . HOH C 3 .   ? 18.116  5.482   1.404   1.00 28.77 ? 2008 HOH A O   1 
HETATM 834 O O   . HOH C 3 .   ? 17.704  -0.567  2.754   1.00 21.72 ? 2009 HOH A O   1 
HETATM 835 O O   . HOH C 3 .   ? 16.016  3.528   2.561   1.00 29.73 ? 2010 HOH A O   1 
HETATM 836 O O   . HOH C 3 .   ? 4.114   -0.043  18.836  1.00 18.02 ? 2011 HOH A O   1 
HETATM 837 O O   . HOH C 3 .   ? 15.916  0.289   9.821   1.00 20.89 ? 2012 HOH A O   1 
HETATM 838 O O   . HOH C 3 .   ? -6.732  9.732   3.832   1.00 29.64 ? 2013 HOH A O   1 
HETATM 839 O O   . HOH C 3 .   ? 1.347   12.636  5.494   1.00 26.55 ? 2014 HOH A O   1 
HETATM 840 O O   . HOH C 3 .   ? 7.629   8.212   12.643  1.00 24.65 ? 2015 HOH A O   1 
HETATM 841 O O   . HOH C 3 .   ? 5.181   2.752   17.628  1.00 18.38 ? 2016 HOH A O   1 
HETATM 842 O O   . HOH C 3 .   ? 20.280  2.389   -0.555  1.00 26.99 ? 2017 HOH A O   1 
HETATM 843 O O   . HOH C 3 .   ? 6.608   6.677   18.410  1.00 32.01 ? 2018 HOH A O   1 
HETATM 844 O O   . HOH C 3 .   ? -1.522  8.219   8.721   1.00 27.79 ? 2019 HOH A O   1 
HETATM 845 O O   . HOH C 3 .   ? -2.725  4.283   7.568   1.00 10.47 ? 2020 HOH A O   1 
HETATM 846 O O   . HOH C 3 .   ? -6.975  -11.386 7.647   1.00 26.35 ? 2021 HOH A O   1 
HETATM 847 O O   . HOH C 3 .   ? -9.193  -11.543 8.852   1.00 27.62 ? 2022 HOH A O   1 
HETATM 848 O O   . HOH C 3 .   ? -8.439  5.738   12.238  1.00 25.60 ? 2023 HOH A O   1 
HETATM 849 O O   . HOH C 3 .   ? -9.430  5.774   4.405   1.00 15.68 ? 2024 HOH A O   1 
HETATM 850 O O   . HOH C 3 .   ? -5.609  7.627   2.435   1.00 11.75 ? 2025 HOH A O   1 
HETATM 851 O O   . HOH C 3 .   ? -1.519  10.365  1.402   1.00 19.34 ? 2026 HOH A O   1 
HETATM 852 O O   . HOH C 3 .   ? 4.321   11.105  0.876   1.00 29.13 ? 2027 HOH A O   1 
HETATM 853 O O   . HOH C 3 .   ? 1.674   11.183  1.664   1.00 21.97 ? 2028 HOH A O   1 
HETATM 854 O O   . HOH C 3 .   ? 7.986   9.671   1.752   1.00 16.87 ? 2029 HOH A O   1 
HETATM 855 O O   . HOH C 3 .   ? 9.869   7.933   2.707   1.00 13.05 ? 2030 HOH A O   1 
HETATM 856 O O   . HOH C 3 .   ? 14.345  4.886   0.712   1.00 16.72 ? 2031 HOH A O   1 
HETATM 857 O O   . HOH C 3 .   ? 12.436  6.880   2.764   1.00 24.99 ? 2032 HOH A O   1 
HETATM 858 O O   . HOH C 3 .   ? 18.614  4.852   -1.599  1.00 25.97 ? 2033 HOH A O   1 
HETATM 859 O O   . HOH C 3 .   ? 19.638  0.894   -3.445  1.00 30.89 ? 2034 HOH A O   1 
HETATM 860 O O   . HOH C 3 .   ? 15.510  -1.075  -8.944  1.00 32.52 ? 2035 HOH A O   1 
HETATM 861 O O   . HOH C 3 .   ? 10.788  7.851   -7.420  1.00 25.49 ? 2036 HOH A O   1 
HETATM 862 O O   . HOH C 3 .   ? 8.823   -1.435  -7.721  1.00 23.12 ? 2037 HOH A O   1 
HETATM 863 O O   . HOH C 3 .   ? 7.239   3.519   -8.183  1.00 16.86 ? 2038 HOH A O   1 
HETATM 864 O O   . HOH C 3 .   ? 5.551   1.466   -7.023  1.00 15.96 ? 2039 HOH A O   1 
HETATM 865 O O   . HOH C 3 .   ? -5.020  -0.372  13.813  1.00 7.90  ? 2040 HOH A O   1 
HETATM 866 O O   . HOH C 3 .   ? -9.132  -4.149  9.376   1.00 16.51 ? 2041 HOH A O   1 
HETATM 867 O O   . HOH C 3 .   ? -8.511  1.229   14.905  1.00 21.91 ? 2042 HOH A O   1 
HETATM 868 O O   . HOH C 3 .   ? -10.349 3.344   12.579  1.00 28.74 ? 2043 HOH A O   1 
HETATM 869 O O   . HOH C 3 .   ? -13.189 -1.731  11.009  1.00 24.06 ? 2044 HOH A O   1 
HETATM 870 O O   . HOH C 3 .   ? 3.547   -9.300  -0.263  1.00 26.18 ? 2045 HOH A O   1 
HETATM 871 O O   . HOH C 3 .   ? -5.196  -9.287  8.603   1.00 21.61 ? 2046 HOH A O   1 
HETATM 872 O O   . HOH C 3 .   ? -8.721  -9.314  10.605  1.00 20.72 ? 2047 HOH A O   1 
HETATM 873 O O   . HOH C 3 .   ? 1.831   -6.427  4.447   1.00 9.39  ? 2048 HOH A O   1 
HETATM 874 O O   . HOH C 3 .   ? -0.636  -6.364  1.421   1.00 9.82  ? 2049 HOH A O   1 
HETATM 875 O O   . HOH C 3 .   ? 1.925   -5.251  1.899   1.00 6.40  ? 2050 HOH A O   1 
HETATM 876 O O   . HOH C 3 .   ? 3.475   2.440   -8.417  1.00 15.22 ? 2051 HOH A O   1 
HETATM 877 O O   . HOH C 3 .   ? 1.806   10.196  -1.746  1.00 22.62 ? 2052 HOH A O   1 
HETATM 878 O O   . HOH C 3 .   ? 1.183   1.381   -10.020 1.00 20.36 ? 2053 HOH A O   1 
HETATM 879 O O   . HOH C 3 .   ? -7.943  4.061   -10.566 1.00 14.60 ? 2054 HOH A O   1 
HETATM 880 O O   . HOH C 3 .   ? -6.706  8.220   -9.256  1.00 21.20 ? 2055 HOH A O   1 
HETATM 881 O O   . HOH C 3 .   ? -2.782  8.276   -19.115 1.00 36.21 ? 2056 HOH A O   1 
HETATM 882 O O   . HOH C 3 .   ? -5.958  10.057  -11.159 1.00 17.49 ? 2057 HOH A O   1 
HETATM 883 O O   . HOH C 3 .   ? 0.222   11.579  -3.284  1.00 23.55 ? 2058 HOH A O   1 
HETATM 884 O O   . HOH C 3 .   ? -7.200  14.289  -0.765  1.00 21.53 ? 2059 HOH A O   1 
HETATM 885 O O   . HOH C 3 .   ? -10.602 7.476   -2.643  1.00 24.30 ? 2060 HOH A O   1 
HETATM 886 O O   . HOH C 3 .   ? -13.227 2.864   -0.107  1.00 24.19 ? 2061 HOH A O   1 
HETATM 887 O O   . HOH C 3 .   ? -14.896 2.443   1.776   1.00 32.35 ? 2062 HOH A O   1 
HETATM 888 O O   . HOH C 3 .   ? -16.235 -0.213  2.763   1.00 24.28 ? 2063 HOH A O   1 
HETATM 889 O O   . HOH C 3 .   ? -10.990 -5.640  5.649   1.00 31.86 ? 2064 HOH A O   1 
HETATM 890 O O   . HOH C 3 .   ? -9.085  -8.509  3.336   1.00 28.56 ? 2065 HOH A O   1 
HETATM 891 O O   . HOH C 3 .   ? -8.091  -10.578 -6.968  1.00 30.01 ? 2066 HOH A O   1 
HETATM 892 O O   . HOH C 3 .   ? -7.066  -7.233  0.656   1.00 15.19 ? 2067 HOH A O   1 
HETATM 893 O O   . HOH C 3 .   ? -14.951 5.311   -12.055 1.00 20.82 ? 2068 HOH A O   1 
HETATM 894 O O   . HOH C 3 .   ? -15.607 3.376   -10.945 1.00 26.78 ? 2069 HOH A O   1 
HETATM 895 O O   . HOH C 3 .   ? -10.034 4.422   -15.193 1.00 15.65 ? 2070 HOH A O   1 
HETATM 896 O O   . HOH C 3 .   ? -11.265 -0.331  -16.041 1.00 19.77 ? 2071 HOH A O   1 
HETATM 897 O O   . HOH C 3 .   ? 0.087   -9.442  1.018   1.00 22.95 ? 2072 HOH A O   1 
HETATM 898 O O   . HOH C 3 .   ? 0.051   -6.956  -7.959  1.00 16.89 ? 2073 HOH A O   1 
HETATM 899 O O   . HOH C 3 .   ? 0.507   -9.491  -6.241  1.00 33.89 ? 2074 HOH A O   1 
HETATM 900 O O   . HOH C 3 .   ? -13.776 -8.366  -9.922  1.00 27.81 ? 2075 HOH A O   1 
HETATM 901 O O   . HOH C 3 .   ? -14.358 1.057   -11.133 1.00 22.88 ? 2076 HOH A O   1 
HETATM 902 O O   . HOH C 3 .   ? -8.017  -2.027  -18.485 1.00 22.81 ? 2077 HOH A O   1 
HETATM 903 O O   . HOH C 3 .   ? -2.006  -6.538  -14.294 1.00 25.28 ? 2078 HOH A O   1 
HETATM 904 O O   . HOH C 3 .   ? -3.863  -4.051  -18.375 1.00 32.65 ? 2079 HOH A O   1 
HETATM 905 O O   . HOH C 3 .   ? -1.610  -3.078  -14.709 1.00 26.44 ? 2080 HOH A O   1 
HETATM 906 O O   . HOH C 3 .   ? 0.832   -0.724  -11.920 1.00 24.07 ? 2081 HOH A O   1 
HETATM 907 O O   . HOH C 3 .   ? 1.269   -4.784  -10.556 1.00 26.89 ? 2082 HOH A O   1 
HETATM 908 O O   . HOH C 3 .   ? 3.360   -7.129  -6.907  1.00 22.75 ? 2083 HOH A O   1 
HETATM 909 O O   . HOH C 3 .   ? 6.688   -5.628  -6.570  1.00 34.32 ? 2084 HOH A O   1 
HETATM 910 O O   . HOH C 3 .   ? 5.058   -8.549  -2.790  1.00 28.15 ? 2085 HOH A O   1 
HETATM 911 O O   . HOH C 3 .   ? 3.859   -8.496  3.835   1.00 13.97 ? 2086 HOH A O   1 
HETATM 912 O O   . HOH C 3 .   ? 4.832   -9.093  7.205   1.00 18.77 ? 2087 HOH A O   1 
HETATM 913 O O   . HOH C 3 .   ? 14.675  -9.772  8.036   1.00 33.24 ? 2088 HOH A O   1 
HETATM 914 O O   . HOH C 3 .   ? 9.721   -10.214 7.954   1.00 27.20 ? 2089 HOH A O   1 
HETATM 915 O O   . HOH C 3 .   ? 15.745  -7.212  9.939   1.00 21.32 ? 2090 HOH A O   1 
HETATM 916 O O   . HOH C 3 .   ? 12.893  -2.560  14.827  1.00 14.10 ? 2091 HOH A O   1 
HETATM 917 O O   . HOH C 3 .   ? 5.295   -3.079  18.583  1.00 12.73 ? 2092 HOH A O   1 
HETATM 918 O O   . HOH C 3 .   ? 6.513   -7.025  20.016  1.00 13.94 ? 2093 HOH A O   1 
HETATM 919 O O   . HOH C 3 .   ? 18.914  -3.975  -6.542  1.00 23.26 ? 2094 HOH A O   1 
HETATM 920 O O   . HOH C 3 .   ? 9.280   -5.480  -5.087  1.00 18.98 ? 2095 HOH A O   1 
# 
loop_
_pdbx_poly_seq_scheme.asym_id 
_pdbx_poly_seq_scheme.entity_id 
_pdbx_poly_seq_scheme.seq_id 
_pdbx_poly_seq_scheme.mon_id 
_pdbx_poly_seq_scheme.ndb_seq_num 
_pdbx_poly_seq_scheme.pdb_seq_num 
_pdbx_poly_seq_scheme.auth_seq_num 
_pdbx_poly_seq_scheme.pdb_mon_id 
_pdbx_poly_seq_scheme.auth_mon_id 
_pdbx_poly_seq_scheme.pdb_strand_id 
_pdbx_poly_seq_scheme.pdb_ins_code 
_pdbx_poly_seq_scheme.hetero 
A 1 1   MET 1   1   ?   ?   ?   A . n 
A 1 2   THR 2   2   ?   ?   ?   A . n 
A 1 3   LEU 3   3   ?   ?   ?   A . n 
A 1 4   LEU 4   4   ?   ?   ?   A . n 
A 1 5   ASN 5   5   ?   ?   ?   A . n 
A 1 6   ASP 6   6   6   ASP ASP A . n 
A 1 7   ILE 7   7   7   ILE ILE A . n 
A 1 8   GLN 8   8   8   GLN GLN A . n 
A 1 9   VAL 9   9   9   VAL VAL A . n 
A 1 10  TRP 10  10  10  TRP TRP A . n 
A 1 11  THR 11  11  11  THR THR A . n 
A 1 12  THR 12  12  12  THR THR A . n 
A 1 13  ALA 13  13  13  ALA ALA A . n 
A 1 14  CYS 14  14  14  CYS CYS A . n 
A 1 15  ALA 15  15  15  ALA ALA A . n 
A 1 16  TYR 16  16  16  TYR TYR A . n 
A 1 17  ASP 17  17  17  ASP ASP A . n 
A 1 18  HIS 18  18  18  HIS HIS A . n 
A 1 19  LEU 19  19  19  LEU LEU A . n 
A 1 20  ILE 20  20  20  ILE ILE A . n 
A 1 21  PRO 21  21  21  PRO PRO A . n 
A 1 22  GLY 22  22  22  GLY GLY A . n 
A 1 23  ARG 23  23  23  ARG ARG A . n 
A 1 24  GLY 24  24  24  GLY GLY A . n 
A 1 25  VAL 25  25  25  VAL VAL A . n 
A 1 26  GLY 26  26  26  GLY GLY A . n 
A 1 27  VAL 27  27  27  VAL VAL A . n 
A 1 28  LEU 28  28  28  LEU LEU A . n 
A 1 29  LEU 29  29  29  LEU LEU A . n 
A 1 30  ASP 30  30  30  ASP ASP A . n 
A 1 31  ASP 31  31  31  ASP ASP A . n 
A 1 32  GLY 32  32  32  GLY GLY A . n 
A 1 33  SER 33  33  33  SER SER A . n 
A 1 34  GLN 34  34  34  GLN GLN A . n 
A 1 35  VAL 35  35  35  VAL VAL A . n 
A 1 36  ALA 36  36  36  ALA ALA A . n 
A 1 37  LEU 37  37  37  LEU LEU A . n 
A 1 38  PHE 38  38  38  PHE PHE A . n 
A 1 39  ARG 39  39  39  ARG ARG A . n 
A 1 40  LEU 40  40  40  LEU LEU A . n 
A 1 41  ASP 41  41  41  ASP ASP A . n 
A 1 42  ASP 42  42  42  ASP ASP A . n 
A 1 43  GLY 43  43  43  GLY GLY A . n 
A 1 44  SER 44  44  44  SER SER A . n 
A 1 45  VAL 45  45  45  VAL VAL A . n 
A 1 46  HIS 46  46  46  HIS HIS A . n 
A 1 47  ALA 47  47  47  ALA ALA A . n 
A 1 48  VAL 48  48  48  VAL VAL A . n 
A 1 49  GLY 49  49  49  GLY GLY A . n 
A 1 50  ASN 50  50  50  ASN ASN A . n 
A 1 51  VAL 51  51  51  VAL VAL A . n 
A 1 52  ASP 52  52  52  ASP ASP A . n 
A 1 53  PRO 53  53  53  PRO PRO A . n 
A 1 54  PHE 54  54  54  PHE PHE A . n 
A 1 55  SER 55  55  55  SER SER A . n 
A 1 56  GLY 56  56  56  GLY GLY A . n 
A 1 57  ALA 57  57  57  ALA ALA A . n 
A 1 58  ALA 58  58  58  ALA ALA A . n 
A 1 59  VAL 59  59  59  VAL VAL A . n 
A 1 60  MET 60  60  60  MET MET A . n 
A 1 61  SER 61  61  61  SER SER A . n 
A 1 62  ARG 62  62  62  ARG ARG A . n 
A 1 63  GLY 63  63  63  GLY GLY A . n 
A 1 64  ILE 64  64  64  ILE ILE A . n 
A 1 65  VAL 65  65  65  VAL VAL A . n 
A 1 66  GLY 66  66  66  GLY GLY A . n 
A 1 67  ASP 67  67  67  ASP ASP A . n 
A 1 68  ARG 68  68  68  ARG ARG A . n 
A 1 69  GLY 69  69  69  GLY GLY A . n 
A 1 70  GLY 70  70  70  GLY GLY A . n 
A 1 71  ARG 71  71  71  ARG ARG A . n 
A 1 72  ALA 72  72  72  ALA ALA A . n 
A 1 73  MET 73  73  73  MET MET A . n 
A 1 74  VAL 74  74  74  VAL VAL A . n 
A 1 75  GLN 75  75  75  GLN GLN A . n 
A 1 76  SER 76  76  76  SER SER A . n 
A 1 77  PRO 77  77  77  PRO PRO A . n 
A 1 78  ILE 78  78  78  ILE ILE A . n 
A 1 79  LEU 79  79  79  LEU LEU A . n 
A 1 80  LYS 80  80  80  LYS LYS A . n 
A 1 81  GLN 81  81  81  GLN GLN A . n 
A 1 82  ALA 82  82  82  ALA ALA A . n 
A 1 83  PHE 83  83  83  PHE PHE A . n 
A 1 84  ALA 84  84  84  ALA ALA A . n 
A 1 85  LEU 85  85  85  LEU LEU A . n 
A 1 86  ASP 86  86  86  ASP ASP A . n 
A 1 87  ASP 87  87  87  ASP ASP A . n 
A 1 88  GLY 88  88  88  GLY GLY A . n 
A 1 89  SER 89  89  89  SER SER A . n 
A 1 90  CYS 90  90  90  CYS CYS A . n 
A 1 91  LEU 91  91  91  LEU LEU A . n 
A 1 92  ASP 92  92  92  ASP ASP A . n 
A 1 93  ASP 93  93  93  ASP ASP A . n 
A 1 94  PRO 94  94  94  PRO PRO A . n 
A 1 95  ARG 95  95  95  ARG ARG A . n 
A 1 96  VAL 96  96  96  VAL VAL A . n 
A 1 97  SER 97  97  97  SER SER A . n 
A 1 98  VAL 98  98  98  VAL VAL A . n 
A 1 99  PRO 99  99  99  PRO PRO A . n 
A 1 100 VAL 100 100 100 VAL VAL A . n 
A 1 101 TYR 101 101 101 TYR TYR A . n 
A 1 102 PRO 102 102 102 PRO PRO A . n 
A 1 103 ALA 103 103 103 ALA ALA A . n 
A 1 104 ARG 104 104 104 ARG ARG A . n 
A 1 105 VAL 105 105 105 VAL VAL A . n 
A 1 106 THR 106 106 106 THR THR A . n 
A 1 107 PRO 107 107 107 PRO PRO A . n 
A 1 108 GLU 108 108 108 GLU GLU A . n 
A 1 109 GLY 109 109 109 GLY GLY A . n 
A 1 110 ARG 110 110 110 ARG ARG A . n 
A 1 111 ILE 111 111 111 ILE ILE A . n 
A 1 112 GLN 112 112 112 GLN GLN A . n 
A 1 113 VAL 113 113 113 VAL VAL A . n 
A 1 114 ALA 114 114 114 ALA ALA A . n 
A 1 115 ARG 115 115 115 ARG ARG A . n 
A 1 116 VAL 116 116 116 VAL VAL A . n 
A 1 117 ALA 117 117 117 ALA ALA A . n 
A 1 118 VAL 118 118 118 VAL VAL A . n 
A 1 119 GLY 119 119 ?   ?   ?   A . n 
# 
loop_
_pdbx_nonpoly_scheme.asym_id 
_pdbx_nonpoly_scheme.entity_id 
_pdbx_nonpoly_scheme.mon_id 
_pdbx_nonpoly_scheme.ndb_seq_num 
_pdbx_nonpoly_scheme.pdb_seq_num 
_pdbx_nonpoly_scheme.auth_seq_num 
_pdbx_nonpoly_scheme.pdb_mon_id 
_pdbx_nonpoly_scheme.auth_mon_id 
_pdbx_nonpoly_scheme.pdb_strand_id 
_pdbx_nonpoly_scheme.pdb_ins_code 
B 2 GOL 1  1119 1119 GOL GOL A . 
C 3 HOH 1  2001 2001 HOH HOH A . 
C 3 HOH 2  2002 2002 HOH HOH A . 
C 3 HOH 3  2003 2003 HOH HOH A . 
C 3 HOH 4  2004 2004 HOH HOH A . 
C 3 HOH 5  2005 2005 HOH HOH A . 
C 3 HOH 6  2006 2006 HOH HOH A . 
C 3 HOH 7  2007 2007 HOH HOH A . 
C 3 HOH 8  2008 2008 HOH HOH A . 
C 3 HOH 9  2009 2009 HOH HOH A . 
C 3 HOH 10 2010 2010 HOH HOH A . 
C 3 HOH 11 2011 2011 HOH HOH A . 
C 3 HOH 12 2012 2012 HOH HOH A . 
C 3 HOH 13 2013 2013 HOH HOH A . 
C 3 HOH 14 2014 2014 HOH HOH A . 
C 3 HOH 15 2015 2015 HOH HOH A . 
C 3 HOH 16 2016 2016 HOH HOH A . 
C 3 HOH 17 2017 2017 HOH HOH A . 
C 3 HOH 18 2018 2018 HOH HOH A . 
C 3 HOH 19 2019 2019 HOH HOH A . 
C 3 HOH 20 2020 2020 HOH HOH A . 
C 3 HOH 21 2021 2021 HOH HOH A . 
C 3 HOH 22 2022 2022 HOH HOH A . 
C 3 HOH 23 2023 2023 HOH HOH A . 
C 3 HOH 24 2024 2024 HOH HOH A . 
C 3 HOH 25 2025 2025 HOH HOH A . 
C 3 HOH 26 2026 2026 HOH HOH A . 
C 3 HOH 27 2027 2027 HOH HOH A . 
C 3 HOH 28 2028 2028 HOH HOH A . 
C 3 HOH 29 2029 2029 HOH HOH A . 
C 3 HOH 30 2030 2030 HOH HOH A . 
C 3 HOH 31 2031 2031 HOH HOH A . 
C 3 HOH 32 2032 2032 HOH HOH A . 
C 3 HOH 33 2033 2033 HOH HOH A . 
C 3 HOH 34 2034 2034 HOH HOH A . 
C 3 HOH 35 2035 2035 HOH HOH A . 
C 3 HOH 36 2036 2036 HOH HOH A . 
C 3 HOH 37 2037 2037 HOH HOH A . 
C 3 HOH 38 2038 2038 HOH HOH A . 
C 3 HOH 39 2039 2039 HOH HOH A . 
C 3 HOH 40 2040 2040 HOH HOH A . 
C 3 HOH 41 2041 2041 HOH HOH A . 
C 3 HOH 42 2042 2042 HOH HOH A . 
C 3 HOH 43 2043 2043 HOH HOH A . 
C 3 HOH 44 2044 2044 HOH HOH A . 
C 3 HOH 45 2045 2045 HOH HOH A . 
C 3 HOH 46 2046 2046 HOH HOH A . 
C 3 HOH 47 2047 2047 HOH HOH A . 
C 3 HOH 48 2048 2048 HOH HOH A . 
C 3 HOH 49 2049 2049 HOH HOH A . 
C 3 HOH 50 2050 2050 HOH HOH A . 
C 3 HOH 51 2051 2051 HOH HOH A . 
C 3 HOH 52 2052 2052 HOH HOH A . 
C 3 HOH 53 2053 2053 HOH HOH A . 
C 3 HOH 54 2054 2054 HOH HOH A . 
C 3 HOH 55 2055 2055 HOH HOH A . 
C 3 HOH 56 2056 2056 HOH HOH A . 
C 3 HOH 57 2057 2057 HOH HOH A . 
C 3 HOH 58 2058 2058 HOH HOH A . 
C 3 HOH 59 2059 2059 HOH HOH A . 
C 3 HOH 60 2060 2060 HOH HOH A . 
C 3 HOH 61 2061 2061 HOH HOH A . 
C 3 HOH 62 2062 2062 HOH HOH A . 
C 3 HOH 63 2063 2063 HOH HOH A . 
C 3 HOH 64 2064 2064 HOH HOH A . 
C 3 HOH 65 2065 2065 HOH HOH A . 
C 3 HOH 66 2066 2066 HOH HOH A . 
C 3 HOH 67 2067 2067 HOH HOH A . 
C 3 HOH 68 2068 2068 HOH HOH A . 
C 3 HOH 69 2069 2069 HOH HOH A . 
C 3 HOH 70 2070 2070 HOH HOH A . 
C 3 HOH 71 2071 2071 HOH HOH A . 
C 3 HOH 72 2072 2072 HOH HOH A . 
C 3 HOH 73 2073 2073 HOH HOH A . 
C 3 HOH 74 2074 2074 HOH HOH A . 
C 3 HOH 75 2075 2075 HOH HOH A . 
C 3 HOH 76 2076 2076 HOH HOH A . 
C 3 HOH 77 2077 2077 HOH HOH A . 
C 3 HOH 78 2078 2078 HOH HOH A . 
C 3 HOH 79 2079 2079 HOH HOH A . 
C 3 HOH 80 2080 2080 HOH HOH A . 
C 3 HOH 81 2081 2081 HOH HOH A . 
C 3 HOH 82 2082 2082 HOH HOH A . 
C 3 HOH 83 2083 2083 HOH HOH A . 
C 3 HOH 84 2084 2084 HOH HOH A . 
C 3 HOH 85 2085 2085 HOH HOH A . 
C 3 HOH 86 2086 2086 HOH HOH A . 
C 3 HOH 87 2087 2087 HOH HOH A . 
C 3 HOH 88 2088 2088 HOH HOH A . 
C 3 HOH 89 2089 2089 HOH HOH A . 
C 3 HOH 90 2090 2090 HOH HOH A . 
C 3 HOH 91 2091 2091 HOH HOH A . 
C 3 HOH 92 2092 2092 HOH HOH A . 
C 3 HOH 93 2093 2093 HOH HOH A . 
C 3 HOH 94 2094 2094 HOH HOH A . 
C 3 HOH 95 2095 2095 HOH HOH A . 
# 
_pdbx_struct_assembly.id                   1 
_pdbx_struct_assembly.details              author_and_software_defined_assembly 
_pdbx_struct_assembly.method_details       PISA 
_pdbx_struct_assembly.oligomeric_details   monomeric 
_pdbx_struct_assembly.oligomeric_count     1 
# 
_pdbx_struct_assembly_gen.assembly_id       1 
_pdbx_struct_assembly_gen.oper_expression   1 
_pdbx_struct_assembly_gen.asym_id_list      A,B,C 
# 
_pdbx_struct_oper_list.id                   1 
_pdbx_struct_oper_list.type                 'identity operation' 
_pdbx_struct_oper_list.name                 1_555 
_pdbx_struct_oper_list.symmetry_operation   x,y,z 
_pdbx_struct_oper_list.matrix[1][1]         1.0000000000 
_pdbx_struct_oper_list.matrix[1][2]         0.0000000000 
_pdbx_struct_oper_list.matrix[1][3]         0.0000000000 
_pdbx_struct_oper_list.vector[1]            0.0000000000 
_pdbx_struct_oper_list.matrix[2][1]         0.0000000000 
_pdbx_struct_oper_list.matrix[2][2]         1.0000000000 
_pdbx_struct_oper_list.matrix[2][3]         0.0000000000 
_pdbx_struct_oper_list.vector[2]            0.0000000000 
_pdbx_struct_oper_list.matrix[3][1]         0.0000000000 
_pdbx_struct_oper_list.matrix[3][2]         0.0000000000 
_pdbx_struct_oper_list.matrix[3][3]         1.0000000000 
_pdbx_struct_oper_list.vector[3]            0.0000000000 
# 
loop_
_pdbx_audit_revision_history.ordinal 
_pdbx_audit_revision_history.data_content_type 
_pdbx_audit_revision_history.major_revision 
_pdbx_audit_revision_history.minor_revision 
_pdbx_audit_revision_history.revision_date 
1 'Structure model' 1 0 2012-09-12 
2 'Structure model' 1 1 2012-09-26 
3 'Structure model' 1 2 2012-11-14 
4 'Structure model' 1 3 2023-12-20 
# 
_pdbx_audit_revision_details.ordinal             1 
_pdbx_audit_revision_details.revision_ordinal    1 
_pdbx_audit_revision_details.data_content_type   'Structure model' 
_pdbx_audit_revision_details.provider            repository 
_pdbx_audit_revision_details.type                'Initial release' 
_pdbx_audit_revision_details.description         ? 
_pdbx_audit_revision_details.details             ? 
# 
loop_
_pdbx_audit_revision_group.ordinal 
_pdbx_audit_revision_group.revision_ordinal 
_pdbx_audit_revision_group.data_content_type 
_pdbx_audit_revision_group.group 
1 2 'Structure model' 'Database references'    
2 3 'Structure model' 'Database references'    
3 4 'Structure model' 'Data collection'        
4 4 'Structure model' 'Database references'    
5 4 'Structure model' 'Derived calculations'   
6 4 'Structure model' Other                    
7 4 'Structure model' 'Refinement description' 
# 
loop_
_pdbx_audit_revision_category.ordinal 
_pdbx_audit_revision_category.revision_ordinal 
_pdbx_audit_revision_category.data_content_type 
_pdbx_audit_revision_category.category 
1 4 'Structure model' chem_comp_atom                
2 4 'Structure model' chem_comp_bond                
3 4 'Structure model' database_2                    
4 4 'Structure model' pdbx_database_status          
5 4 'Structure model' pdbx_initial_refinement_model 
6 4 'Structure model' struct_site                   
# 
loop_
_pdbx_audit_revision_item.ordinal 
_pdbx_audit_revision_item.revision_ordinal 
_pdbx_audit_revision_item.data_content_type 
_pdbx_audit_revision_item.item 
1 4 'Structure model' '_database_2.pdbx_DOI'                 
2 4 'Structure model' '_database_2.pdbx_database_accession'  
3 4 'Structure model' '_pdbx_database_status.status_code_sf' 
4 4 'Structure model' '_struct_site.pdbx_auth_asym_id'       
5 4 'Structure model' '_struct_site.pdbx_auth_comp_id'       
6 4 'Structure model' '_struct_site.pdbx_auth_seq_id'        
# 
loop_
_software.name 
_software.classification 
_software.version 
_software.citation_id 
_software.pdbx_ordinal 
PHENIX refinement       '(PHENIX.REFINE)' ? 1 
XDS    'data reduction' .                 ? 2 
SCALA  'data scaling'   .                 ? 3 
MOLREP phasing          .                 ? 4 
# 
_pdbx_entry_details.entry_id                 4AIV 
_pdbx_entry_details.compound_details         ? 
_pdbx_entry_details.source_details           ? 
_pdbx_entry_details.nonpolymer_details       ? 
_pdbx_entry_details.sequence_details         
;THE GLYCINE AT THE CTERM CAME FROM THE EXPRESSION
VECTOR AFTER TAG CLEAVAGE.
;
_pdbx_entry_details.has_ligand_of_interest   ? 
# 
loop_
_pdbx_unobs_or_zero_occ_atoms.id 
_pdbx_unobs_or_zero_occ_atoms.PDB_model_num 
_pdbx_unobs_or_zero_occ_atoms.polymer_flag 
_pdbx_unobs_or_zero_occ_atoms.occupancy_flag 
_pdbx_unobs_or_zero_occ_atoms.auth_asym_id 
_pdbx_unobs_or_zero_occ_atoms.auth_comp_id 
_pdbx_unobs_or_zero_occ_atoms.auth_seq_id 
_pdbx_unobs_or_zero_occ_atoms.PDB_ins_code 
_pdbx_unobs_or_zero_occ_atoms.auth_atom_id 
_pdbx_unobs_or_zero_occ_atoms.label_alt_id 
_pdbx_unobs_or_zero_occ_atoms.label_asym_id 
_pdbx_unobs_or_zero_occ_atoms.label_comp_id 
_pdbx_unobs_or_zero_occ_atoms.label_seq_id 
_pdbx_unobs_or_zero_occ_atoms.label_atom_id 
1  1 Y 1 A ARG 23  ? CD  ? A ARG 23  CD  
2  1 Y 1 A ARG 23  ? NE  ? A ARG 23  NE  
3  1 Y 1 A ARG 23  ? CZ  ? A ARG 23  CZ  
4  1 Y 1 A ARG 23  ? NH1 ? A ARG 23  NH1 
5  1 Y 1 A ARG 23  ? NH2 ? A ARG 23  NH2 
6  1 Y 1 A LYS 80  ? CD  ? A LYS 80  CD  
7  1 Y 1 A LYS 80  ? CE  ? A LYS 80  CE  
8  1 Y 1 A LYS 80  ? NZ  ? A LYS 80  NZ  
9  1 Y 1 A ARG 110 ? CD  ? A ARG 110 CD  
10 1 Y 1 A ARG 110 ? NE  ? A ARG 110 NE  
11 1 Y 1 A ARG 110 ? CZ  ? A ARG 110 CZ  
12 1 Y 1 A ARG 110 ? NH1 ? A ARG 110 NH1 
13 1 Y 1 A ARG 110 ? NH2 ? A ARG 110 NH2 
# 
loop_
_pdbx_unobs_or_zero_occ_residues.id 
_pdbx_unobs_or_zero_occ_residues.PDB_model_num 
_pdbx_unobs_or_zero_occ_residues.polymer_flag 
_pdbx_unobs_or_zero_occ_residues.occupancy_flag 
_pdbx_unobs_or_zero_occ_residues.auth_asym_id 
_pdbx_unobs_or_zero_occ_residues.auth_comp_id 
_pdbx_unobs_or_zero_occ_residues.auth_seq_id 
_pdbx_unobs_or_zero_occ_residues.PDB_ins_code 
_pdbx_unobs_or_zero_occ_residues.label_asym_id 
_pdbx_unobs_or_zero_occ_residues.label_comp_id 
_pdbx_unobs_or_zero_occ_residues.label_seq_id 
1 1 Y 1 A MET 1   ? A MET 1   
2 1 Y 1 A THR 2   ? A THR 2   
3 1 Y 1 A LEU 3   ? A LEU 3   
4 1 Y 1 A LEU 4   ? A LEU 4   
5 1 Y 1 A ASN 5   ? A ASN 5   
6 1 Y 1 A GLY 119 ? A GLY 119 
# 
loop_
_chem_comp_atom.comp_id 
_chem_comp_atom.atom_id 
_chem_comp_atom.type_symbol 
_chem_comp_atom.pdbx_aromatic_flag 
_chem_comp_atom.pdbx_stereo_config 
_chem_comp_atom.pdbx_ordinal 
ALA N    N N N 1   
ALA CA   C N S 2   
ALA C    C N N 3   
ALA O    O N N 4   
ALA CB   C N N 5   
ALA OXT  O N N 6   
ALA H    H N N 7   
ALA H2   H N N 8   
ALA HA   H N N 9   
ALA HB1  H N N 10  
ALA HB2  H N N 11  
ALA HB3  H N N 12  
ALA HXT  H N N 13  
ARG N    N N N 14  
ARG CA   C N S 15  
ARG C    C N N 16  
ARG O    O N N 17  
ARG CB   C N N 18  
ARG CG   C N N 19  
ARG CD   C N N 20  
ARG NE   N N N 21  
ARG CZ   C N N 22  
ARG NH1  N N N 23  
ARG NH2  N N N 24  
ARG OXT  O N N 25  
ARG H    H N N 26  
ARG H2   H N N 27  
ARG HA   H N N 28  
ARG HB2  H N N 29  
ARG HB3  H N N 30  
ARG HG2  H N N 31  
ARG HG3  H N N 32  
ARG HD2  H N N 33  
ARG HD3  H N N 34  
ARG HE   H N N 35  
ARG HH11 H N N 36  
ARG HH12 H N N 37  
ARG HH21 H N N 38  
ARG HH22 H N N 39  
ARG HXT  H N N 40  
ASN N    N N N 41  
ASN CA   C N S 42  
ASN C    C N N 43  
ASN O    O N N 44  
ASN CB   C N N 45  
ASN CG   C N N 46  
ASN OD1  O N N 47  
ASN ND2  N N N 48  
ASN OXT  O N N 49  
ASN H    H N N 50  
ASN H2   H N N 51  
ASN HA   H N N 52  
ASN HB2  H N N 53  
ASN HB3  H N N 54  
ASN HD21 H N N 55  
ASN HD22 H N N 56  
ASN HXT  H N N 57  
ASP N    N N N 58  
ASP CA   C N S 59  
ASP C    C N N 60  
ASP O    O N N 61  
ASP CB   C N N 62  
ASP CG   C N N 63  
ASP OD1  O N N 64  
ASP OD2  O N N 65  
ASP OXT  O N N 66  
ASP H    H N N 67  
ASP H2   H N N 68  
ASP HA   H N N 69  
ASP HB2  H N N 70  
ASP HB3  H N N 71  
ASP HD2  H N N 72  
ASP HXT  H N N 73  
CYS N    N N N 74  
CYS CA   C N R 75  
CYS C    C N N 76  
CYS O    O N N 77  
CYS CB   C N N 78  
CYS SG   S N N 79  
CYS OXT  O N N 80  
CYS H    H N N 81  
CYS H2   H N N 82  
CYS HA   H N N 83  
CYS HB2  H N N 84  
CYS HB3  H N N 85  
CYS HG   H N N 86  
CYS HXT  H N N 87  
GLN N    N N N 88  
GLN CA   C N S 89  
GLN C    C N N 90  
GLN O    O N N 91  
GLN CB   C N N 92  
GLN CG   C N N 93  
GLN CD   C N N 94  
GLN OE1  O N N 95  
GLN NE2  N N N 96  
GLN OXT  O N N 97  
GLN H    H N N 98  
GLN H2   H N N 99  
GLN HA   H N N 100 
GLN HB2  H N N 101 
GLN HB3  H N N 102 
GLN HG2  H N N 103 
GLN HG3  H N N 104 
GLN HE21 H N N 105 
GLN HE22 H N N 106 
GLN HXT  H N N 107 
GLU N    N N N 108 
GLU CA   C N S 109 
GLU C    C N N 110 
GLU O    O N N 111 
GLU CB   C N N 112 
GLU CG   C N N 113 
GLU CD   C N N 114 
GLU OE1  O N N 115 
GLU OE2  O N N 116 
GLU OXT  O N N 117 
GLU H    H N N 118 
GLU H2   H N N 119 
GLU HA   H N N 120 
GLU HB2  H N N 121 
GLU HB3  H N N 122 
GLU HG2  H N N 123 
GLU HG3  H N N 124 
GLU HE2  H N N 125 
GLU HXT  H N N 126 
GLY N    N N N 127 
GLY CA   C N N 128 
GLY C    C N N 129 
GLY O    O N N 130 
GLY OXT  O N N 131 
GLY H    H N N 132 
GLY H2   H N N 133 
GLY HA2  H N N 134 
GLY HA3  H N N 135 
GLY HXT  H N N 136 
GOL C1   C N N 137 
GOL O1   O N N 138 
GOL C2   C N N 139 
GOL O2   O N N 140 
GOL C3   C N N 141 
GOL O3   O N N 142 
GOL H11  H N N 143 
GOL H12  H N N 144 
GOL HO1  H N N 145 
GOL H2   H N N 146 
GOL HO2  H N N 147 
GOL H31  H N N 148 
GOL H32  H N N 149 
GOL HO3  H N N 150 
HIS N    N N N 151 
HIS CA   C N S 152 
HIS C    C N N 153 
HIS O    O N N 154 
HIS CB   C N N 155 
HIS CG   C Y N 156 
HIS ND1  N Y N 157 
HIS CD2  C Y N 158 
HIS CE1  C Y N 159 
HIS NE2  N Y N 160 
HIS OXT  O N N 161 
HIS H    H N N 162 
HIS H2   H N N 163 
HIS HA   H N N 164 
HIS HB2  H N N 165 
HIS HB3  H N N 166 
HIS HD1  H N N 167 
HIS HD2  H N N 168 
HIS HE1  H N N 169 
HIS HE2  H N N 170 
HIS HXT  H N N 171 
HOH O    O N N 172 
HOH H1   H N N 173 
HOH H2   H N N 174 
ILE N    N N N 175 
ILE CA   C N S 176 
ILE C    C N N 177 
ILE O    O N N 178 
ILE CB   C N S 179 
ILE CG1  C N N 180 
ILE CG2  C N N 181 
ILE CD1  C N N 182 
ILE OXT  O N N 183 
ILE H    H N N 184 
ILE H2   H N N 185 
ILE HA   H N N 186 
ILE HB   H N N 187 
ILE HG12 H N N 188 
ILE HG13 H N N 189 
ILE HG21 H N N 190 
ILE HG22 H N N 191 
ILE HG23 H N N 192 
ILE HD11 H N N 193 
ILE HD12 H N N 194 
ILE HD13 H N N 195 
ILE HXT  H N N 196 
LEU N    N N N 197 
LEU CA   C N S 198 
LEU C    C N N 199 
LEU O    O N N 200 
LEU CB   C N N 201 
LEU CG   C N N 202 
LEU CD1  C N N 203 
LEU CD2  C N N 204 
LEU OXT  O N N 205 
LEU H    H N N 206 
LEU H2   H N N 207 
LEU HA   H N N 208 
LEU HB2  H N N 209 
LEU HB3  H N N 210 
LEU HG   H N N 211 
LEU HD11 H N N 212 
LEU HD12 H N N 213 
LEU HD13 H N N 214 
LEU HD21 H N N 215 
LEU HD22 H N N 216 
LEU HD23 H N N 217 
LEU HXT  H N N 218 
LYS N    N N N 219 
LYS CA   C N S 220 
LYS C    C N N 221 
LYS O    O N N 222 
LYS CB   C N N 223 
LYS CG   C N N 224 
LYS CD   C N N 225 
LYS CE   C N N 226 
LYS NZ   N N N 227 
LYS OXT  O N N 228 
LYS H    H N N 229 
LYS H2   H N N 230 
LYS HA   H N N 231 
LYS HB2  H N N 232 
LYS HB3  H N N 233 
LYS HG2  H N N 234 
LYS HG3  H N N 235 
LYS HD2  H N N 236 
LYS HD3  H N N 237 
LYS HE2  H N N 238 
LYS HE3  H N N 239 
LYS HZ1  H N N 240 
LYS HZ2  H N N 241 
LYS HZ3  H N N 242 
LYS HXT  H N N 243 
MET N    N N N 244 
MET CA   C N S 245 
MET C    C N N 246 
MET O    O N N 247 
MET CB   C N N 248 
MET CG   C N N 249 
MET SD   S N N 250 
MET CE   C N N 251 
MET OXT  O N N 252 
MET H    H N N 253 
MET H2   H N N 254 
MET HA   H N N 255 
MET HB2  H N N 256 
MET HB3  H N N 257 
MET HG2  H N N 258 
MET HG3  H N N 259 
MET HE1  H N N 260 
MET HE2  H N N 261 
MET HE3  H N N 262 
MET HXT  H N N 263 
PHE N    N N N 264 
PHE CA   C N S 265 
PHE C    C N N 266 
PHE O    O N N 267 
PHE CB   C N N 268 
PHE CG   C Y N 269 
PHE CD1  C Y N 270 
PHE CD2  C Y N 271 
PHE CE1  C Y N 272 
PHE CE2  C Y N 273 
PHE CZ   C Y N 274 
PHE OXT  O N N 275 
PHE H    H N N 276 
PHE H2   H N N 277 
PHE HA   H N N 278 
PHE HB2  H N N 279 
PHE HB3  H N N 280 
PHE HD1  H N N 281 
PHE HD2  H N N 282 
PHE HE1  H N N 283 
PHE HE2  H N N 284 
PHE HZ   H N N 285 
PHE HXT  H N N 286 
PRO N    N N N 287 
PRO CA   C N S 288 
PRO C    C N N 289 
PRO O    O N N 290 
PRO CB   C N N 291 
PRO CG   C N N 292 
PRO CD   C N N 293 
PRO OXT  O N N 294 
PRO H    H N N 295 
PRO HA   H N N 296 
PRO HB2  H N N 297 
PRO HB3  H N N 298 
PRO HG2  H N N 299 
PRO HG3  H N N 300 
PRO HD2  H N N 301 
PRO HD3  H N N 302 
PRO HXT  H N N 303 
SER N    N N N 304 
SER CA   C N S 305 
SER C    C N N 306 
SER O    O N N 307 
SER CB   C N N 308 
SER OG   O N N 309 
SER OXT  O N N 310 
SER H    H N N 311 
SER H2   H N N 312 
SER HA   H N N 313 
SER HB2  H N N 314 
SER HB3  H N N 315 
SER HG   H N N 316 
SER HXT  H N N 317 
THR N    N N N 318 
THR CA   C N S 319 
THR C    C N N 320 
THR O    O N N 321 
THR CB   C N R 322 
THR OG1  O N N 323 
THR CG2  C N N 324 
THR OXT  O N N 325 
THR H    H N N 326 
THR H2   H N N 327 
THR HA   H N N 328 
THR HB   H N N 329 
THR HG1  H N N 330 
THR HG21 H N N 331 
THR HG22 H N N 332 
THR HG23 H N N 333 
THR HXT  H N N 334 
TRP N    N N N 335 
TRP CA   C N S 336 
TRP C    C N N 337 
TRP O    O N N 338 
TRP CB   C N N 339 
TRP CG   C Y N 340 
TRP CD1  C Y N 341 
TRP CD2  C Y N 342 
TRP NE1  N Y N 343 
TRP CE2  C Y N 344 
TRP CE3  C Y N 345 
TRP CZ2  C Y N 346 
TRP CZ3  C Y N 347 
TRP CH2  C Y N 348 
TRP OXT  O N N 349 
TRP H    H N N 350 
TRP H2   H N N 351 
TRP HA   H N N 352 
TRP HB2  H N N 353 
TRP HB3  H N N 354 
TRP HD1  H N N 355 
TRP HE1  H N N 356 
TRP HE3  H N N 357 
TRP HZ2  H N N 358 
TRP HZ3  H N N 359 
TRP HH2  H N N 360 
TRP HXT  H N N 361 
TYR N    N N N 362 
TYR CA   C N S 363 
TYR C    C N N 364 
TYR O    O N N 365 
TYR CB   C N N 366 
TYR CG   C Y N 367 
TYR CD1  C Y N 368 
TYR CD2  C Y N 369 
TYR CE1  C Y N 370 
TYR CE2  C Y N 371 
TYR CZ   C Y N 372 
TYR OH   O N N 373 
TYR OXT  O N N 374 
TYR H    H N N 375 
TYR H2   H N N 376 
TYR HA   H N N 377 
TYR HB2  H N N 378 
TYR HB3  H N N 379 
TYR HD1  H N N 380 
TYR HD2  H N N 381 
TYR HE1  H N N 382 
TYR HE2  H N N 383 
TYR HH   H N N 384 
TYR HXT  H N N 385 
VAL N    N N N 386 
VAL CA   C N S 387 
VAL C    C N N 388 
VAL O    O N N 389 
VAL CB   C N N 390 
VAL CG1  C N N 391 
VAL CG2  C N N 392 
VAL OXT  O N N 393 
VAL H    H N N 394 
VAL H2   H N N 395 
VAL HA   H N N 396 
VAL HB   H N N 397 
VAL HG11 H N N 398 
VAL HG12 H N N 399 
VAL HG13 H N N 400 
VAL HG21 H N N 401 
VAL HG22 H N N 402 
VAL HG23 H N N 403 
VAL HXT  H N N 404 
# 
loop_
_chem_comp_bond.comp_id 
_chem_comp_bond.atom_id_1 
_chem_comp_bond.atom_id_2 
_chem_comp_bond.value_order 
_chem_comp_bond.pdbx_aromatic_flag 
_chem_comp_bond.pdbx_stereo_config 
_chem_comp_bond.pdbx_ordinal 
ALA N   CA   sing N N 1   
ALA N   H    sing N N 2   
ALA N   H2   sing N N 3   
ALA CA  C    sing N N 4   
ALA CA  CB   sing N N 5   
ALA CA  HA   sing N N 6   
ALA C   O    doub N N 7   
ALA C   OXT  sing N N 8   
ALA CB  HB1  sing N N 9   
ALA CB  HB2  sing N N 10  
ALA CB  HB3  sing N N 11  
ALA OXT HXT  sing N N 12  
ARG N   CA   sing N N 13  
ARG N   H    sing N N 14  
ARG N   H2   sing N N 15  
ARG CA  C    sing N N 16  
ARG CA  CB   sing N N 17  
ARG CA  HA   sing N N 18  
ARG C   O    doub N N 19  
ARG C   OXT  sing N N 20  
ARG CB  CG   sing N N 21  
ARG CB  HB2  sing N N 22  
ARG CB  HB3  sing N N 23  
ARG CG  CD   sing N N 24  
ARG CG  HG2  sing N N 25  
ARG CG  HG3  sing N N 26  
ARG CD  NE   sing N N 27  
ARG CD  HD2  sing N N 28  
ARG CD  HD3  sing N N 29  
ARG NE  CZ   sing N N 30  
ARG NE  HE   sing N N 31  
ARG CZ  NH1  sing N N 32  
ARG CZ  NH2  doub N N 33  
ARG NH1 HH11 sing N N 34  
ARG NH1 HH12 sing N N 35  
ARG NH2 HH21 sing N N 36  
ARG NH2 HH22 sing N N 37  
ARG OXT HXT  sing N N 38  
ASN N   CA   sing N N 39  
ASN N   H    sing N N 40  
ASN N   H2   sing N N 41  
ASN CA  C    sing N N 42  
ASN CA  CB   sing N N 43  
ASN CA  HA   sing N N 44  
ASN C   O    doub N N 45  
ASN C   OXT  sing N N 46  
ASN CB  CG   sing N N 47  
ASN CB  HB2  sing N N 48  
ASN CB  HB3  sing N N 49  
ASN CG  OD1  doub N N 50  
ASN CG  ND2  sing N N 51  
ASN ND2 HD21 sing N N 52  
ASN ND2 HD22 sing N N 53  
ASN OXT HXT  sing N N 54  
ASP N   CA   sing N N 55  
ASP N   H    sing N N 56  
ASP N   H2   sing N N 57  
ASP CA  C    sing N N 58  
ASP CA  CB   sing N N 59  
ASP CA  HA   sing N N 60  
ASP C   O    doub N N 61  
ASP C   OXT  sing N N 62  
ASP CB  CG   sing N N 63  
ASP CB  HB2  sing N N 64  
ASP CB  HB3  sing N N 65  
ASP CG  OD1  doub N N 66  
ASP CG  OD2  sing N N 67  
ASP OD2 HD2  sing N N 68  
ASP OXT HXT  sing N N 69  
CYS N   CA   sing N N 70  
CYS N   H    sing N N 71  
CYS N   H2   sing N N 72  
CYS CA  C    sing N N 73  
CYS CA  CB   sing N N 74  
CYS CA  HA   sing N N 75  
CYS C   O    doub N N 76  
CYS C   OXT  sing N N 77  
CYS CB  SG   sing N N 78  
CYS CB  HB2  sing N N 79  
CYS CB  HB3  sing N N 80  
CYS SG  HG   sing N N 81  
CYS OXT HXT  sing N N 82  
GLN N   CA   sing N N 83  
GLN N   H    sing N N 84  
GLN N   H2   sing N N 85  
GLN CA  C    sing N N 86  
GLN CA  CB   sing N N 87  
GLN CA  HA   sing N N 88  
GLN C   O    doub N N 89  
GLN C   OXT  sing N N 90  
GLN CB  CG   sing N N 91  
GLN CB  HB2  sing N N 92  
GLN CB  HB3  sing N N 93  
GLN CG  CD   sing N N 94  
GLN CG  HG2  sing N N 95  
GLN CG  HG3  sing N N 96  
GLN CD  OE1  doub N N 97  
GLN CD  NE2  sing N N 98  
GLN NE2 HE21 sing N N 99  
GLN NE2 HE22 sing N N 100 
GLN OXT HXT  sing N N 101 
GLU N   CA   sing N N 102 
GLU N   H    sing N N 103 
GLU N   H2   sing N N 104 
GLU CA  C    sing N N 105 
GLU CA  CB   sing N N 106 
GLU CA  HA   sing N N 107 
GLU C   O    doub N N 108 
GLU C   OXT  sing N N 109 
GLU CB  CG   sing N N 110 
GLU CB  HB2  sing N N 111 
GLU CB  HB3  sing N N 112 
GLU CG  CD   sing N N 113 
GLU CG  HG2  sing N N 114 
GLU CG  HG3  sing N N 115 
GLU CD  OE1  doub N N 116 
GLU CD  OE2  sing N N 117 
GLU OE2 HE2  sing N N 118 
GLU OXT HXT  sing N N 119 
GLY N   CA   sing N N 120 
GLY N   H    sing N N 121 
GLY N   H2   sing N N 122 
GLY CA  C    sing N N 123 
GLY CA  HA2  sing N N 124 
GLY CA  HA3  sing N N 125 
GLY C   O    doub N N 126 
GLY C   OXT  sing N N 127 
GLY OXT HXT  sing N N 128 
GOL C1  O1   sing N N 129 
GOL C1  C2   sing N N 130 
GOL C1  H11  sing N N 131 
GOL C1  H12  sing N N 132 
GOL O1  HO1  sing N N 133 
GOL C2  O2   sing N N 134 
GOL C2  C3   sing N N 135 
GOL C2  H2   sing N N 136 
GOL O2  HO2  sing N N 137 
GOL C3  O3   sing N N 138 
GOL C3  H31  sing N N 139 
GOL C3  H32  sing N N 140 
GOL O3  HO3  sing N N 141 
HIS N   CA   sing N N 142 
HIS N   H    sing N N 143 
HIS N   H2   sing N N 144 
HIS CA  C    sing N N 145 
HIS CA  CB   sing N N 146 
HIS CA  HA   sing N N 147 
HIS C   O    doub N N 148 
HIS C   OXT  sing N N 149 
HIS CB  CG   sing N N 150 
HIS CB  HB2  sing N N 151 
HIS CB  HB3  sing N N 152 
HIS CG  ND1  sing Y N 153 
HIS CG  CD2  doub Y N 154 
HIS ND1 CE1  doub Y N 155 
HIS ND1 HD1  sing N N 156 
HIS CD2 NE2  sing Y N 157 
HIS CD2 HD2  sing N N 158 
HIS CE1 NE2  sing Y N 159 
HIS CE1 HE1  sing N N 160 
HIS NE2 HE2  sing N N 161 
HIS OXT HXT  sing N N 162 
HOH O   H1   sing N N 163 
HOH O   H2   sing N N 164 
ILE N   CA   sing N N 165 
ILE N   H    sing N N 166 
ILE N   H2   sing N N 167 
ILE CA  C    sing N N 168 
ILE CA  CB   sing N N 169 
ILE CA  HA   sing N N 170 
ILE C   O    doub N N 171 
ILE C   OXT  sing N N 172 
ILE CB  CG1  sing N N 173 
ILE CB  CG2  sing N N 174 
ILE CB  HB   sing N N 175 
ILE CG1 CD1  sing N N 176 
ILE CG1 HG12 sing N N 177 
ILE CG1 HG13 sing N N 178 
ILE CG2 HG21 sing N N 179 
ILE CG2 HG22 sing N N 180 
ILE CG2 HG23 sing N N 181 
ILE CD1 HD11 sing N N 182 
ILE CD1 HD12 sing N N 183 
ILE CD1 HD13 sing N N 184 
ILE OXT HXT  sing N N 185 
LEU N   CA   sing N N 186 
LEU N   H    sing N N 187 
LEU N   H2   sing N N 188 
LEU CA  C    sing N N 189 
LEU CA  CB   sing N N 190 
LEU CA  HA   sing N N 191 
LEU C   O    doub N N 192 
LEU C   OXT  sing N N 193 
LEU CB  CG   sing N N 194 
LEU CB  HB2  sing N N 195 
LEU CB  HB3  sing N N 196 
LEU CG  CD1  sing N N 197 
LEU CG  CD2  sing N N 198 
LEU CG  HG   sing N N 199 
LEU CD1 HD11 sing N N 200 
LEU CD1 HD12 sing N N 201 
LEU CD1 HD13 sing N N 202 
LEU CD2 HD21 sing N N 203 
LEU CD2 HD22 sing N N 204 
LEU CD2 HD23 sing N N 205 
LEU OXT HXT  sing N N 206 
LYS N   CA   sing N N 207 
LYS N   H    sing N N 208 
LYS N   H2   sing N N 209 
LYS CA  C    sing N N 210 
LYS CA  CB   sing N N 211 
LYS CA  HA   sing N N 212 
LYS C   O    doub N N 213 
LYS C   OXT  sing N N 214 
LYS CB  CG   sing N N 215 
LYS CB  HB2  sing N N 216 
LYS CB  HB3  sing N N 217 
LYS CG  CD   sing N N 218 
LYS CG  HG2  sing N N 219 
LYS CG  HG3  sing N N 220 
LYS CD  CE   sing N N 221 
LYS CD  HD2  sing N N 222 
LYS CD  HD3  sing N N 223 
LYS CE  NZ   sing N N 224 
LYS CE  HE2  sing N N 225 
LYS CE  HE3  sing N N 226 
LYS NZ  HZ1  sing N N 227 
LYS NZ  HZ2  sing N N 228 
LYS NZ  HZ3  sing N N 229 
LYS OXT HXT  sing N N 230 
MET N   CA   sing N N 231 
MET N   H    sing N N 232 
MET N   H2   sing N N 233 
MET CA  C    sing N N 234 
MET CA  CB   sing N N 235 
MET CA  HA   sing N N 236 
MET C   O    doub N N 237 
MET C   OXT  sing N N 238 
MET CB  CG   sing N N 239 
MET CB  HB2  sing N N 240 
MET CB  HB3  sing N N 241 
MET CG  SD   sing N N 242 
MET CG  HG2  sing N N 243 
MET CG  HG3  sing N N 244 
MET SD  CE   sing N N 245 
MET CE  HE1  sing N N 246 
MET CE  HE2  sing N N 247 
MET CE  HE3  sing N N 248 
MET OXT HXT  sing N N 249 
PHE N   CA   sing N N 250 
PHE N   H    sing N N 251 
PHE N   H2   sing N N 252 
PHE CA  C    sing N N 253 
PHE CA  CB   sing N N 254 
PHE CA  HA   sing N N 255 
PHE C   O    doub N N 256 
PHE C   OXT  sing N N 257 
PHE CB  CG   sing N N 258 
PHE CB  HB2  sing N N 259 
PHE CB  HB3  sing N N 260 
PHE CG  CD1  doub Y N 261 
PHE CG  CD2  sing Y N 262 
PHE CD1 CE1  sing Y N 263 
PHE CD1 HD1  sing N N 264 
PHE CD2 CE2  doub Y N 265 
PHE CD2 HD2  sing N N 266 
PHE CE1 CZ   doub Y N 267 
PHE CE1 HE1  sing N N 268 
PHE CE2 CZ   sing Y N 269 
PHE CE2 HE2  sing N N 270 
PHE CZ  HZ   sing N N 271 
PHE OXT HXT  sing N N 272 
PRO N   CA   sing N N 273 
PRO N   CD   sing N N 274 
PRO N   H    sing N N 275 
PRO CA  C    sing N N 276 
PRO CA  CB   sing N N 277 
PRO CA  HA   sing N N 278 
PRO C   O    doub N N 279 
PRO C   OXT  sing N N 280 
PRO CB  CG   sing N N 281 
PRO CB  HB2  sing N N 282 
PRO CB  HB3  sing N N 283 
PRO CG  CD   sing N N 284 
PRO CG  HG2  sing N N 285 
PRO CG  HG3  sing N N 286 
PRO CD  HD2  sing N N 287 
PRO CD  HD3  sing N N 288 
PRO OXT HXT  sing N N 289 
SER N   CA   sing N N 290 
SER N   H    sing N N 291 
SER N   H2   sing N N 292 
SER CA  C    sing N N 293 
SER CA  CB   sing N N 294 
SER CA  HA   sing N N 295 
SER C   O    doub N N 296 
SER C   OXT  sing N N 297 
SER CB  OG   sing N N 298 
SER CB  HB2  sing N N 299 
SER CB  HB3  sing N N 300 
SER OG  HG   sing N N 301 
SER OXT HXT  sing N N 302 
THR N   CA   sing N N 303 
THR N   H    sing N N 304 
THR N   H2   sing N N 305 
THR CA  C    sing N N 306 
THR CA  CB   sing N N 307 
THR CA  HA   sing N N 308 
THR C   O    doub N N 309 
THR C   OXT  sing N N 310 
THR CB  OG1  sing N N 311 
THR CB  CG2  sing N N 312 
THR CB  HB   sing N N 313 
THR OG1 HG1  sing N N 314 
THR CG2 HG21 sing N N 315 
THR CG2 HG22 sing N N 316 
THR CG2 HG23 sing N N 317 
THR OXT HXT  sing N N 318 
TRP N   CA   sing N N 319 
TRP N   H    sing N N 320 
TRP N   H2   sing N N 321 
TRP CA  C    sing N N 322 
TRP CA  CB   sing N N 323 
TRP CA  HA   sing N N 324 
TRP C   O    doub N N 325 
TRP C   OXT  sing N N 326 
TRP CB  CG   sing N N 327 
TRP CB  HB2  sing N N 328 
TRP CB  HB3  sing N N 329 
TRP CG  CD1  doub Y N 330 
TRP CG  CD2  sing Y N 331 
TRP CD1 NE1  sing Y N 332 
TRP CD1 HD1  sing N N 333 
TRP CD2 CE2  doub Y N 334 
TRP CD2 CE3  sing Y N 335 
TRP NE1 CE2  sing Y N 336 
TRP NE1 HE1  sing N N 337 
TRP CE2 CZ2  sing Y N 338 
TRP CE3 CZ3  doub Y N 339 
TRP CE3 HE3  sing N N 340 
TRP CZ2 CH2  doub Y N 341 
TRP CZ2 HZ2  sing N N 342 
TRP CZ3 CH2  sing Y N 343 
TRP CZ3 HZ3  sing N N 344 
TRP CH2 HH2  sing N N 345 
TRP OXT HXT  sing N N 346 
TYR N   CA   sing N N 347 
TYR N   H    sing N N 348 
TYR N   H2   sing N N 349 
TYR CA  C    sing N N 350 
TYR CA  CB   sing N N 351 
TYR CA  HA   sing N N 352 
TYR C   O    doub N N 353 
TYR C   OXT  sing N N 354 
TYR CB  CG   sing N N 355 
TYR CB  HB2  sing N N 356 
TYR CB  HB3  sing N N 357 
TYR CG  CD1  doub Y N 358 
TYR CG  CD2  sing Y N 359 
TYR CD1 CE1  sing Y N 360 
TYR CD1 HD1  sing N N 361 
TYR CD2 CE2  doub Y N 362 
TYR CD2 HD2  sing N N 363 
TYR CE1 CZ   doub Y N 364 
TYR CE1 HE1  sing N N 365 
TYR CE2 CZ   sing Y N 366 
TYR CE2 HE2  sing N N 367 
TYR CZ  OH   sing N N 368 
TYR OH  HH   sing N N 369 
TYR OXT HXT  sing N N 370 
VAL N   CA   sing N N 371 
VAL N   H    sing N N 372 
VAL N   H2   sing N N 373 
VAL CA  C    sing N N 374 
VAL CA  CB   sing N N 375 
VAL CA  HA   sing N N 376 
VAL C   O    doub N N 377 
VAL C   OXT  sing N N 378 
VAL CB  CG1  sing N N 379 
VAL CB  CG2  sing N N 380 
VAL CB  HB   sing N N 381 
VAL CG1 HG11 sing N N 382 
VAL CG1 HG12 sing N N 383 
VAL CG1 HG13 sing N N 384 
VAL CG2 HG21 sing N N 385 
VAL CG2 HG22 sing N N 386 
VAL CG2 HG23 sing N N 387 
VAL OXT HXT  sing N N 388 
# 
loop_
_pdbx_entity_nonpoly.entity_id 
_pdbx_entity_nonpoly.name 
_pdbx_entity_nonpoly.comp_id 
2 GLYCEROL GOL 
3 water    HOH 
# 
_pdbx_initial_refinement_model.id               1 
_pdbx_initial_refinement_model.entity_id_list   ? 
_pdbx_initial_refinement_model.type             'experimental model' 
_pdbx_initial_refinement_model.source_name      PDB 
_pdbx_initial_refinement_model.accession_code   3C0D 
_pdbx_initial_refinement_model.details          'PDB ENTRY 3C0D' 
# 
